data_6NB1
#
_entry.id   6NB1
#
_cell.length_a   190.985
_cell.length_b   101.094
_cell.length_c   155.194
_cell.angle_alpha   90.00
_cell.angle_beta   98.29
_cell.angle_gamma   90.00
#
_symmetry.space_group_name_H-M   'C 1 2 1'
#
loop_
_entity.id
_entity.type
_entity.pdbx_description
1 polymer 'ATP-dependent Clp protease proteolytic subunit'
2 non-polymer N-{2-[(2-chlorophenyl)sulfanyl]ethyl}-2-methyl-2-{[5-(trifluoromethyl)pyridin-2-yl]sulfonyl}propanamide
3 non-polymer GLYCEROL
4 water water
#
_entity_poly.entity_id   1
_entity_poly.type   'polypeptide(L)'
_entity_poly.pdbx_seq_one_letter_code
;MSYSGERDNFAPHMALVPMVIEQTSRGERSFDIYSRLLKERVIFLTGQVEDHMANLIVAQMLFLEAENPEKDIYLYINSP
GGVITAGMSIYDTMQFIKPDVSTICMGQAASMGAFLLTAGAKGKRFCLPNSRVMIHQPLGGYQGQATDIEIHAREILKVK
GRMNELMALHTGQSLEQIERDTERDRFLSAPEAVEYGLVDSILTHRN
;
_entity_poly.pdbx_strand_id   A,B,C,D,E,F,G,H,I,J,K,L,M,N
#
# COMPACT_ATOMS: atom_id res chain seq x y z
N ALA A 15 -1.89 24.37 -14.43
CA ALA A 15 -1.50 23.35 -15.40
C ALA A 15 -2.26 23.52 -16.72
N LEU A 16 -3.25 24.41 -16.71
CA LEU A 16 -4.08 24.63 -17.90
C LEU A 16 -3.26 25.28 -19.01
N VAL A 17 -3.65 24.98 -20.24
CA VAL A 17 -3.01 25.56 -21.40
C VAL A 17 -3.68 26.90 -21.74
N PRO A 18 -2.85 27.94 -21.84
CA PRO A 18 -3.29 29.29 -22.21
C PRO A 18 -4.03 29.30 -23.54
N MET A 19 -5.12 30.06 -23.56
CA MET A 19 -5.94 30.27 -24.74
C MET A 19 -5.72 31.67 -25.28
N VAL A 20 -6.20 31.92 -26.49
CA VAL A 20 -6.30 33.29 -26.98
C VAL A 20 -7.61 33.49 -27.74
N ILE A 21 -8.25 34.64 -27.53
CA ILE A 21 -9.47 35.01 -28.24
C ILE A 21 -9.09 35.97 -29.36
N GLU A 22 -9.80 35.90 -30.49
CA GLU A 22 -9.50 36.76 -31.64
C GLU A 22 -10.77 37.23 -32.36
N GLU A 28 -16.09 36.26 -32.17
CA GLU A 28 -14.82 35.78 -31.64
C GLU A 28 -14.61 34.28 -31.87
N ARG A 29 -13.38 33.83 -31.62
CA ARG A 29 -12.98 32.43 -31.74
C ARG A 29 -11.86 32.17 -30.74
N SER A 30 -11.43 30.92 -30.58
CA SER A 30 -10.31 30.66 -29.68
C SER A 30 -9.47 29.44 -30.05
N PHE A 31 -8.28 29.38 -29.47
CA PHE A 31 -7.34 28.29 -29.65
C PHE A 31 -6.27 28.32 -28.55
N ASP A 32 -5.78 27.14 -28.17
CA ASP A 32 -4.68 27.04 -27.22
C ASP A 32 -3.37 27.43 -27.89
N ILE A 33 -2.41 27.91 -27.10
CA ILE A 33 -1.17 28.42 -27.68
C ILE A 33 -0.43 27.35 -28.48
N TYR A 34 -0.54 26.09 -28.09
CA TYR A 34 0.16 25.02 -28.83
C TYR A 34 -0.45 24.83 -30.23
N SER A 35 -1.76 24.88 -30.32
CA SER A 35 -2.44 24.82 -31.61
C SER A 35 -2.07 26.05 -32.45
N ARG A 36 -1.91 27.19 -31.79
CA ARG A 36 -1.49 28.42 -32.46
C ARG A 36 -0.09 28.28 -33.07
N LEU A 37 0.82 27.72 -32.28
CA LEU A 37 2.20 27.56 -32.71
C LEU A 37 2.26 26.48 -33.79
N LEU A 38 1.35 25.52 -33.70
CA LEU A 38 1.27 24.48 -34.71
C LEU A 38 0.92 25.07 -36.06
N LYS A 39 0.07 26.10 -36.06
CA LYS A 39 -0.34 26.72 -37.32
C LYS A 39 0.86 27.46 -37.91
N GLU A 40 1.88 27.67 -37.08
CA GLU A 40 3.10 28.31 -37.53
C GLU A 40 4.20 27.29 -37.71
N ARG A 41 3.78 26.03 -37.86
CA ARG A 41 4.64 24.90 -38.18
C ARG A 41 5.69 24.60 -37.09
N VAL A 42 5.32 24.86 -35.85
CA VAL A 42 6.17 24.52 -34.71
C VAL A 42 5.57 23.33 -33.96
N ILE A 43 6.40 22.31 -33.75
CA ILE A 43 6.00 21.11 -32.99
C ILE A 43 6.94 20.94 -31.80
N PHE A 44 6.37 20.57 -30.65
CA PHE A 44 7.17 20.34 -29.46
C PHE A 44 7.24 18.86 -29.15
N LEU A 45 8.46 18.36 -29.02
CA LEU A 45 8.72 17.02 -28.47
C LEU A 45 9.28 17.24 -27.08
N THR A 46 8.50 16.90 -26.05
CA THR A 46 8.89 17.20 -24.68
C THR A 46 8.71 15.99 -23.77
N GLY A 47 9.74 15.68 -22.99
CA GLY A 47 9.69 14.57 -22.05
C GLY A 47 10.03 13.24 -22.68
N GLN A 48 9.72 12.16 -21.99
CA GLN A 48 10.10 10.83 -22.45
C GLN A 48 9.40 10.43 -23.75
N VAL A 49 10.15 9.80 -24.64
CA VAL A 49 9.61 9.32 -25.90
C VAL A 49 8.91 7.99 -25.68
N GLU A 50 7.62 7.96 -26.02
CA GLU A 50 6.84 6.73 -25.93
C GLU A 50 5.77 6.81 -27.01
N ASP A 51 5.10 5.68 -27.28
CA ASP A 51 4.23 5.53 -28.46
C ASP A 51 3.18 6.65 -28.68
N HIS A 52 2.47 7.04 -27.63
CA HIS A 52 1.35 7.95 -27.81
C HIS A 52 1.78 9.38 -28.04
N MET A 53 2.76 9.88 -27.28
CA MET A 53 3.27 11.22 -27.55
C MET A 53 3.97 11.24 -28.91
N ALA A 54 4.57 10.11 -29.28
CA ALA A 54 5.26 10.01 -30.57
C ALA A 54 4.23 10.03 -31.68
N ASN A 55 3.11 9.33 -31.49
CA ASN A 55 2.05 9.34 -32.49
C ASN A 55 1.53 10.78 -32.69
N LEU A 56 1.38 11.54 -31.60
CA LEU A 56 0.91 12.93 -31.69
C LEU A 56 1.85 13.79 -32.53
N ILE A 57 3.15 13.56 -32.35
CA ILE A 57 4.15 14.26 -33.14
C ILE A 57 4.05 13.83 -34.62
N VAL A 58 3.91 12.53 -34.87
CA VAL A 58 3.76 12.04 -36.23
C VAL A 58 2.56 12.68 -36.92
N ALA A 59 1.44 12.71 -36.21
CA ALA A 59 0.20 13.27 -36.73
C ALA A 59 0.33 14.75 -37.06
N GLN A 60 1.02 15.50 -36.20
CA GLN A 60 1.27 16.92 -36.47
C GLN A 60 2.14 17.09 -37.71
N MET A 61 3.14 16.23 -37.86
CA MET A 61 4.02 16.32 -39.04
C MET A 61 3.24 16.04 -40.31
N LEU A 62 2.36 15.06 -40.27
CA LEU A 62 1.51 14.69 -41.41
C LEU A 62 0.60 15.84 -41.77
N PHE A 63 -0.01 16.41 -40.74
CA PHE A 63 -0.89 17.55 -40.90
C PHE A 63 -0.16 18.72 -41.54
N LEU A 64 1.06 19.00 -41.09
CA LEU A 64 1.82 20.13 -41.64
C LEU A 64 2.27 19.91 -43.09
N GLU A 65 2.72 18.70 -43.40
CA GLU A 65 3.17 18.34 -44.76
C GLU A 65 2.05 18.69 -45.72
N ALA A 66 0.87 18.42 -45.22
CA ALA A 66 -0.38 18.69 -45.87
C ALA A 66 -0.73 20.12 -46.22
N GLU A 67 -0.72 20.93 -45.17
CA GLU A 67 -1.13 22.31 -45.26
C GLU A 67 -0.19 22.97 -46.24
N ASN A 68 1.04 22.46 -46.28
CA ASN A 68 2.03 22.97 -47.19
C ASN A 68 3.26 22.07 -47.22
N PRO A 69 3.36 21.24 -48.26
CA PRO A 69 4.46 20.26 -48.39
C PRO A 69 5.81 20.88 -48.69
N GLU A 70 5.88 22.20 -48.93
CA GLU A 70 7.14 22.84 -49.29
C GLU A 70 7.83 23.57 -48.13
N LYS A 71 7.03 24.04 -47.18
CA LYS A 71 7.60 24.87 -46.11
C LYS A 71 8.17 24.05 -44.93
N ASP A 72 9.26 24.56 -44.36
CA ASP A 72 9.91 23.87 -43.26
C ASP A 72 9.01 23.64 -42.04
N ILE A 73 9.31 22.58 -41.30
CA ILE A 73 8.68 22.26 -40.02
C ILE A 73 9.74 22.43 -38.94
N TYR A 74 9.38 22.99 -37.79
CA TYR A 74 10.34 23.20 -36.71
C TYR A 74 9.99 22.33 -35.50
N LEU A 75 10.87 21.41 -35.16
CA LEU A 75 10.68 20.49 -34.05
C LEU A 75 11.60 20.86 -32.90
N TYR A 76 11.05 21.47 -31.85
CA TYR A 76 11.82 21.72 -30.63
C TYR A 76 11.96 20.42 -29.83
N ILE A 77 13.15 20.13 -29.34
CA ILE A 77 13.35 18.87 -28.64
C ILE A 77 13.87 19.15 -27.23
N ASN A 78 13.15 18.68 -26.21
CA ASN A 78 13.60 18.71 -24.83
C ASN A 78 13.23 17.39 -24.18
N SER A 79 14.16 16.45 -24.19
CA SER A 79 13.82 15.07 -23.86
C SER A 79 14.99 14.31 -23.28
N PRO A 80 14.72 13.46 -22.28
CA PRO A 80 15.74 12.60 -21.70
C PRO A 80 15.91 11.31 -22.51
N GLY A 81 15.09 11.12 -23.53
CA GLY A 81 15.15 9.89 -24.30
C GLY A 81 13.88 9.06 -24.18
N GLY A 82 13.99 7.76 -24.43
CA GLY A 82 12.81 6.92 -24.32
C GLY A 82 12.84 5.68 -25.17
N VAL A 83 11.64 5.23 -25.54
CA VAL A 83 11.48 3.96 -26.24
C VAL A 83 11.95 4.07 -27.68
N ILE A 84 12.82 3.15 -28.08
CA ILE A 84 13.44 3.26 -29.39
C ILE A 84 12.42 3.14 -30.53
N THR A 85 11.56 2.12 -30.50
CA THR A 85 10.61 1.94 -31.59
C THR A 85 9.68 3.15 -31.72
N ALA A 86 9.26 3.73 -30.59
CA ALA A 86 8.46 4.95 -30.61
C ALA A 86 9.22 6.10 -31.29
N GLY A 87 10.50 6.24 -30.94
CA GLY A 87 11.35 7.25 -31.55
C GLY A 87 11.51 6.99 -33.04
N MET A 88 11.63 5.73 -33.44
CA MET A 88 11.84 5.42 -34.85
C MET A 88 10.61 5.73 -35.69
N SER A 89 9.42 5.72 -35.08
CA SER A 89 8.21 6.10 -35.79
C SER A 89 8.32 7.58 -36.15
N ILE A 90 8.90 8.38 -35.25
CA ILE A 90 9.15 9.79 -35.54
C ILE A 90 10.27 9.92 -36.60
N TYR A 91 11.37 9.18 -36.40
CA TYR A 91 12.52 9.27 -37.31
C TYR A 91 12.12 9.08 -38.76
N ASP A 92 11.42 7.99 -39.04
CA ASP A 92 11.02 7.63 -40.39
C ASP A 92 10.01 8.61 -40.96
N THR A 93 9.15 9.17 -40.09
CA THR A 93 8.21 10.17 -40.57
C THR A 93 8.97 11.42 -41.00
N MET A 94 9.96 11.83 -40.19
CA MET A 94 10.81 12.98 -40.52
C MET A 94 11.49 12.81 -41.88
N GLN A 95 11.94 11.59 -42.14
CA GLN A 95 12.65 11.24 -43.37
C GLN A 95 11.67 11.11 -44.55
N PHE A 96 10.48 10.58 -44.30
CA PHE A 96 9.53 10.33 -45.37
C PHE A 96 8.87 11.58 -45.92
N ILE A 97 8.39 12.45 -45.04
CA ILE A 97 7.62 13.61 -45.48
C ILE A 97 8.41 14.56 -46.35
N LYS A 98 7.70 15.29 -47.19
CA LYS A 98 8.38 16.16 -48.13
C LYS A 98 9.06 17.38 -47.48
N PRO A 99 8.38 18.09 -46.55
CA PRO A 99 9.07 19.24 -45.97
C PRO A 99 10.29 18.87 -45.16
N ASP A 100 11.28 19.75 -45.14
CA ASP A 100 12.41 19.63 -44.22
C ASP A 100 11.96 19.78 -42.77
N VAL A 101 12.51 18.95 -41.89
CA VAL A 101 12.27 19.10 -40.46
C VAL A 101 13.51 19.67 -39.78
N SER A 102 13.44 20.94 -39.41
CA SER A 102 14.50 21.59 -38.66
C SER A 102 14.34 21.21 -37.19
N THR A 103 15.43 20.84 -36.53
CA THR A 103 15.38 20.43 -35.13
C THR A 103 16.07 21.44 -34.25
N ILE A 104 15.48 21.69 -33.09
CA ILE A 104 16.04 22.68 -32.18
C ILE A 104 16.06 22.11 -30.76
N CYS A 105 17.26 21.96 -30.20
CA CYS A 105 17.38 21.44 -28.85
C CYS A 105 17.33 22.55 -27.81
N MET A 106 16.38 22.45 -26.88
CA MET A 106 16.32 23.34 -25.73
C MET A 106 16.28 22.48 -24.47
N GLY A 107 17.06 22.85 -23.47
CA GLY A 107 17.16 22.08 -22.26
C GLY A 107 18.13 20.92 -22.45
N GLN A 108 17.61 19.80 -22.98
CA GLN A 108 18.46 18.65 -23.27
C GLN A 108 17.89 17.79 -24.37
N ALA A 109 18.78 17.05 -25.01
CA ALA A 109 18.37 16.00 -25.94
C ALA A 109 19.24 14.82 -25.61
N ALA A 110 18.66 13.85 -24.91
CA ALA A 110 19.45 12.72 -24.47
C ALA A 110 18.91 11.44 -25.12
N SER A 111 19.82 10.49 -25.37
CA SER A 111 19.47 9.20 -25.98
C SER A 111 18.64 9.40 -27.25
N MET A 112 17.44 8.81 -27.30
CA MET A 112 16.57 8.98 -28.46
C MET A 112 16.30 10.45 -28.78
N GLY A 113 16.33 11.31 -27.77
CA GLY A 113 16.18 12.73 -28.01
C GLY A 113 17.32 13.29 -28.85
N ALA A 114 18.54 12.87 -28.55
CA ALA A 114 19.70 13.30 -29.34
C ALA A 114 19.65 12.72 -30.74
N PHE A 115 19.16 11.49 -30.85
CA PHE A 115 19.03 10.82 -32.13
C PHE A 115 18.09 11.59 -33.06
N LEU A 116 16.92 11.94 -32.55
CA LEU A 116 15.95 12.66 -33.35
C LEU A 116 16.46 14.08 -33.67
N LEU A 117 17.22 14.69 -32.76
CA LEU A 117 17.85 16.00 -33.00
C LEU A 117 18.81 15.95 -34.21
N THR A 118 19.68 14.94 -34.22
CA THR A 118 20.70 14.84 -35.27
C THR A 118 20.07 14.36 -36.58
N ALA A 119 18.85 13.83 -36.51
CA ALA A 119 18.14 13.35 -37.69
C ALA A 119 17.47 14.48 -38.49
N GLY A 120 17.52 15.71 -37.97
CA GLY A 120 16.89 16.83 -38.65
C GLY A 120 17.55 17.16 -39.98
N ALA A 121 16.89 17.98 -40.79
CA ALA A 121 17.39 18.32 -42.13
C ALA A 121 18.80 18.91 -42.05
N LYS A 122 19.69 18.40 -42.91
CA LYS A 122 21.07 18.82 -42.98
C LYS A 122 21.16 20.34 -43.03
N GLY A 123 21.97 20.94 -42.17
CA GLY A 123 22.09 22.39 -42.12
C GLY A 123 21.05 23.10 -41.27
N LYS A 124 20.02 22.38 -40.85
CA LYS A 124 18.91 22.97 -40.11
C LYS A 124 18.71 22.35 -38.72
N ARG A 125 19.80 21.84 -38.15
CA ARG A 125 19.76 21.25 -36.81
C ARG A 125 20.49 22.17 -35.84
N PHE A 126 19.80 22.57 -34.78
CA PHE A 126 20.35 23.58 -33.88
C PHE A 126 20.30 23.16 -32.42
N CYS A 127 21.27 23.68 -31.66
CA CYS A 127 21.26 23.68 -30.20
C CYS A 127 21.11 25.11 -29.70
N LEU A 128 20.31 25.29 -28.65
CA LEU A 128 20.32 26.56 -27.92
C LEU A 128 21.61 26.54 -27.10
N PRO A 129 22.14 27.73 -26.74
CA PRO A 129 23.50 27.84 -26.19
C PRO A 129 23.76 27.03 -24.93
N ASN A 130 22.76 26.83 -24.08
CA ASN A 130 22.99 26.10 -22.84
C ASN A 130 22.27 24.77 -22.79
N SER A 131 21.91 24.24 -23.95
CA SER A 131 21.33 22.90 -23.99
C SER A 131 22.46 21.88 -23.89
N ARG A 132 22.13 20.65 -23.51
CA ARG A 132 23.17 19.64 -23.52
C ARG A 132 22.63 18.44 -24.24
N VAL A 133 23.55 17.66 -24.79
CA VAL A 133 23.20 16.50 -25.56
C VAL A 133 23.87 15.28 -24.90
N MET A 134 23.20 14.14 -24.93
CA MET A 134 23.83 12.93 -24.43
C MET A 134 23.55 11.76 -25.35
N ILE A 135 24.59 11.01 -25.67
CA ILE A 135 24.43 9.85 -26.53
C ILE A 135 24.97 8.60 -25.83
N HIS A 136 24.33 7.48 -26.10
CA HIS A 136 24.72 6.22 -25.54
C HIS A 136 24.07 5.04 -26.25
N GLN A 137 24.43 3.84 -25.89
CA GLN A 137 23.84 2.67 -26.51
C GLN A 137 22.47 2.31 -25.93
N PRO A 138 21.72 1.45 -26.62
CA PRO A 138 20.40 1.05 -26.10
C PRO A 138 20.46 0.33 -24.77
N LEU A 139 19.41 0.47 -23.98
CA LEU A 139 19.21 -0.34 -22.79
C LEU A 139 18.01 -1.20 -23.02
N GLY A 140 17.99 -2.35 -22.38
CA GLY A 140 16.83 -3.23 -22.51
C GLY A 140 16.79 -4.23 -21.38
N GLY A 141 15.93 -5.22 -21.52
CA GLY A 141 15.83 -6.23 -20.49
C GLY A 141 14.84 -7.30 -20.87
N TYR A 142 15.19 -8.55 -20.58
CA TYR A 142 14.26 -9.66 -20.83
C TYR A 142 14.31 -10.65 -19.69
N GLN A 143 13.28 -11.46 -19.64
CA GLN A 143 13.16 -12.45 -18.62
C GLN A 143 12.53 -13.67 -19.27
N GLY A 144 13.10 -14.85 -19.10
CA GLY A 144 12.48 -16.04 -19.67
C GLY A 144 13.47 -17.15 -19.93
N GLN A 145 13.09 -18.09 -20.80
CA GLN A 145 13.97 -19.21 -21.13
C GLN A 145 15.22 -18.77 -21.84
N ALA A 146 16.31 -19.52 -21.63
CA ALA A 146 17.56 -19.23 -22.30
C ALA A 146 17.40 -19.07 -23.83
N THR A 147 16.61 -19.94 -24.46
CA THR A 147 16.37 -19.82 -25.90
C THR A 147 15.77 -18.44 -26.27
N ASP A 148 14.78 -17.99 -25.50
CA ASP A 148 14.16 -16.70 -25.73
C ASP A 148 15.07 -15.53 -25.36
N ILE A 149 15.86 -15.72 -24.31
CA ILE A 149 16.86 -14.72 -23.96
C ILE A 149 17.81 -14.46 -25.13
N GLU A 150 18.23 -15.53 -25.80
CA GLU A 150 19.15 -15.38 -26.92
C GLU A 150 18.50 -14.60 -28.07
N ILE A 151 17.25 -14.90 -28.37
CA ILE A 151 16.49 -14.21 -29.42
C ILE A 151 16.39 -12.71 -29.12
N HIS A 152 16.08 -12.35 -27.87
CA HIS A 152 15.92 -10.94 -27.54
C HIS A 152 17.25 -10.21 -27.43
N ALA A 153 18.28 -10.92 -26.99
CA ALA A 153 19.61 -10.31 -26.98
C ALA A 153 20.09 -10.04 -28.40
N ARG A 154 19.87 -11.00 -29.30
CA ARG A 154 20.25 -10.86 -30.70
C ARG A 154 19.57 -9.64 -31.32
N GLU A 155 18.31 -9.47 -30.99
CA GLU A 155 17.52 -8.37 -31.52
C GLU A 155 18.01 -7.02 -31.01
N ILE A 156 18.27 -6.89 -29.71
CA ILE A 156 18.68 -5.56 -29.23
C ILE A 156 20.07 -5.24 -29.75
N LEU A 157 20.90 -6.25 -30.01
CA LEU A 157 22.20 -6.00 -30.64
C LEU A 157 22.03 -5.51 -32.09
N LYS A 158 21.05 -6.03 -32.82
CA LYS A 158 20.79 -5.56 -34.18
C LYS A 158 20.38 -4.08 -34.11
N VAL A 159 19.51 -3.77 -33.15
CA VAL A 159 19.02 -2.39 -32.96
C VAL A 159 20.18 -1.48 -32.65
N LYS A 160 21.06 -1.91 -31.74
CA LYS A 160 22.25 -1.14 -31.38
C LYS A 160 23.07 -0.82 -32.62
N GLY A 161 23.32 -1.83 -33.44
CA GLY A 161 24.04 -1.65 -34.68
C GLY A 161 23.37 -0.67 -35.64
N ARG A 162 22.06 -0.79 -35.80
CA ARG A 162 21.34 0.08 -36.73
C ARG A 162 21.41 1.55 -36.24
N MET A 163 21.24 1.76 -34.95
CA MET A 163 21.28 3.10 -34.39
C MET A 163 22.66 3.71 -34.60
N ASN A 164 23.70 2.90 -34.42
CA ASN A 164 25.05 3.41 -34.61
C ASN A 164 25.32 3.81 -36.08
N GLU A 165 24.81 3.02 -37.01
CA GLU A 165 24.93 3.33 -38.44
C GLU A 165 24.23 4.65 -38.78
N LEU A 166 23.01 4.82 -38.27
CA LEU A 166 22.24 6.03 -38.54
C LEU A 166 22.88 7.26 -37.90
N MET A 167 23.43 7.08 -36.71
CA MET A 167 24.13 8.15 -36.01
C MET A 167 25.37 8.57 -36.81
N ALA A 168 26.11 7.59 -37.32
CA ALA A 168 27.26 7.84 -38.19
C ALA A 168 26.87 8.64 -39.42
N LEU A 169 25.78 8.21 -40.05
CA LEU A 169 25.24 8.86 -41.23
C LEU A 169 24.96 10.36 -40.99
N HIS A 170 24.27 10.66 -39.91
CA HIS A 170 23.88 12.04 -39.66
C HIS A 170 25.01 12.90 -39.09
N THR A 171 25.95 12.30 -38.37
CA THR A 171 27.00 13.11 -37.76
C THR A 171 28.22 13.27 -38.67
N GLY A 172 28.45 12.31 -39.55
CA GLY A 172 29.64 12.34 -40.36
C GLY A 172 30.77 11.62 -39.66
N GLN A 173 30.51 11.13 -38.45
CA GLN A 173 31.50 10.33 -37.75
C GLN A 173 31.55 8.98 -38.41
N SER A 174 32.67 8.28 -38.26
CA SER A 174 32.73 6.91 -38.76
C SER A 174 31.87 6.02 -37.88
N LEU A 175 31.40 4.90 -38.42
CA LEU A 175 30.67 3.93 -37.63
C LEU A 175 31.51 3.50 -36.43
N GLU A 176 32.82 3.34 -36.65
CA GLU A 176 33.73 2.92 -35.58
C GLU A 176 33.85 3.95 -34.47
N GLN A 177 33.82 5.22 -34.84
CA GLN A 177 33.91 6.26 -33.84
C GLN A 177 32.63 6.32 -33.01
N ILE A 178 31.49 6.22 -33.68
CA ILE A 178 30.20 6.22 -32.99
C ILE A 178 30.14 5.06 -31.99
N GLU A 179 30.55 3.87 -32.44
CA GLU A 179 30.57 2.69 -31.57
C GLU A 179 31.41 2.90 -30.32
N ARG A 180 32.62 3.42 -30.49
CA ARG A 180 33.50 3.66 -29.36
C ARG A 180 32.90 4.69 -28.40
N ASP A 181 32.31 5.75 -28.97
CA ASP A 181 31.84 6.89 -28.17
C ASP A 181 30.53 6.65 -27.41
N THR A 182 29.79 5.59 -27.76
CA THR A 182 28.49 5.34 -27.15
C THR A 182 28.41 4.11 -26.26
N GLU A 183 29.52 3.43 -25.98
CA GLU A 183 29.49 2.31 -25.06
C GLU A 183 29.02 2.78 -23.68
N ARG A 184 29.39 4.01 -23.32
CA ARG A 184 28.91 4.63 -22.07
C ARG A 184 28.35 6.03 -22.35
N ASP A 185 27.56 6.55 -21.42
CA ASP A 185 26.98 7.87 -21.56
C ASP A 185 28.03 8.90 -21.94
N ARG A 186 27.76 9.64 -22.98
CA ARG A 186 28.65 10.71 -23.35
C ARG A 186 27.87 12.02 -23.46
N PHE A 187 28.22 12.97 -22.60
CA PHE A 187 27.60 14.30 -22.57
C PHE A 187 28.35 15.28 -23.44
N LEU A 188 27.61 16.13 -24.16
CA LEU A 188 28.18 17.20 -25.00
C LEU A 188 27.51 18.55 -24.77
N SER A 189 28.31 19.58 -24.63
CA SER A 189 27.81 20.95 -24.66
C SER A 189 27.37 21.28 -26.08
N ALA A 190 26.68 22.40 -26.24
CA ALA A 190 26.21 22.79 -27.56
C ALA A 190 27.39 22.98 -28.53
N PRO A 191 28.47 23.69 -28.13
CA PRO A 191 29.62 23.73 -29.07
C PRO A 191 30.22 22.35 -29.34
N GLU A 192 30.27 21.46 -28.35
CA GLU A 192 30.79 20.10 -28.60
C GLU A 192 29.89 19.33 -29.56
N ALA A 193 28.58 19.57 -29.48
CA ALA A 193 27.63 18.89 -30.36
C ALA A 193 27.79 19.36 -31.81
N VAL A 194 28.09 20.64 -32.00
CA VAL A 194 28.41 21.14 -33.33
C VAL A 194 29.70 20.48 -33.84
N GLU A 195 30.73 20.47 -33.00
CA GLU A 195 32.02 19.89 -33.38
C GLU A 195 31.87 18.40 -33.67
N TYR A 196 30.94 17.76 -32.97
CA TYR A 196 30.72 16.33 -33.18
C TYR A 196 29.91 16.06 -34.45
N GLY A 197 29.20 17.07 -34.94
CA GLY A 197 28.34 16.87 -36.10
C GLY A 197 26.91 16.52 -35.72
N LEU A 198 26.60 16.55 -34.42
CA LEU A 198 25.24 16.25 -33.97
C LEU A 198 24.27 17.34 -34.41
N VAL A 199 24.70 18.60 -34.31
CA VAL A 199 23.91 19.69 -34.85
C VAL A 199 24.80 20.53 -35.76
N ASP A 200 24.21 21.44 -36.51
CA ASP A 200 24.96 22.26 -37.45
C ASP A 200 25.46 23.56 -36.85
N SER A 201 24.67 24.14 -35.95
CA SER A 201 25.09 25.38 -35.29
C SER A 201 24.32 25.65 -34.02
N ILE A 202 24.69 26.73 -33.36
CA ILE A 202 24.03 27.19 -32.15
C ILE A 202 23.17 28.39 -32.50
N LEU A 203 21.91 28.38 -32.05
CA LEU A 203 21.04 29.56 -32.14
C LEU A 203 21.18 30.37 -30.86
N THR A 204 21.55 31.63 -30.96
CA THR A 204 21.71 32.40 -29.74
C THR A 204 20.69 33.54 -29.64
N HIS A 205 20.62 34.36 -30.67
CA HIS A 205 19.69 35.48 -30.66
C HIS A 205 18.91 35.53 -31.94
N ARG A 206 17.70 36.05 -31.89
CA ARG A 206 16.97 36.18 -33.13
C ARG A 206 17.42 37.41 -33.89
N ASN A 207 17.89 37.15 -35.10
CA ASN A 207 17.97 38.12 -36.20
C ASN A 207 17.55 39.55 -35.89
N ALA B 15 -3.53 21.88 -25.89
CA ALA B 15 -4.02 21.11 -24.74
C ALA B 15 -3.90 19.63 -25.02
N LEU B 16 -2.79 19.02 -24.55
CA LEU B 16 -2.41 17.66 -24.92
C LEU B 16 -2.59 17.46 -26.43
N VAL B 17 -3.81 17.20 -26.88
CA VAL B 17 -4.06 17.04 -28.30
C VAL B 17 -4.43 18.38 -28.94
N PRO B 18 -3.57 18.89 -29.83
CA PRO B 18 -3.79 20.17 -30.52
C PRO B 18 -5.02 20.16 -31.43
N MET B 19 -5.61 21.33 -31.59
CA MET B 19 -6.77 21.51 -32.44
C MET B 19 -6.34 22.23 -33.70
N VAL B 20 -7.09 22.03 -34.79
CA VAL B 20 -6.89 22.84 -35.97
C VAL B 20 -8.23 23.44 -36.35
N ILE B 21 -8.18 24.62 -36.96
CA ILE B 21 -9.40 25.29 -37.40
C ILE B 21 -9.57 25.12 -38.90
N GLU B 22 -10.70 24.55 -39.30
CA GLU B 22 -11.02 24.39 -40.72
C GLU B 22 -12.23 25.26 -41.02
N GLN B 23 -12.43 25.64 -42.27
CA GLN B 23 -13.36 26.72 -42.55
C GLN B 23 -14.77 26.26 -42.93
N THR B 24 -15.55 27.24 -43.38
CA THR B 24 -17.01 27.26 -43.33
C THR B 24 -17.73 25.93 -43.50
N SER B 25 -18.34 25.76 -44.68
CA SER B 25 -19.48 24.87 -44.91
C SER B 25 -20.72 25.52 -44.27
N ARG B 26 -20.58 25.83 -42.99
CA ARG B 26 -21.60 26.50 -42.20
C ARG B 26 -20.93 27.45 -41.20
N GLY B 27 -19.60 27.47 -41.23
CA GLY B 27 -18.78 28.28 -40.34
C GLY B 27 -17.52 27.56 -39.91
N GLU B 28 -16.62 28.29 -39.24
CA GLU B 28 -15.37 27.71 -38.73
C GLU B 28 -15.59 26.61 -37.70
N ARG B 29 -14.88 25.49 -37.87
CA ARG B 29 -15.02 24.39 -36.92
C ARG B 29 -13.67 23.83 -36.47
N SER B 30 -13.56 23.49 -35.19
CA SER B 30 -12.32 22.97 -34.64
C SER B 30 -12.25 21.44 -34.72
N PHE B 31 -11.10 20.93 -35.16
CA PHE B 31 -10.83 19.49 -35.28
C PHE B 31 -9.61 19.14 -34.45
N ASP B 32 -9.69 18.11 -33.62
CA ASP B 32 -8.47 17.67 -32.93
C ASP B 32 -7.63 17.05 -34.04
N ILE B 33 -6.33 16.96 -33.83
CA ILE B 33 -5.42 16.57 -34.90
C ILE B 33 -5.78 15.21 -35.50
N TYR B 34 -6.32 14.29 -34.70
CA TYR B 34 -6.67 12.97 -35.24
C TYR B 34 -7.92 13.02 -36.13
N SER B 35 -8.93 13.77 -35.72
CA SER B 35 -10.14 13.93 -36.55
C SER B 35 -9.75 14.68 -37.82
N ARG B 36 -8.78 15.58 -37.71
CA ARG B 36 -8.27 16.27 -38.88
C ARG B 36 -7.64 15.33 -39.90
N LEU B 37 -6.82 14.40 -39.42
CA LEU B 37 -6.17 13.43 -40.30
C LEU B 37 -7.21 12.43 -40.82
N LEU B 38 -8.28 12.27 -40.05
CA LEU B 38 -9.35 11.36 -40.41
C LEU B 38 -10.03 11.81 -41.69
N LYS B 39 -10.06 13.13 -41.92
CA LYS B 39 -10.65 13.67 -43.14
C LYS B 39 -9.80 13.32 -44.32
N GLU B 40 -8.58 12.86 -44.05
CA GLU B 40 -7.74 12.32 -45.11
C GLU B 40 -7.67 10.80 -45.14
N ARG B 41 -8.66 10.14 -44.57
CA ARG B 41 -8.81 8.70 -44.65
C ARG B 41 -7.63 8.02 -43.93
N VAL B 42 -7.09 8.70 -42.92
CA VAL B 42 -6.00 8.14 -42.12
C VAL B 42 -6.44 7.74 -40.70
N ILE B 43 -6.17 6.49 -40.33
CA ILE B 43 -6.48 6.00 -38.98
C ILE B 43 -5.19 5.51 -38.32
N PHE B 44 -5.04 5.78 -37.03
CA PHE B 44 -3.87 5.33 -36.27
C PHE B 44 -4.18 4.19 -35.32
N LEU B 45 -3.36 3.14 -35.41
CA LEU B 45 -3.39 2.05 -34.44
C LEU B 45 -2.13 2.17 -33.60
N THR B 46 -2.28 2.58 -32.34
CA THR B 46 -1.12 2.84 -31.52
C THR B 46 -1.19 2.18 -30.14
N GLY B 47 -0.12 1.48 -29.75
CA GLY B 47 -0.01 0.90 -28.42
C GLY B 47 -0.72 -0.43 -28.34
N GLN B 48 -0.95 -0.90 -27.13
CA GLN B 48 -1.53 -2.21 -26.92
C GLN B 48 -2.94 -2.30 -27.49
N VAL B 49 -3.22 -3.43 -28.14
CA VAL B 49 -4.54 -3.69 -28.67
C VAL B 49 -5.46 -4.21 -27.57
N GLU B 50 -6.57 -3.53 -27.35
CA GLU B 50 -7.59 -3.95 -26.38
C GLU B 50 -8.92 -3.44 -26.89
N ASP B 51 -10.00 -3.88 -26.27
CA ASP B 51 -11.36 -3.66 -26.78
C ASP B 51 -11.72 -2.21 -27.16
N HIS B 52 -11.39 -1.28 -26.29
CA HIS B 52 -11.89 0.08 -26.48
C HIS B 52 -11.11 0.83 -27.56
N MET B 53 -9.78 0.72 -27.56
CA MET B 53 -9.00 1.37 -28.62
C MET B 53 -9.36 0.70 -29.95
N ALA B 54 -9.69 -0.58 -29.89
CA ALA B 54 -10.05 -1.33 -31.08
C ALA B 54 -11.41 -0.91 -31.59
N ASN B 55 -12.35 -0.69 -30.68
CA ASN B 55 -13.68 -0.23 -31.08
C ASN B 55 -13.57 1.15 -31.76
N LEU B 56 -12.67 1.98 -31.24
CA LEU B 56 -12.47 3.32 -31.79
C LEU B 56 -12.02 3.24 -33.25
N ILE B 57 -11.12 2.31 -33.52
CA ILE B 57 -10.61 2.06 -34.88
C ILE B 57 -11.72 1.51 -35.77
N VAL B 58 -12.49 0.56 -35.25
CA VAL B 58 -13.61 -0.02 -36.00
C VAL B 58 -14.58 1.10 -36.42
N ALA B 59 -14.93 1.94 -35.46
CA ALA B 59 -15.88 3.03 -35.70
C ALA B 59 -15.34 3.99 -36.78
N GLN B 60 -14.04 4.26 -36.74
CA GLN B 60 -13.41 5.11 -37.75
C GLN B 60 -13.46 4.49 -39.15
N MET B 61 -13.23 3.18 -39.22
CA MET B 61 -13.29 2.46 -40.47
C MET B 61 -14.70 2.51 -41.05
N LEU B 62 -15.69 2.35 -40.17
CA LEU B 62 -17.08 2.41 -40.59
C LEU B 62 -17.42 3.80 -41.10
N PHE B 63 -16.97 4.80 -40.36
CA PHE B 63 -17.19 6.20 -40.75
C PHE B 63 -16.63 6.45 -42.15
N LEU B 64 -15.39 6.05 -42.37
CA LEU B 64 -14.71 6.30 -43.63
C LEU B 64 -15.34 5.55 -44.82
N GLU B 65 -15.76 4.30 -44.61
CA GLU B 65 -16.40 3.53 -45.68
C GLU B 65 -17.60 4.29 -46.20
N ALA B 66 -18.38 4.82 -45.27
CA ALA B 66 -19.55 5.60 -45.56
C ALA B 66 -19.33 6.88 -46.34
N GLU B 67 -18.30 7.61 -45.93
CA GLU B 67 -17.98 8.88 -46.53
C GLU B 67 -17.66 8.64 -48.00
N ASN B 68 -17.05 7.48 -48.26
CA ASN B 68 -16.66 7.08 -49.59
C ASN B 68 -16.19 5.64 -49.58
N PRO B 69 -17.05 4.71 -50.04
CA PRO B 69 -16.75 3.28 -50.07
C PRO B 69 -15.69 2.91 -51.12
N GLU B 70 -15.29 3.85 -51.95
CA GLU B 70 -14.37 3.56 -53.04
C GLU B 70 -12.93 3.98 -52.75
N LYS B 71 -12.72 4.98 -51.88
CA LYS B 71 -11.37 5.44 -51.60
C LYS B 71 -10.67 4.61 -50.51
N ASP B 72 -9.38 4.39 -50.72
CA ASP B 72 -8.54 3.68 -49.79
C ASP B 72 -8.55 4.32 -48.40
N ILE B 73 -8.33 3.47 -47.39
CA ILE B 73 -8.12 3.88 -46.00
C ILE B 73 -6.68 3.51 -45.65
N TYR B 74 -6.00 4.40 -44.91
CA TYR B 74 -4.61 4.15 -44.54
C TYR B 74 -4.53 3.90 -43.03
N LEU B 75 -4.08 2.72 -42.64
CA LEU B 75 -3.99 2.38 -41.22
C LEU B 75 -2.54 2.33 -40.80
N TYR B 76 -2.11 3.36 -40.06
CA TYR B 76 -0.78 3.38 -39.48
C TYR B 76 -0.75 2.52 -38.24
N ILE B 77 0.27 1.68 -38.15
CA ILE B 77 0.37 0.72 -37.07
C ILE B 77 1.68 0.89 -36.33
N ASN B 78 1.57 1.15 -35.03
CA ASN B 78 2.72 1.14 -34.13
C ASN B 78 2.30 0.50 -32.85
N SER B 79 2.53 -0.80 -32.73
CA SER B 79 1.92 -1.53 -31.65
C SER B 79 2.76 -2.73 -31.22
N PRO B 80 2.82 -2.99 -29.91
CA PRO B 80 3.52 -4.17 -29.41
C PRO B 80 2.66 -5.42 -29.47
N GLY B 81 1.40 -5.25 -29.86
CA GLY B 81 0.45 -6.35 -29.88
C GLY B 81 -0.67 -6.11 -28.90
N GLY B 82 -1.30 -7.18 -28.44
CA GLY B 82 -2.41 -7.08 -27.50
C GLY B 82 -3.38 -8.23 -27.56
N VAL B 83 -4.61 -7.97 -27.17
CA VAL B 83 -5.66 -8.98 -27.02
C VAL B 83 -6.17 -9.46 -28.38
N ILE B 84 -6.20 -10.78 -28.56
CA ILE B 84 -6.53 -11.32 -29.87
C ILE B 84 -7.95 -11.00 -30.32
N THR B 85 -8.94 -11.20 -29.46
CA THR B 85 -10.33 -10.95 -29.86
C THR B 85 -10.52 -9.47 -30.22
N ALA B 86 -9.86 -8.57 -29.51
CA ALA B 86 -9.93 -7.15 -29.86
C ALA B 86 -9.31 -6.91 -31.25
N GLY B 87 -8.19 -7.57 -31.50
CA GLY B 87 -7.55 -7.47 -32.80
C GLY B 87 -8.46 -7.99 -33.90
N MET B 88 -9.20 -9.06 -33.63
CA MET B 88 -10.08 -9.65 -34.66
C MET B 88 -11.29 -8.76 -34.97
N SER B 89 -11.73 -7.92 -34.03
CA SER B 89 -12.82 -7.01 -34.37
C SER B 89 -12.33 -6.03 -35.45
N ILE B 90 -11.05 -5.63 -35.36
CA ILE B 90 -10.43 -4.79 -36.38
C ILE B 90 -10.20 -5.56 -37.69
N TYR B 91 -9.63 -6.76 -37.58
CA TYR B 91 -9.36 -7.60 -38.74
C TYR B 91 -10.62 -7.82 -39.60
N ASP B 92 -11.70 -8.29 -38.97
CA ASP B 92 -12.92 -8.61 -39.71
C ASP B 92 -13.56 -7.36 -40.29
N THR B 93 -13.36 -6.22 -39.64
CA THR B 93 -13.85 -4.96 -40.19
C THR B 93 -13.07 -4.57 -41.44
N MET B 94 -11.75 -4.72 -41.37
CA MET B 94 -10.89 -4.42 -42.51
C MET B 94 -11.33 -5.24 -43.72
N GLN B 95 -11.67 -6.51 -43.49
CA GLN B 95 -12.04 -7.37 -44.61
C GLN B 95 -13.46 -7.07 -45.07
N PHE B 96 -14.35 -6.74 -44.14
CA PHE B 96 -15.75 -6.51 -44.42
C PHE B 96 -16.06 -5.27 -45.26
N ILE B 97 -15.52 -4.12 -44.86
CA ILE B 97 -15.87 -2.86 -45.51
C ILE B 97 -15.45 -2.86 -46.97
N LYS B 98 -16.10 -2.04 -47.80
CA LYS B 98 -15.72 -2.02 -49.21
C LYS B 98 -14.34 -1.43 -49.50
N PRO B 99 -13.96 -0.29 -48.85
CA PRO B 99 -12.65 0.23 -49.22
C PRO B 99 -11.49 -0.69 -48.87
N ASP B 100 -10.44 -0.65 -49.69
CA ASP B 100 -9.15 -1.27 -49.35
C ASP B 100 -8.55 -0.57 -48.14
N VAL B 101 -8.00 -1.34 -47.21
CA VAL B 101 -7.28 -0.73 -46.09
C VAL B 101 -5.79 -0.92 -46.33
N SER B 102 -5.11 0.17 -46.66
CA SER B 102 -3.67 0.17 -46.82
C SER B 102 -3.06 0.23 -45.42
N THR B 103 -2.04 -0.58 -45.16
CA THR B 103 -1.43 -0.61 -43.85
C THR B 103 0.01 -0.12 -43.88
N ILE B 104 0.38 0.67 -42.88
CA ILE B 104 1.74 1.20 -42.81
C ILE B 104 2.31 1.04 -41.41
N CYS B 105 3.38 0.27 -41.31
CA CYS B 105 4.05 0.03 -40.04
C CYS B 105 5.10 1.09 -39.78
N MET B 106 4.97 1.80 -38.65
CA MET B 106 5.97 2.75 -38.18
C MET B 106 6.35 2.39 -36.75
N GLY B 107 7.64 2.44 -36.45
CA GLY B 107 8.12 1.99 -35.15
C GLY B 107 8.19 0.47 -35.11
N GLN B 108 7.09 -0.17 -34.76
CA GLN B 108 7.03 -1.63 -34.77
C GLN B 108 5.59 -2.13 -34.94
N ALA B 109 5.45 -3.36 -35.44
CA ALA B 109 4.20 -4.10 -35.40
C ALA B 109 4.54 -5.50 -34.93
N ALA B 110 4.23 -5.77 -33.67
CA ALA B 110 4.53 -7.05 -33.04
C ALA B 110 3.23 -7.79 -32.68
N SER B 111 3.27 -9.13 -32.71
CA SER B 111 2.11 -9.98 -32.39
C SER B 111 0.86 -9.54 -33.17
N MET B 112 -0.26 -9.25 -32.49
CA MET B 112 -1.46 -8.79 -33.18
C MET B 112 -1.21 -7.57 -34.08
N GLY B 113 -0.22 -6.74 -33.73
CA GLY B 113 0.14 -5.61 -34.59
C GLY B 113 0.65 -6.09 -35.95
N ALA B 114 1.46 -7.14 -35.95
CA ALA B 114 1.97 -7.73 -37.18
C ALA B 114 0.86 -8.41 -37.97
N PHE B 115 -0.06 -9.02 -37.25
CA PHE B 115 -1.19 -9.72 -37.86
C PHE B 115 -2.05 -8.74 -38.65
N LEU B 116 -2.40 -7.62 -38.02
CA LEU B 116 -3.23 -6.61 -38.68
C LEU B 116 -2.49 -5.90 -39.82
N LEU B 117 -1.18 -5.70 -39.66
CA LEU B 117 -0.34 -5.15 -40.71
C LEU B 117 -0.40 -6.03 -41.97
N THR B 118 -0.23 -7.32 -41.78
CA THR B 118 -0.16 -8.21 -42.93
C THR B 118 -1.57 -8.43 -43.48
N ALA B 119 -2.57 -8.07 -42.68
CA ALA B 119 -3.96 -8.24 -43.07
C ALA B 119 -4.44 -7.14 -44.03
N GLY B 120 -3.59 -6.15 -44.30
CA GLY B 120 -3.96 -5.06 -45.20
C GLY B 120 -4.14 -5.54 -46.63
N ALA B 121 -4.68 -4.66 -47.49
CA ALA B 121 -4.90 -4.99 -48.90
C ALA B 121 -3.61 -5.38 -49.62
N LYS B 122 -3.61 -6.49 -50.36
CA LYS B 122 -2.41 -6.86 -51.14
C LYS B 122 -1.92 -5.74 -52.02
N GLY B 123 -0.62 -5.51 -51.96
CA GLY B 123 0.00 -4.47 -52.74
C GLY B 123 0.00 -3.16 -51.97
N LYS B 124 -0.77 -3.08 -50.90
CA LYS B 124 -0.90 -1.82 -50.15
C LYS B 124 -0.46 -1.93 -48.68
N ARG B 125 0.44 -2.88 -48.39
CA ARG B 125 1.01 -3.06 -47.06
C ARG B 125 2.48 -2.62 -47.05
N PHE B 126 2.83 -1.71 -46.14
CA PHE B 126 4.16 -1.11 -46.17
C PHE B 126 4.86 -1.13 -44.81
N CYS B 127 6.19 -1.12 -44.87
CA CYS B 127 7.02 -0.81 -43.72
C CYS B 127 7.78 0.47 -43.97
N LEU B 128 7.90 1.29 -42.95
CA LEU B 128 8.84 2.38 -43.00
C LEU B 128 10.21 1.74 -42.83
N PRO B 129 11.26 2.38 -43.35
CA PRO B 129 12.58 1.75 -43.50
C PRO B 129 13.16 1.20 -42.21
N ASN B 130 12.89 1.86 -41.08
CA ASN B 130 13.50 1.41 -39.83
C ASN B 130 12.50 0.86 -38.85
N SER B 131 11.34 0.48 -39.35
CA SER B 131 10.35 -0.18 -38.52
C SER B 131 10.78 -1.64 -38.38
N ARG B 132 10.25 -2.31 -37.36
CA ARG B 132 10.52 -3.74 -37.23
C ARG B 132 9.23 -4.47 -37.00
N VAL B 133 9.21 -5.75 -37.37
CA VAL B 133 8.05 -6.58 -37.21
C VAL B 133 8.43 -7.79 -36.35
N MET B 134 7.50 -8.22 -35.51
CA MET B 134 7.73 -9.46 -34.75
C MET B 134 6.48 -10.29 -34.77
N ILE B 135 6.64 -11.59 -35.05
CA ILE B 135 5.49 -12.50 -35.04
C ILE B 135 5.74 -13.62 -34.05
N HIS B 136 4.69 -14.14 -33.45
CA HIS B 136 4.79 -15.25 -32.53
C HIS B 136 3.43 -15.85 -32.25
N GLN B 137 3.39 -16.92 -31.49
CA GLN B 137 2.14 -17.59 -31.20
C GLN B 137 1.40 -16.88 -30.07
N PRO B 138 0.11 -17.21 -29.88
CA PRO B 138 -0.71 -16.65 -28.79
C PRO B 138 -0.18 -16.97 -27.39
N LEU B 139 -0.44 -16.03 -26.48
CA LEU B 139 -0.17 -16.21 -25.07
C LEU B 139 -1.49 -16.22 -24.35
N GLY B 140 -1.58 -16.91 -23.23
CA GLY B 140 -2.80 -16.91 -22.47
C GLY B 140 -2.60 -17.41 -21.06
N GLY B 141 -3.72 -17.66 -20.37
CA GLY B 141 -3.66 -18.18 -19.03
C GLY B 141 -5.04 -18.45 -18.45
N TYR B 142 -5.16 -19.55 -17.72
CA TYR B 142 -6.41 -19.85 -17.02
C TYR B 142 -6.10 -20.41 -15.63
N GLN B 143 -7.08 -20.40 -14.76
CA GLN B 143 -6.95 -20.96 -13.43
C GLN B 143 -8.29 -21.57 -13.05
N GLY B 144 -8.26 -22.81 -12.54
CA GLY B 144 -9.50 -23.45 -12.12
C GLY B 144 -9.42 -24.97 -12.16
N GLN B 145 -10.58 -25.60 -12.23
CA GLN B 145 -10.64 -27.06 -12.32
C GLN B 145 -10.00 -27.60 -13.59
N ALA B 146 -9.43 -28.80 -13.51
CA ALA B 146 -8.83 -29.44 -14.67
C ALA B 146 -9.81 -29.49 -15.86
N THR B 147 -11.07 -29.80 -15.59
CA THR B 147 -12.05 -29.84 -16.66
C THR B 147 -12.11 -28.48 -17.38
N ASP B 148 -12.11 -27.40 -16.62
CA ASP B 148 -12.15 -26.06 -17.22
C ASP B 148 -10.83 -25.69 -17.88
N ILE B 149 -9.73 -26.15 -17.28
CA ILE B 149 -8.43 -25.95 -17.88
C ILE B 149 -8.35 -26.58 -19.27
N GLU B 150 -8.90 -27.79 -19.39
CA GLU B 150 -8.88 -28.46 -20.67
C GLU B 150 -9.73 -27.67 -21.68
N ILE B 151 -10.90 -27.23 -21.24
CA ILE B 151 -11.78 -26.43 -22.09
C ILE B 151 -11.07 -25.17 -22.59
N HIS B 152 -10.38 -24.46 -21.69
CA HIS B 152 -9.73 -23.23 -22.12
C HIS B 152 -8.45 -23.50 -22.88
N ALA B 153 -7.75 -24.58 -22.58
CA ALA B 153 -6.57 -24.95 -23.37
C ALA B 153 -6.94 -25.31 -24.81
N ARG B 154 -8.01 -26.07 -24.99
CA ARG B 154 -8.46 -26.43 -26.33
C ARG B 154 -8.83 -25.18 -27.12
N GLU B 155 -9.48 -24.23 -26.47
CA GLU B 155 -9.87 -23.01 -27.18
C GLU B 155 -8.64 -22.25 -27.67
N ILE B 156 -7.62 -22.08 -26.83
CA ILE B 156 -6.50 -21.29 -27.29
C ILE B 156 -5.71 -22.03 -28.38
N LEU B 157 -5.74 -23.37 -28.36
CA LEU B 157 -5.08 -24.10 -29.45
C LEU B 157 -5.83 -23.89 -30.78
N LYS B 158 -7.16 -23.84 -30.71
CA LYS B 158 -7.96 -23.55 -31.89
C LYS B 158 -7.66 -22.13 -32.39
N VAL B 159 -7.57 -21.18 -31.47
CA VAL B 159 -7.24 -19.81 -31.86
C VAL B 159 -5.88 -19.72 -32.53
N LYS B 160 -4.88 -20.38 -31.94
CA LYS B 160 -3.55 -20.41 -32.51
C LYS B 160 -3.56 -20.94 -33.95
N GLY B 161 -4.26 -22.05 -34.15
CA GLY B 161 -4.37 -22.65 -35.46
C GLY B 161 -5.02 -21.70 -36.45
N ARG B 162 -6.13 -21.08 -36.04
CA ARG B 162 -6.84 -20.14 -36.90
C ARG B 162 -5.94 -18.96 -37.27
N MET B 163 -5.19 -18.45 -36.29
CA MET B 163 -4.25 -17.36 -36.55
C MET B 163 -3.14 -17.77 -37.51
N ASN B 164 -2.66 -18.99 -37.37
CA ASN B 164 -1.58 -19.47 -38.26
C ASN B 164 -2.08 -19.57 -39.71
N GLU B 165 -3.32 -20.00 -39.87
CA GLU B 165 -3.94 -20.11 -41.19
C GLU B 165 -4.05 -18.75 -41.88
N LEU B 166 -4.54 -17.75 -41.16
CA LEU B 166 -4.72 -16.41 -41.71
C LEU B 166 -3.38 -15.74 -42.03
N MET B 167 -2.39 -15.96 -41.19
CA MET B 167 -1.06 -15.45 -41.50
C MET B 167 -0.52 -16.13 -42.76
N ALA B 168 -0.76 -17.45 -42.85
CA ALA B 168 -0.35 -18.21 -44.04
C ALA B 168 -0.97 -17.59 -45.29
N LEU B 169 -2.27 -17.32 -45.23
CA LEU B 169 -2.99 -16.69 -46.33
C LEU B 169 -2.36 -15.36 -46.76
N HIS B 170 -2.16 -14.48 -45.79
CA HIS B 170 -1.76 -13.13 -46.15
C HIS B 170 -0.28 -13.01 -46.53
N THR B 171 0.57 -13.88 -46.00
CA THR B 171 1.99 -13.74 -46.32
C THR B 171 2.36 -14.53 -47.56
N GLY B 172 1.60 -15.58 -47.86
CA GLY B 172 1.97 -16.45 -48.96
C GLY B 172 2.87 -17.58 -48.51
N GLN B 173 3.22 -17.59 -47.23
CA GLN B 173 3.99 -18.70 -46.65
C GLN B 173 3.07 -19.90 -46.46
N SER B 174 3.66 -21.10 -46.41
CA SER B 174 2.87 -22.28 -46.10
C SER B 174 2.49 -22.26 -44.63
N LEU B 175 1.42 -22.95 -44.28
CA LEU B 175 0.99 -23.06 -42.90
C LEU B 175 2.12 -23.60 -42.02
N GLU B 176 2.85 -24.59 -42.52
CA GLU B 176 3.94 -25.21 -41.78
C GLU B 176 5.09 -24.24 -41.55
N GLN B 177 5.32 -23.38 -42.52
CA GLN B 177 6.35 -22.40 -42.41
C GLN B 177 5.96 -21.41 -41.30
N ILE B 178 4.70 -20.95 -41.31
CA ILE B 178 4.18 -20.03 -40.28
C ILE B 178 4.24 -20.67 -38.89
N GLU B 179 3.80 -21.91 -38.77
CA GLU B 179 3.83 -22.64 -37.50
C GLU B 179 5.23 -22.71 -36.91
N ARG B 180 6.18 -23.11 -37.74
CA ARG B 180 7.57 -23.25 -37.31
C ARG B 180 8.21 -21.91 -36.92
N ASP B 181 7.92 -20.86 -37.70
CA ASP B 181 8.54 -19.57 -37.50
C ASP B 181 7.96 -18.77 -36.33
N THR B 182 6.80 -19.18 -35.83
CA THR B 182 6.15 -18.44 -34.77
C THR B 182 6.06 -19.16 -33.42
N GLU B 183 6.70 -20.33 -33.31
CA GLU B 183 6.72 -21.02 -32.02
C GLU B 183 7.42 -20.13 -30.98
N ARG B 184 8.42 -19.40 -31.43
CA ARG B 184 9.10 -18.41 -30.61
C ARG B 184 9.17 -17.07 -31.32
N ASP B 185 9.40 -16.01 -30.54
CA ASP B 185 9.49 -14.67 -31.11
C ASP B 185 10.44 -14.63 -32.31
N ARG B 186 9.95 -14.09 -33.42
CA ARG B 186 10.77 -13.90 -34.59
C ARG B 186 10.69 -12.44 -35.02
N PHE B 187 11.82 -11.74 -34.97
CA PHE B 187 11.92 -10.34 -35.36
C PHE B 187 12.33 -10.23 -36.83
N LEU B 188 11.74 -9.28 -37.55
CA LEU B 188 12.10 -9.01 -38.95
C LEU B 188 12.32 -7.53 -39.20
N SER B 189 13.41 -7.19 -39.89
CA SER B 189 13.64 -5.83 -40.38
C SER B 189 12.62 -5.57 -41.48
N ALA B 190 12.54 -4.33 -41.95
CA ALA B 190 11.59 -3.99 -43.03
C ALA B 190 11.88 -4.78 -44.33
N PRO B 191 13.15 -4.85 -44.75
CA PRO B 191 13.42 -5.70 -45.91
C PRO B 191 13.12 -7.18 -45.68
N GLU B 192 13.41 -7.70 -44.49
CA GLU B 192 13.09 -9.10 -44.20
C GLU B 192 11.58 -9.30 -44.21
N ALA B 193 10.83 -8.27 -43.81
CA ALA B 193 9.37 -8.39 -43.80
C ALA B 193 8.78 -8.44 -45.22
N VAL B 194 9.39 -7.69 -46.14
CA VAL B 194 9.01 -7.76 -47.55
C VAL B 194 9.33 -9.16 -48.05
N GLU B 195 10.53 -9.64 -47.72
CA GLU B 195 10.99 -10.96 -48.17
C GLU B 195 10.11 -12.07 -47.65
N TYR B 196 9.59 -11.88 -46.44
CA TYR B 196 8.71 -12.86 -45.80
C TYR B 196 7.29 -12.78 -46.36
N GLY B 197 6.94 -11.66 -46.96
CA GLY B 197 5.58 -11.46 -47.45
C GLY B 197 4.65 -10.78 -46.46
N LEU B 198 5.19 -10.33 -45.33
CA LEU B 198 4.38 -9.65 -44.32
C LEU B 198 3.93 -8.30 -44.88
N VAL B 199 4.84 -7.62 -45.56
CA VAL B 199 4.44 -6.42 -46.28
C VAL B 199 4.89 -6.53 -47.73
N ASP B 200 4.37 -5.64 -48.57
CA ASP B 200 4.65 -5.63 -50.01
C ASP B 200 5.87 -4.81 -50.40
N SER B 201 6.13 -3.70 -49.71
CA SER B 201 7.33 -2.92 -49.98
C SER B 201 7.67 -1.98 -48.84
N ILE B 202 8.76 -1.25 -49.01
CA ILE B 202 9.20 -0.26 -48.04
C ILE B 202 8.92 1.15 -48.55
N LEU B 203 8.29 1.99 -47.71
CA LEU B 203 8.14 3.40 -48.03
C LEU B 203 9.34 4.15 -47.52
N THR B 204 10.03 4.89 -48.39
CA THR B 204 11.22 5.62 -47.93
C THR B 204 11.02 7.13 -48.02
N HIS B 205 10.58 7.59 -49.19
CA HIS B 205 10.32 9.02 -49.38
C HIS B 205 9.00 9.24 -50.10
N ARG B 206 8.35 10.35 -49.77
CA ARG B 206 7.29 10.85 -50.63
C ARG B 206 7.99 11.23 -51.92
N ASN B 207 7.56 10.64 -53.03
CA ASN B 207 8.27 10.71 -54.30
C ASN B 207 8.79 12.12 -54.65
N PRO C 18 -11.64 11.53 -28.43
CA PRO C 18 -12.13 10.30 -29.06
C PRO C 18 -12.56 10.53 -30.52
N MET C 19 -11.70 11.24 -31.26
CA MET C 19 -11.97 11.78 -32.59
C MET C 19 -12.94 12.95 -32.52
N VAL C 20 -12.40 14.13 -32.27
CA VAL C 20 -13.22 15.19 -31.73
C VAL C 20 -13.35 16.43 -32.61
N ILE C 21 -14.60 16.76 -32.90
CA ILE C 21 -14.92 18.01 -33.57
C ILE C 21 -15.78 18.86 -32.61
N GLU C 22 -15.37 20.09 -32.33
CA GLU C 22 -16.20 20.89 -31.45
C GLU C 22 -17.31 21.50 -32.31
N GLN C 23 -18.21 22.25 -31.69
CA GLN C 23 -19.29 22.88 -32.44
C GLN C 23 -18.99 24.37 -32.68
N SER C 30 -16.10 17.62 -28.36
CA SER C 30 -17.11 16.90 -27.60
C SER C 30 -17.92 15.96 -28.50
N PHE C 31 -17.86 16.17 -29.80
CA PHE C 31 -18.54 15.31 -30.76
C PHE C 31 -17.55 14.28 -31.37
N ASP C 32 -17.45 13.13 -30.72
CA ASP C 32 -16.64 12.00 -31.14
C ASP C 32 -17.16 11.06 -32.26
N ILE C 33 -16.34 10.05 -32.58
CA ILE C 33 -16.64 9.11 -33.65
C ILE C 33 -17.91 8.29 -33.34
N TYR C 34 -18.18 8.06 -32.06
CA TYR C 34 -19.35 7.28 -31.65
C TYR C 34 -20.65 8.06 -31.85
N SER C 35 -20.60 9.37 -31.60
CA SER C 35 -21.73 10.26 -31.83
C SER C 35 -21.99 10.32 -33.33
N ARG C 36 -20.89 10.29 -34.06
CA ARG C 36 -20.89 10.31 -35.52
C ARG C 36 -21.61 9.07 -36.05
N LEU C 37 -21.28 7.91 -35.50
CA LEU C 37 -21.94 6.66 -35.90
C LEU C 37 -23.37 6.50 -35.43
N LEU C 38 -23.71 7.16 -34.31
CA LEU C 38 -25.06 7.13 -33.77
C LEU C 38 -26.03 7.76 -34.80
N LYS C 39 -25.51 8.67 -35.63
CA LYS C 39 -26.36 9.31 -36.63
C LYS C 39 -26.81 8.27 -37.67
N GLU C 40 -26.16 7.12 -37.69
CA GLU C 40 -26.60 6.00 -38.53
C GLU C 40 -27.24 4.86 -37.79
N ARG C 41 -27.74 5.13 -36.59
CA ARG C 41 -28.45 4.15 -35.79
C ARG C 41 -27.56 2.94 -35.45
N VAL C 42 -26.26 3.23 -35.30
CA VAL C 42 -25.30 2.22 -34.87
C VAL C 42 -24.84 2.49 -33.45
N ILE C 43 -24.98 1.47 -32.59
CA ILE C 43 -24.62 1.56 -31.18
C ILE C 43 -23.56 0.52 -30.84
N PHE C 44 -22.58 0.86 -30.02
CA PHE C 44 -21.58 -0.13 -29.62
C PHE C 44 -21.71 -0.58 -28.17
N LEU C 45 -21.77 -1.89 -27.98
CA LEU C 45 -21.65 -2.51 -26.66
C LEU C 45 -20.26 -3.15 -26.60
N THR C 46 -19.38 -2.55 -25.83
CA THR C 46 -17.98 -2.94 -25.78
C THR C 46 -17.52 -3.11 -24.34
N GLY C 47 -16.86 -4.22 -24.06
CA GLY C 47 -16.28 -4.45 -22.74
C GLY C 47 -17.27 -4.99 -21.74
N GLN C 48 -16.92 -4.89 -20.46
CA GLN C 48 -17.73 -5.48 -19.39
C GLN C 48 -19.11 -4.88 -19.27
N VAL C 49 -20.10 -5.74 -19.11
CA VAL C 49 -21.46 -5.26 -18.93
C VAL C 49 -21.71 -4.87 -17.48
N GLU C 50 -22.06 -3.61 -17.27
CA GLU C 50 -22.40 -3.11 -15.93
C GLU C 50 -23.39 -1.96 -16.06
N ASP C 51 -23.98 -1.56 -14.93
CA ASP C 51 -25.11 -0.63 -14.88
C ASP C 51 -24.96 0.65 -15.69
N HIS C 52 -23.82 1.32 -15.59
CA HIS C 52 -23.68 2.63 -16.20
C HIS C 52 -23.45 2.52 -17.71
N MET C 53 -22.61 1.59 -18.16
CA MET C 53 -22.44 1.42 -19.61
C MET C 53 -23.73 0.91 -20.25
N ALA C 54 -24.51 0.13 -19.50
CA ALA C 54 -25.79 -0.40 -19.97
C ALA C 54 -26.84 0.71 -20.07
N ASN C 55 -26.86 1.58 -19.07
CA ASN C 55 -27.78 2.71 -19.07
C ASN C 55 -27.53 3.55 -20.31
N LEU C 56 -26.26 3.71 -20.67
CA LEU C 56 -25.84 4.42 -21.88
C LEU C 56 -26.40 3.75 -23.13
N ILE C 57 -26.38 2.42 -23.14
CA ILE C 57 -26.93 1.66 -24.26
C ILE C 57 -28.45 1.83 -24.36
N VAL C 58 -29.14 1.71 -23.23
CA VAL C 58 -30.57 1.88 -23.16
C VAL C 58 -30.97 3.28 -23.66
N ALA C 59 -30.22 4.29 -23.20
CA ALA C 59 -30.50 5.68 -23.58
C ALA C 59 -30.34 5.88 -25.09
N GLN C 60 -29.32 5.27 -25.67
CA GLN C 60 -29.11 5.35 -27.11
C GLN C 60 -30.25 4.69 -27.90
N MET C 61 -30.70 3.54 -27.42
CA MET C 61 -31.82 2.85 -28.05
C MET C 61 -33.11 3.67 -27.96
N LEU C 62 -33.34 4.29 -26.81
CA LEU C 62 -34.51 5.16 -26.64
C LEU C 62 -34.45 6.37 -27.55
N PHE C 63 -33.29 7.01 -27.64
CA PHE C 63 -33.09 8.15 -28.54
C PHE C 63 -33.34 7.74 -29.99
N LEU C 64 -32.76 6.62 -30.40
CA LEU C 64 -32.88 6.20 -31.78
C LEU C 64 -34.31 5.83 -32.14
N GLU C 65 -35.00 5.16 -31.23
CA GLU C 65 -36.38 4.73 -31.49
C GLU C 65 -37.26 5.91 -31.86
N ALA C 66 -37.17 6.94 -31.05
CA ALA C 66 -37.93 8.15 -31.28
C ALA C 66 -37.59 8.87 -32.56
N GLU C 67 -36.29 8.96 -32.84
CA GLU C 67 -35.80 9.65 -34.02
C GLU C 67 -36.47 9.01 -35.22
N ASN C 68 -36.72 7.70 -35.13
CA ASN C 68 -37.46 6.96 -36.15
C ASN C 68 -37.77 5.54 -35.70
N PRO C 69 -39.03 5.29 -35.27
CA PRO C 69 -39.46 4.00 -34.70
C PRO C 69 -39.53 2.86 -35.69
N GLU C 70 -39.33 3.13 -36.97
CA GLU C 70 -39.46 2.07 -37.97
C GLU C 70 -38.12 1.57 -38.54
N LYS C 71 -37.07 2.39 -38.49
CA LYS C 71 -35.80 1.95 -39.07
C LYS C 71 -35.03 1.09 -38.07
N ASP C 72 -34.34 0.08 -38.61
CA ASP C 72 -33.54 -0.84 -37.81
C ASP C 72 -32.48 -0.13 -37.00
N ILE C 73 -32.13 -0.72 -35.86
CA ILE C 73 -31.01 -0.28 -35.05
C ILE C 73 -29.94 -1.36 -35.08
N TYR C 74 -28.69 -0.94 -35.18
CA TYR C 74 -27.59 -1.90 -35.24
C TYR C 74 -26.73 -1.84 -34.00
N LEU C 75 -26.68 -2.96 -33.28
CA LEU C 75 -25.90 -3.05 -32.06
C LEU C 75 -24.68 -3.95 -32.28
N TYR C 76 -23.51 -3.32 -32.35
CA TYR C 76 -22.26 -4.08 -32.35
C TYR C 76 -21.90 -4.53 -30.93
N ILE C 77 -21.51 -5.79 -30.82
CA ILE C 77 -21.20 -6.38 -29.52
C ILE C 77 -19.79 -6.94 -29.52
N ASN C 78 -18.98 -6.44 -28.61
CA ASN C 78 -17.66 -7.01 -28.35
C ASN C 78 -17.47 -7.01 -26.84
N SER C 79 -17.79 -8.12 -26.20
CA SER C 79 -17.89 -8.16 -24.75
C SER C 79 -17.59 -9.53 -24.15
N PRO C 80 -16.90 -9.54 -22.99
CA PRO C 80 -16.62 -10.77 -22.24
C PRO C 80 -17.77 -11.13 -21.31
N GLY C 81 -18.79 -10.30 -21.28
CA GLY C 81 -19.91 -10.55 -20.39
C GLY C 81 -19.96 -9.46 -19.32
N GLY C 82 -20.57 -9.81 -18.19
CA GLY C 82 -20.65 -8.86 -17.10
C GLY C 82 -21.86 -9.14 -16.23
N VAL C 83 -22.36 -8.09 -15.59
CA VAL C 83 -23.44 -8.23 -14.60
C VAL C 83 -24.81 -8.54 -15.25
N ILE C 84 -25.49 -9.58 -14.74
CA ILE C 84 -26.73 -10.04 -15.38
C ILE C 84 -27.86 -9.00 -15.35
N THR C 85 -28.16 -8.41 -14.19
CA THR C 85 -29.26 -7.44 -14.12
C THR C 85 -29.00 -6.26 -15.07
N ALA C 86 -27.75 -5.84 -15.20
CA ALA C 86 -27.40 -4.79 -16.17
C ALA C 86 -27.66 -5.24 -17.61
N GLY C 87 -27.31 -6.49 -17.92
CA GLY C 87 -27.55 -7.02 -19.24
C GLY C 87 -29.04 -7.07 -19.52
N MET C 88 -29.80 -7.39 -18.49
CA MET C 88 -31.24 -7.48 -18.64
C MET C 88 -31.90 -6.10 -18.89
N SER C 89 -31.22 -5.00 -18.51
CA SER C 89 -31.75 -3.69 -18.85
C SER C 89 -31.74 -3.50 -20.34
N ILE C 90 -30.64 -3.94 -20.94
CA ILE C 90 -30.47 -3.83 -22.38
C ILE C 90 -31.42 -4.81 -23.09
N TYR C 91 -31.47 -6.06 -22.62
CA TYR C 91 -32.36 -7.07 -23.22
C TYR C 91 -33.81 -6.60 -23.31
N ASP C 92 -34.39 -6.20 -22.17
CA ASP C 92 -35.79 -5.81 -22.13
C ASP C 92 -36.07 -4.55 -22.95
N THR C 93 -35.07 -3.66 -23.03
CA THR C 93 -35.21 -2.46 -23.83
C THR C 93 -35.24 -2.83 -25.32
N MET C 94 -34.36 -3.73 -25.71
CA MET C 94 -34.29 -4.25 -27.07
C MET C 94 -35.63 -4.83 -27.52
N GLN C 95 -36.32 -5.53 -26.61
CA GLN C 95 -37.60 -6.15 -26.95
C GLN C 95 -38.72 -5.09 -26.93
N PHE C 96 -38.63 -4.16 -25.99
CA PHE C 96 -39.70 -3.18 -25.80
C PHE C 96 -39.80 -2.18 -26.94
N ILE C 97 -38.68 -1.61 -27.37
CA ILE C 97 -38.72 -0.56 -28.38
C ILE C 97 -39.28 -1.10 -29.71
N LYS C 98 -39.84 -0.22 -30.54
CA LYS C 98 -40.41 -0.64 -31.82
C LYS C 98 -39.39 -1.07 -32.90
N PRO C 99 -38.27 -0.32 -33.05
CA PRO C 99 -37.38 -0.77 -34.12
C PRO C 99 -36.81 -2.17 -33.87
N ASP C 100 -36.51 -2.91 -34.94
CA ASP C 100 -35.73 -4.13 -34.82
C ASP C 100 -34.32 -3.78 -34.38
N VAL C 101 -33.73 -4.57 -33.49
CA VAL C 101 -32.32 -4.39 -33.16
C VAL C 101 -31.52 -5.52 -33.80
N SER C 102 -30.79 -5.19 -34.87
CA SER C 102 -29.90 -6.17 -35.47
C SER C 102 -28.62 -6.21 -34.64
N THR C 103 -28.14 -7.40 -34.33
CA THR C 103 -26.92 -7.55 -33.53
C THR C 103 -25.77 -8.09 -34.35
N ILE C 104 -24.58 -7.56 -34.11
CA ILE C 104 -23.40 -7.95 -34.87
C ILE C 104 -22.27 -8.23 -33.91
N CYS C 105 -21.81 -9.47 -33.90
CA CYS C 105 -20.70 -9.83 -33.03
C CYS C 105 -19.37 -9.57 -33.70
N MET C 106 -18.53 -8.78 -33.06
CA MET C 106 -17.17 -8.57 -33.52
C MET C 106 -16.17 -8.83 -32.38
N GLY C 107 -15.08 -9.50 -32.69
CA GLY C 107 -14.14 -9.88 -31.66
C GLY C 107 -14.68 -11.08 -30.90
N GLN C 108 -15.49 -10.79 -29.89
CA GLN C 108 -16.11 -11.87 -29.14
C GLN C 108 -17.43 -11.44 -28.51
N ALA C 109 -18.29 -12.40 -28.23
CA ALA C 109 -19.46 -12.17 -27.40
C ALA C 109 -19.59 -13.30 -26.40
N ALA C 110 -19.23 -13.04 -25.15
CA ALA C 110 -19.24 -14.08 -24.13
C ALA C 110 -20.24 -13.78 -23.04
N SER C 111 -20.82 -14.85 -22.48
CA SER C 111 -21.77 -14.78 -21.39
C SER C 111 -22.92 -13.80 -21.71
N MET C 112 -23.12 -12.76 -20.90
CA MET C 112 -24.19 -11.80 -21.20
C MET C 112 -24.03 -11.19 -22.61
N GLY C 113 -22.80 -11.10 -23.10
CA GLY C 113 -22.55 -10.64 -24.44
C GLY C 113 -23.18 -11.56 -25.48
N ALA C 114 -23.06 -12.87 -25.26
CA ALA C 114 -23.64 -13.87 -26.16
C ALA C 114 -25.15 -13.84 -26.04
N PHE C 115 -25.62 -13.64 -24.81
CA PHE C 115 -27.04 -13.56 -24.54
C PHE C 115 -27.69 -12.39 -25.28
N LEU C 116 -27.07 -11.21 -25.22
CA LEU C 116 -27.65 -10.06 -25.91
C LEU C 116 -27.55 -10.20 -27.43
N LEU C 117 -26.48 -10.84 -27.91
CA LEU C 117 -26.32 -11.11 -29.34
C LEU C 117 -27.47 -11.93 -29.94
N THR C 118 -27.81 -13.02 -29.26
CA THR C 118 -28.84 -13.94 -29.74
C THR C 118 -30.21 -13.34 -29.52
N ALA C 119 -30.25 -12.29 -28.70
CA ALA C 119 -31.51 -11.60 -28.41
C ALA C 119 -31.91 -10.62 -29.51
N GLY C 120 -31.08 -10.47 -30.53
CA GLY C 120 -31.39 -9.56 -31.64
C GLY C 120 -32.59 -10.06 -32.43
N ALA C 121 -33.10 -9.20 -33.32
CA ALA C 121 -34.24 -9.54 -34.17
C ALA C 121 -33.98 -10.76 -35.03
N LYS C 122 -34.93 -11.71 -35.05
CA LYS C 122 -34.77 -12.92 -35.88
C LYS C 122 -34.40 -12.60 -37.32
N GLY C 123 -33.37 -13.28 -37.82
CA GLY C 123 -32.90 -13.04 -39.17
C GLY C 123 -31.86 -11.93 -39.26
N LYS C 124 -31.70 -11.15 -38.19
CA LYS C 124 -30.78 -10.00 -38.25
C LYS C 124 -29.66 -10.06 -37.19
N ARG C 125 -29.31 -11.28 -36.77
CA ARG C 125 -28.24 -11.50 -35.82
C ARG C 125 -27.06 -12.07 -36.59
N PHE C 126 -25.91 -11.42 -36.45
CA PHE C 126 -24.75 -11.78 -37.27
C PHE C 126 -23.48 -12.01 -36.45
N CYS C 127 -22.62 -12.86 -36.99
CA CYS C 127 -21.25 -12.98 -36.51
C CYS C 127 -20.35 -12.53 -37.64
N LEU C 128 -19.28 -11.81 -37.30
CA LEU C 128 -18.20 -11.58 -38.26
C LEU C 128 -17.42 -12.88 -38.35
N PRO C 129 -16.72 -13.12 -39.48
CA PRO C 129 -16.16 -14.45 -39.76
C PRO C 129 -15.24 -14.98 -38.68
N ASN C 130 -14.49 -14.11 -38.02
CA ASN C 130 -13.52 -14.61 -37.07
C ASN C 130 -13.87 -14.22 -35.64
N SER C 131 -15.13 -13.88 -35.41
CA SER C 131 -15.59 -13.61 -34.06
C SER C 131 -15.83 -14.94 -33.36
N ARG C 132 -15.89 -14.92 -32.05
CA ARG C 132 -16.23 -16.14 -31.32
C ARG C 132 -17.30 -15.84 -30.29
N VAL C 133 -18.06 -16.85 -29.93
CA VAL C 133 -19.15 -16.72 -28.97
C VAL C 133 -18.90 -17.71 -27.83
N MET C 134 -19.24 -17.34 -26.61
CA MET C 134 -19.11 -18.28 -25.51
C MET C 134 -20.31 -18.19 -24.60
N ILE C 135 -20.84 -19.36 -24.22
CA ILE C 135 -21.97 -19.40 -23.32
C ILE C 135 -21.62 -20.22 -22.10
N HIS C 136 -22.25 -19.89 -20.99
CA HIS C 136 -22.09 -20.60 -19.73
C HIS C 136 -23.21 -20.27 -18.76
N GLN C 137 -23.17 -20.84 -17.58
CA GLN C 137 -24.14 -20.50 -16.54
C GLN C 137 -23.69 -19.28 -15.70
N PRO C 138 -24.60 -18.70 -14.92
CA PRO C 138 -24.23 -17.55 -14.07
C PRO C 138 -23.21 -17.87 -13.00
N LEU C 139 -22.43 -16.85 -12.66
CA LEU C 139 -21.50 -16.90 -11.55
C LEU C 139 -21.98 -15.94 -10.49
N GLY C 140 -21.68 -16.25 -9.23
CA GLY C 140 -22.11 -15.37 -8.16
C GLY C 140 -21.32 -15.62 -6.89
N GLY C 141 -21.77 -15.02 -5.82
CA GLY C 141 -21.09 -15.17 -4.57
C GLY C 141 -21.81 -14.43 -3.48
N TYR C 142 -21.86 -15.07 -2.33
CA TYR C 142 -22.46 -14.44 -1.17
C TYR C 142 -21.62 -14.79 0.05
N GLN C 143 -21.83 -14.01 1.09
CA GLN C 143 -21.18 -14.14 2.38
C GLN C 143 -22.19 -13.81 3.46
N GLY C 144 -22.33 -14.65 4.48
CA GLY C 144 -23.26 -14.35 5.55
C GLY C 144 -23.81 -15.57 6.29
N GLN C 145 -24.91 -15.38 7.01
CA GLN C 145 -25.57 -16.47 7.73
C GLN C 145 -26.12 -17.51 6.76
N ALA C 146 -26.17 -18.77 7.21
CA ALA C 146 -26.70 -19.86 6.39
C ALA C 146 -28.09 -19.55 5.83
N THR C 147 -28.97 -18.98 6.65
CA THR C 147 -30.30 -18.60 6.15
C THR C 147 -30.23 -17.64 4.96
N ASP C 148 -29.34 -16.66 5.03
CA ASP C 148 -29.20 -15.72 3.94
C ASP C 148 -28.52 -16.34 2.74
N ILE C 149 -27.54 -17.20 3.00
CA ILE C 149 -26.86 -17.94 1.93
C ILE C 149 -27.90 -18.71 1.11
N GLU C 150 -28.81 -19.35 1.82
CA GLU C 150 -29.87 -20.08 1.14
C GLU C 150 -30.75 -19.17 0.29
N ILE C 151 -31.13 -18.00 0.82
CA ILE C 151 -31.94 -17.04 0.06
C ILE C 151 -31.23 -16.65 -1.22
N HIS C 152 -29.95 -16.32 -1.11
CA HIS C 152 -29.24 -15.87 -2.30
C HIS C 152 -28.89 -16.99 -3.25
N ALA C 153 -28.68 -18.20 -2.72
CA ALA C 153 -28.45 -19.33 -3.60
C ALA C 153 -29.69 -19.65 -4.43
N ARG C 154 -30.87 -19.67 -3.81
CA ARG C 154 -32.09 -19.96 -4.57
C ARG C 154 -32.31 -18.86 -5.63
N GLU C 155 -31.99 -17.60 -5.30
CA GLU C 155 -32.15 -16.52 -6.28
C GLU C 155 -31.25 -16.71 -7.51
N ILE C 156 -29.96 -17.01 -7.33
CA ILE C 156 -29.15 -17.14 -8.54
C ILE C 156 -29.54 -18.41 -9.33
N LEU C 157 -30.04 -19.42 -8.65
CA LEU C 157 -30.54 -20.61 -9.36
C LEU C 157 -31.78 -20.26 -10.19
N LYS C 158 -32.65 -19.40 -9.64
CA LYS C 158 -33.83 -18.94 -10.38
C LYS C 158 -33.41 -18.13 -11.61
N VAL C 159 -32.42 -17.26 -11.44
CA VAL C 159 -31.89 -16.47 -12.55
C VAL C 159 -31.31 -17.39 -13.64
N LYS C 160 -30.55 -18.39 -13.22
CA LYS C 160 -29.98 -19.38 -14.16
C LYS C 160 -31.05 -20.04 -15.03
N GLY C 161 -32.14 -20.46 -14.40
CA GLY C 161 -33.27 -21.06 -15.11
C GLY C 161 -33.89 -20.11 -16.13
N ARG C 162 -34.11 -18.85 -15.73
CA ARG C 162 -34.69 -17.87 -16.63
C ARG C 162 -33.79 -17.66 -17.85
N MET C 163 -32.49 -17.56 -17.61
CA MET C 163 -31.54 -17.33 -18.68
C MET C 163 -31.54 -18.53 -19.67
N ASN C 164 -31.62 -19.72 -19.11
CA ASN C 164 -31.65 -20.93 -19.92
C ASN C 164 -32.92 -20.99 -20.79
N GLU C 165 -34.04 -20.58 -20.22
CA GLU C 165 -35.29 -20.52 -20.97
C GLU C 165 -35.20 -19.52 -22.14
N LEU C 166 -34.68 -18.34 -21.86
CA LEU C 166 -34.57 -17.31 -22.90
C LEU C 166 -33.58 -17.72 -23.98
N MET C 167 -32.49 -18.34 -23.56
CA MET C 167 -31.53 -18.83 -24.52
C MET C 167 -32.16 -19.89 -25.42
N ALA C 168 -32.90 -20.81 -24.81
CA ALA C 168 -33.61 -21.86 -25.54
C ALA C 168 -34.59 -21.25 -26.56
N LEU C 169 -35.36 -20.28 -26.10
CA LEU C 169 -36.31 -19.52 -26.92
C LEU C 169 -35.63 -18.87 -28.13
N HIS C 170 -34.53 -18.16 -27.88
CA HIS C 170 -33.89 -17.42 -28.97
C HIS C 170 -33.07 -18.29 -29.93
N THR C 171 -32.52 -19.42 -29.46
CA THR C 171 -31.69 -20.24 -30.33
C THR C 171 -32.45 -21.28 -31.12
N GLY C 172 -33.57 -21.73 -30.56
CA GLY C 172 -34.30 -22.86 -31.15
C GLY C 172 -33.86 -24.18 -30.51
N GLN C 173 -32.88 -24.12 -29.62
CA GLN C 173 -32.46 -25.30 -28.89
C GLN C 173 -33.51 -25.60 -27.82
N SER C 174 -33.61 -26.85 -27.37
CA SER C 174 -34.50 -27.18 -26.24
C SER C 174 -33.91 -26.68 -24.94
N LEU C 175 -34.77 -26.48 -23.94
CA LEU C 175 -34.30 -26.09 -22.62
C LEU C 175 -33.25 -27.07 -22.08
N GLU C 176 -33.51 -28.37 -22.27
CA GLU C 176 -32.61 -29.38 -21.76
C GLU C 176 -31.24 -29.35 -22.44
N GLN C 177 -31.23 -29.02 -23.71
CA GLN C 177 -29.99 -28.89 -24.45
C GLN C 177 -29.16 -27.69 -23.97
N ILE C 178 -29.82 -26.55 -23.78
CA ILE C 178 -29.14 -25.36 -23.27
C ILE C 178 -28.55 -25.66 -21.89
N GLU C 179 -29.36 -26.29 -21.04
CA GLU C 179 -28.90 -26.64 -19.69
C GLU C 179 -27.62 -27.47 -19.71
N ARG C 180 -27.60 -28.52 -20.54
CA ARG C 180 -26.43 -29.39 -20.64
C ARG C 180 -25.22 -28.63 -21.15
N ASP C 181 -25.45 -27.80 -22.16
CA ASP C 181 -24.34 -27.16 -22.87
C ASP C 181 -23.76 -25.96 -22.11
N THR C 182 -24.45 -25.49 -21.08
CA THR C 182 -23.97 -24.29 -20.40
C THR C 182 -23.49 -24.55 -18.98
N GLU C 183 -23.40 -25.82 -18.59
CA GLU C 183 -22.88 -26.13 -17.26
C GLU C 183 -21.44 -25.66 -17.09
N ARG C 184 -20.69 -25.73 -18.18
CA ARG C 184 -19.32 -25.22 -18.22
C ARG C 184 -19.18 -24.35 -19.45
N ASP C 185 -18.14 -23.51 -19.46
CA ASP C 185 -17.88 -22.62 -20.59
C ASP C 185 -17.92 -23.38 -21.90
N ARG C 186 -18.69 -22.87 -22.85
CA ARG C 186 -18.77 -23.44 -24.18
C ARG C 186 -18.44 -22.40 -25.24
N PHE C 187 -17.35 -22.62 -25.97
CA PHE C 187 -16.91 -21.74 -27.04
C PHE C 187 -17.45 -22.16 -28.41
N LEU C 188 -17.85 -21.20 -29.22
CA LEU C 188 -18.32 -21.47 -30.59
C LEU C 188 -17.65 -20.56 -31.61
N SER C 189 -17.20 -21.12 -32.73
CA SER C 189 -16.77 -20.30 -33.86
C SER C 189 -18.03 -19.65 -34.46
N ALA C 190 -17.85 -18.75 -35.42
CA ALA C 190 -19.01 -18.16 -36.07
C ALA C 190 -19.88 -19.24 -36.80
N PRO C 191 -19.25 -20.17 -37.56
CA PRO C 191 -20.12 -21.19 -38.18
C PRO C 191 -20.87 -22.01 -37.13
N GLU C 192 -20.20 -22.35 -36.04
CA GLU C 192 -20.86 -23.11 -34.99
C GLU C 192 -21.99 -22.32 -34.35
N ALA C 193 -21.84 -20.99 -34.26
CA ALA C 193 -22.89 -20.16 -33.66
C ALA C 193 -24.12 -20.10 -34.56
N VAL C 194 -23.90 -20.08 -35.87
CA VAL C 194 -25.00 -20.16 -36.82
C VAL C 194 -25.66 -21.52 -36.68
N GLU C 195 -24.86 -22.56 -36.66
CA GLU C 195 -25.41 -23.92 -36.56
C GLU C 195 -26.15 -24.10 -35.24
N TYR C 196 -25.68 -23.42 -34.19
CA TYR C 196 -26.33 -23.52 -32.88
C TYR C 196 -27.62 -22.71 -32.77
N GLY C 197 -27.80 -21.73 -33.65
CA GLY C 197 -28.98 -20.87 -33.59
C GLY C 197 -28.76 -19.58 -32.81
N LEU C 198 -27.52 -19.35 -32.40
CA LEU C 198 -27.19 -18.13 -31.65
C LEU C 198 -27.30 -16.91 -32.53
N VAL C 199 -26.79 -17.01 -33.75
CA VAL C 199 -26.98 -15.96 -34.74
C VAL C 199 -27.56 -16.61 -36.01
N ASP C 200 -28.03 -15.78 -36.93
CA ASP C 200 -28.67 -16.25 -38.16
C ASP C 200 -27.70 -16.45 -39.30
N SER C 201 -26.66 -15.63 -39.36
CA SER C 201 -25.70 -15.78 -40.44
C SER C 201 -24.35 -15.14 -40.12
N ILE C 202 -23.40 -15.33 -41.03
CA ILE C 202 -22.08 -14.72 -40.91
C ILE C 202 -22.00 -13.56 -41.88
N LEU C 203 -21.56 -12.40 -41.41
CA LEU C 203 -21.29 -11.30 -42.33
C LEU C 203 -19.84 -11.36 -42.75
N THR C 204 -19.57 -11.42 -44.06
CA THR C 204 -18.18 -11.48 -44.50
C THR C 204 -17.79 -10.23 -45.28
N HIS C 205 -18.60 -9.88 -46.27
CA HIS C 205 -18.34 -8.67 -47.06
C HIS C 205 -19.61 -7.85 -47.25
N ARG C 206 -19.48 -6.55 -47.00
CA ARG C 206 -20.46 -5.55 -47.37
C ARG C 206 -21.14 -5.85 -48.70
N ASN C 207 -22.46 -5.86 -48.71
CA ASN C 207 -23.26 -6.23 -49.88
C ASN C 207 -22.81 -5.54 -51.17
N VAL D 17 -22.22 10.33 -22.60
CA VAL D 17 -21.15 10.62 -23.54
C VAL D 17 -21.62 10.91 -24.98
N PRO D 18 -22.58 10.11 -25.52
CA PRO D 18 -22.96 10.41 -26.91
C PRO D 18 -23.63 11.77 -27.09
N MET D 19 -23.21 12.48 -28.13
CA MET D 19 -23.73 13.79 -28.49
C MET D 19 -24.57 13.72 -29.76
N VAL D 20 -25.38 14.75 -29.99
CA VAL D 20 -26.23 14.81 -31.18
C VAL D 20 -26.04 16.11 -31.96
N GLU D 28 -26.55 25.92 -35.14
CA GLU D 28 -26.37 24.57 -34.63
C GLU D 28 -26.34 24.51 -33.11
N ARG D 29 -26.50 23.31 -32.56
CA ARG D 29 -26.49 23.11 -31.13
C ARG D 29 -25.93 21.73 -30.81
N SER D 30 -25.36 21.56 -29.63
CA SER D 30 -24.93 20.24 -29.20
C SER D 30 -25.53 19.90 -27.84
N PHE D 31 -25.79 18.62 -27.61
CA PHE D 31 -26.49 18.15 -26.42
C PHE D 31 -26.16 16.68 -26.19
N ASP D 32 -25.82 16.33 -24.95
CA ASP D 32 -25.61 14.93 -24.61
C ASP D 32 -26.94 14.18 -24.60
N ILE D 33 -26.88 12.89 -24.89
CA ILE D 33 -28.08 12.08 -25.06
C ILE D 33 -28.99 12.04 -23.82
N TYR D 34 -28.41 12.15 -22.63
CA TYR D 34 -29.23 12.18 -21.42
C TYR D 34 -30.00 13.47 -21.36
N SER D 35 -29.36 14.56 -21.80
CA SER D 35 -30.03 15.84 -21.86
C SER D 35 -31.15 15.77 -22.91
N ARG D 36 -30.89 15.04 -23.99
CA ARG D 36 -31.90 14.87 -25.02
C ARG D 36 -33.12 14.16 -24.42
N LEU D 37 -32.90 13.08 -23.67
CA LEU D 37 -34.00 12.34 -23.05
C LEU D 37 -34.69 13.10 -21.94
N LEU D 38 -33.95 13.97 -21.27
CA LEU D 38 -34.56 14.76 -20.19
C LEU D 38 -35.63 15.70 -20.73
N LYS D 39 -35.45 16.20 -21.95
CA LYS D 39 -36.41 17.14 -22.54
C LYS D 39 -37.76 16.45 -22.85
N GLU D 40 -37.76 15.12 -22.80
CA GLU D 40 -38.97 14.32 -22.95
C GLU D 40 -39.41 13.69 -21.67
N ARG D 41 -38.98 14.32 -20.59
CA ARG D 41 -39.40 14.02 -19.24
C ARG D 41 -38.97 12.63 -18.75
N VAL D 42 -37.81 12.19 -19.24
CA VAL D 42 -37.20 10.94 -18.80
C VAL D 42 -35.97 11.21 -17.92
N ILE D 43 -35.99 10.66 -16.72
CA ILE D 43 -34.90 10.77 -15.78
C ILE D 43 -34.39 9.37 -15.48
N PHE D 44 -33.07 9.21 -15.41
CA PHE D 44 -32.50 7.90 -15.07
C PHE D 44 -31.94 7.91 -13.65
N LEU D 45 -32.35 6.92 -12.85
CA LEU D 45 -31.75 6.64 -11.55
C LEU D 45 -30.97 5.33 -11.69
N THR D 46 -29.64 5.45 -11.70
CA THR D 46 -28.81 4.29 -11.97
C THR D 46 -27.76 4.15 -10.90
N GLY D 47 -27.62 2.93 -10.38
CA GLY D 47 -26.60 2.66 -9.38
C GLY D 47 -27.01 3.01 -7.96
N GLN D 48 -26.00 3.08 -7.13
CA GLN D 48 -26.08 3.23 -5.68
C GLN D 48 -26.75 4.57 -5.34
N VAL D 49 -27.72 4.58 -4.42
CA VAL D 49 -28.38 5.83 -4.06
C VAL D 49 -27.52 6.59 -3.05
N GLU D 50 -27.11 7.81 -3.39
CA GLU D 50 -26.31 8.61 -2.46
C GLU D 50 -26.66 10.10 -2.68
N ASP D 51 -26.22 10.96 -1.76
CA ASP D 51 -26.66 12.36 -1.73
C ASP D 51 -26.57 13.08 -3.06
N HIS D 52 -25.45 12.98 -3.75
CA HIS D 52 -25.24 13.81 -4.93
C HIS D 52 -26.01 13.32 -6.17
N MET D 53 -25.98 12.01 -6.43
CA MET D 53 -26.76 11.50 -7.55
C MET D 53 -28.25 11.76 -7.26
N ALA D 54 -28.61 11.72 -5.98
CA ALA D 54 -29.98 11.99 -5.59
C ALA D 54 -30.30 13.46 -5.82
N ASN D 55 -29.33 14.35 -5.57
CA ASN D 55 -29.56 15.77 -5.76
C ASN D 55 -29.94 16.05 -7.20
N LEU D 56 -29.19 15.40 -8.07
CA LEU D 56 -29.35 15.53 -9.49
C LEU D 56 -30.75 15.11 -9.93
N ILE D 57 -31.25 14.02 -9.36
CA ILE D 57 -32.58 13.55 -9.69
C ILE D 57 -33.62 14.56 -9.18
N VAL D 58 -33.46 15.02 -7.95
CA VAL D 58 -34.38 16.03 -7.42
C VAL D 58 -34.42 17.25 -8.32
N ALA D 59 -33.24 17.70 -8.75
CA ALA D 59 -33.13 18.87 -9.60
C ALA D 59 -33.81 18.67 -10.95
N GLN D 60 -33.66 17.49 -11.54
CA GLN D 60 -34.30 17.19 -12.81
C GLN D 60 -35.82 17.19 -12.68
N MET D 61 -36.32 16.68 -11.55
CA MET D 61 -37.77 16.65 -11.31
C MET D 61 -38.35 18.04 -11.21
N LEU D 62 -37.63 18.94 -10.56
CA LEU D 62 -38.05 20.33 -10.44
C LEU D 62 -38.11 21.02 -11.78
N PHE D 63 -37.05 20.83 -12.56
CA PHE D 63 -36.98 21.39 -13.89
C PHE D 63 -38.15 20.93 -14.73
N LEU D 64 -38.44 19.64 -14.65
CA LEU D 64 -39.52 19.08 -15.45
C LEU D 64 -40.88 19.62 -15.04
N GLU D 65 -41.11 19.76 -13.73
CA GLU D 65 -42.36 20.31 -13.24
C GLU D 65 -42.58 21.74 -13.80
N ALA D 66 -41.53 22.56 -13.77
CA ALA D 66 -41.61 23.92 -14.30
C ALA D 66 -41.95 23.92 -15.78
N GLU D 67 -41.30 23.04 -16.54
CA GLU D 67 -41.48 22.96 -17.98
C GLU D 67 -42.93 22.60 -18.34
N ASN D 68 -43.56 21.81 -17.47
CA ASN D 68 -44.95 21.37 -17.64
C ASN D 68 -45.43 20.67 -16.38
N PRO D 69 -46.20 21.37 -15.54
CA PRO D 69 -46.67 20.79 -14.27
C PRO D 69 -47.73 19.71 -14.44
N GLU D 70 -48.21 19.49 -15.66
CA GLU D 70 -49.29 18.51 -15.84
C GLU D 70 -48.84 17.18 -16.43
N LYS D 71 -47.76 17.18 -17.20
CA LYS D 71 -47.37 15.98 -17.92
C LYS D 71 -46.54 15.05 -17.03
N ASP D 72 -46.74 13.74 -17.22
CA ASP D 72 -46.06 12.72 -16.43
C ASP D 72 -44.55 12.85 -16.50
N ILE D 73 -43.87 12.44 -15.43
CA ILE D 73 -42.41 12.34 -15.47
C ILE D 73 -42.10 10.85 -15.37
N TYR D 74 -41.12 10.40 -16.17
CA TYR D 74 -40.74 9.00 -16.19
C TYR D 74 -39.38 8.81 -15.55
N LEU D 75 -39.36 8.05 -14.47
CA LEU D 75 -38.14 7.76 -13.74
C LEU D 75 -37.74 6.32 -13.96
N TYR D 76 -36.72 6.11 -14.78
CA TYR D 76 -36.17 4.76 -14.91
C TYR D 76 -35.30 4.42 -13.72
N ILE D 77 -35.49 3.23 -13.16
CA ILE D 77 -34.75 2.81 -11.97
C ILE D 77 -33.97 1.54 -12.24
N ASN D 78 -32.65 1.61 -12.06
CA ASN D 78 -31.78 0.43 -12.10
C ASN D 78 -30.77 0.56 -10.96
N SER D 79 -31.10 0.02 -9.80
CA SER D 79 -30.30 0.33 -8.61
C SER D 79 -30.29 -0.78 -7.59
N PRO D 80 -29.11 -1.01 -6.96
CA PRO D 80 -29.00 -2.02 -5.91
C PRO D 80 -29.45 -1.50 -4.57
N GLY D 81 -29.81 -0.21 -4.51
CA GLY D 81 -30.21 0.40 -3.27
C GLY D 81 -29.24 1.52 -2.88
N GLY D 82 -29.16 1.80 -1.59
CA GLY D 82 -28.26 2.84 -1.10
C GLY D 82 -28.71 3.46 0.20
N VAL D 83 -28.28 4.71 0.39
CA VAL D 83 -28.49 5.47 1.62
C VAL D 83 -29.93 5.92 1.76
N ILE D 84 -30.55 5.66 2.91
CA ILE D 84 -31.99 5.93 3.09
C ILE D 84 -32.31 7.45 3.04
N THR D 85 -31.58 8.27 3.78
CA THR D 85 -31.90 9.71 3.77
C THR D 85 -31.77 10.28 2.36
N ALA D 86 -30.79 9.82 1.59
CA ALA D 86 -30.64 10.26 0.22
C ALA D 86 -31.86 9.88 -0.62
N GLY D 87 -32.31 8.64 -0.45
CA GLY D 87 -33.47 8.16 -1.16
C GLY D 87 -34.71 8.95 -0.79
N MET D 88 -34.82 9.31 0.48
CA MET D 88 -36.00 10.04 0.96
C MET D 88 -36.08 11.47 0.40
N SER D 89 -34.94 12.03 0.00
CA SER D 89 -34.94 13.33 -0.65
C SER D 89 -35.62 13.20 -2.00
N ILE D 90 -35.40 12.06 -2.66
CA ILE D 90 -36.09 11.80 -3.91
C ILE D 90 -37.57 11.52 -3.64
N TYR D 91 -37.83 10.65 -2.66
CA TYR D 91 -39.21 10.29 -2.31
C TYR D 91 -40.09 11.53 -2.01
N ASP D 92 -39.64 12.39 -1.10
CA ASP D 92 -40.46 13.53 -0.72
C ASP D 92 -40.64 14.47 -1.89
N THR D 93 -39.63 14.55 -2.74
CA THR D 93 -39.72 15.36 -3.94
C THR D 93 -40.73 14.77 -4.93
N MET D 94 -40.71 13.45 -5.09
CA MET D 94 -41.69 12.79 -5.96
C MET D 94 -43.11 13.12 -5.52
N GLN D 95 -43.32 13.12 -4.21
CA GLN D 95 -44.64 13.35 -3.66
C GLN D 95 -45.03 14.84 -3.73
N PHE D 96 -44.06 15.73 -3.55
CA PHE D 96 -44.35 17.17 -3.48
C PHE D 96 -44.79 17.76 -4.82
N ILE D 97 -44.06 17.45 -5.87
CA ILE D 97 -44.32 18.07 -7.18
C ILE D 97 -45.69 17.67 -7.77
N LYS D 98 -46.20 18.49 -8.67
CA LYS D 98 -47.50 18.24 -9.27
C LYS D 98 -47.58 17.09 -10.30
N PRO D 99 -46.58 16.98 -11.21
CA PRO D 99 -46.73 15.91 -12.20
C PRO D 99 -46.70 14.53 -11.56
N ASP D 100 -47.41 13.55 -12.15
CA ASP D 100 -47.23 12.16 -11.74
C ASP D 100 -45.82 11.75 -12.10
N VAL D 101 -45.17 11.01 -11.20
CA VAL D 101 -43.90 10.40 -11.54
C VAL D 101 -44.14 8.91 -11.77
N SER D 102 -44.10 8.51 -13.03
CA SER D 102 -44.23 7.13 -13.43
C SER D 102 -42.87 6.47 -13.19
N THR D 103 -42.86 5.30 -12.57
CA THR D 103 -41.61 4.60 -12.32
C THR D 103 -41.50 3.33 -13.15
N ILE D 104 -40.31 3.10 -13.67
CA ILE D 104 -40.04 1.97 -14.55
C ILE D 104 -38.78 1.24 -14.11
N CYS D 105 -38.93 -0.02 -13.71
CA CYS D 105 -37.76 -0.79 -13.27
C CYS D 105 -37.12 -1.50 -14.45
N MET D 106 -35.85 -1.23 -14.67
CA MET D 106 -35.11 -2.00 -15.65
C MET D 106 -33.86 -2.60 -15.00
N GLY D 107 -33.61 -3.88 -15.24
CA GLY D 107 -32.51 -4.56 -14.58
C GLY D 107 -32.87 -4.98 -13.16
N GLN D 108 -32.70 -4.07 -12.22
CA GLN D 108 -33.12 -4.35 -10.86
C GLN D 108 -33.49 -3.12 -10.07
N ALA D 109 -34.32 -3.31 -9.06
CA ALA D 109 -34.59 -2.28 -8.07
C ALA D 109 -34.58 -2.93 -6.70
N ALA D 110 -33.48 -2.74 -5.98
CA ALA D 110 -33.31 -3.39 -4.69
C ALA D 110 -33.25 -2.38 -3.57
N SER D 111 -33.72 -2.80 -2.39
CA SER D 111 -33.73 -1.97 -1.19
C SER D 111 -34.33 -0.60 -1.50
N MET D 112 -33.56 0.47 -1.29
CA MET D 112 -34.07 1.80 -1.55
C MET D 112 -34.52 1.99 -3.01
N GLY D 113 -33.87 1.29 -3.95
CA GLY D 113 -34.31 1.30 -5.34
C GLY D 113 -35.74 0.75 -5.45
N ALA D 114 -36.03 -0.31 -4.69
CA ALA D 114 -37.38 -0.87 -4.71
C ALA D 114 -38.39 0.09 -4.07
N PHE D 115 -37.99 0.77 -3.00
CA PHE D 115 -38.85 1.72 -2.31
C PHE D 115 -39.28 2.85 -3.23
N LEU D 116 -38.31 3.42 -3.95
CA LEU D 116 -38.57 4.52 -4.85
C LEU D 116 -39.40 4.04 -6.05
N LEU D 117 -39.21 2.80 -6.47
CA LEU D 117 -40.02 2.25 -7.55
C LEU D 117 -41.49 2.25 -7.14
N THR D 118 -41.76 1.73 -5.96
CA THR D 118 -43.13 1.57 -5.52
C THR D 118 -43.74 2.88 -5.09
N ALA D 119 -42.89 3.90 -4.91
CA ALA D 119 -43.33 5.23 -4.51
C ALA D 119 -43.90 6.01 -5.69
N GLY D 120 -43.81 5.44 -6.89
CA GLY D 120 -44.33 6.11 -8.08
C GLY D 120 -45.84 6.31 -8.06
N ALA D 121 -46.35 7.09 -9.00
CA ALA D 121 -47.79 7.34 -9.08
C ALA D 121 -48.55 6.01 -9.29
N LYS D 122 -49.55 5.78 -8.46
CA LYS D 122 -50.38 4.59 -8.55
C LYS D 122 -50.93 4.38 -9.96
N GLY D 123 -50.78 3.16 -10.49
CA GLY D 123 -51.23 2.88 -11.84
C GLY D 123 -50.15 3.17 -12.85
N LYS D 124 -49.10 3.86 -12.41
CA LYS D 124 -48.03 4.24 -13.33
C LYS D 124 -46.63 3.73 -12.91
N ARG D 125 -46.61 2.60 -12.18
CA ARG D 125 -45.39 1.92 -11.77
C ARG D 125 -45.24 0.63 -12.55
N PHE D 126 -44.10 0.46 -13.22
CA PHE D 126 -43.92 -0.66 -14.12
C PHE D 126 -42.63 -1.44 -13.89
N CYS D 127 -42.67 -2.73 -14.22
CA CYS D 127 -41.48 -3.57 -14.34
C CYS D 127 -41.32 -3.99 -15.79
N LEU D 128 -40.08 -4.00 -16.27
CA LEU D 128 -39.82 -4.72 -17.52
C LEU D 128 -39.85 -6.22 -17.21
N PRO D 129 -40.15 -7.06 -18.23
CA PRO D 129 -40.49 -8.46 -17.96
C PRO D 129 -39.42 -9.20 -17.16
N ASN D 130 -38.16 -8.87 -17.41
CA ASN D 130 -37.07 -9.61 -16.78
C ASN D 130 -36.30 -8.81 -15.75
N SER D 131 -36.92 -7.75 -15.23
CA SER D 131 -36.30 -7.02 -14.15
C SER D 131 -36.62 -7.76 -12.87
N ARG D 132 -35.87 -7.47 -11.83
CA ARG D 132 -36.14 -8.07 -10.54
C ARG D 132 -36.16 -7.01 -9.44
N VAL D 133 -36.89 -7.32 -8.39
CA VAL D 133 -37.06 -6.42 -7.26
C VAL D 133 -36.60 -7.10 -5.98
N MET D 134 -35.96 -6.36 -5.08
CA MET D 134 -35.60 -6.94 -3.79
C MET D 134 -35.92 -5.96 -2.67
N ILE D 135 -36.53 -6.49 -1.61
CA ILE D 135 -36.87 -5.67 -0.45
C ILE D 135 -36.26 -6.24 0.82
N HIS D 136 -35.88 -5.34 1.73
CA HIS D 136 -35.33 -5.77 3.01
C HIS D 136 -35.36 -4.62 4.02
N GLN D 137 -34.92 -4.90 5.23
CA GLN D 137 -34.84 -3.90 6.28
C GLN D 137 -33.55 -3.06 6.26
N PRO D 138 -33.54 -1.92 6.98
CA PRO D 138 -32.33 -1.10 6.98
C PRO D 138 -31.11 -1.80 7.58
N LEU D 139 -29.94 -1.44 7.07
CA LEU D 139 -28.67 -1.82 7.69
C LEU D 139 -27.98 -0.57 8.19
N GLY D 140 -27.19 -0.71 9.25
CA GLY D 140 -26.48 0.41 9.82
C GLY D 140 -25.34 -0.05 10.69
N GLY D 141 -24.79 0.88 11.46
CA GLY D 141 -23.70 0.53 12.31
C GLY D 141 -23.24 1.73 13.11
N TYR D 142 -22.90 1.51 14.36
CA TYR D 142 -22.36 2.57 15.18
C TYR D 142 -21.23 2.03 16.04
N GLN D 143 -20.42 2.93 16.57
CA GLN D 143 -19.37 2.51 17.46
C GLN D 143 -19.20 3.63 18.47
N GLY D 144 -19.11 3.28 19.74
CA GLY D 144 -18.92 4.32 20.75
C GLY D 144 -19.46 3.86 22.08
N GLN D 145 -19.77 4.82 22.95
CA GLN D 145 -20.30 4.53 24.28
C GLN D 145 -21.63 3.85 24.19
N ALA D 146 -21.90 2.98 25.16
CA ALA D 146 -23.18 2.30 25.28
C ALA D 146 -24.35 3.28 25.21
N THR D 147 -24.22 4.43 25.86
CA THR D 147 -25.29 5.44 25.82
C THR D 147 -25.58 5.89 24.40
N ASP D 148 -24.52 6.13 23.62
CA ASP D 148 -24.70 6.55 22.24
C ASP D 148 -25.18 5.42 21.36
N ILE D 149 -24.70 4.21 21.64
CA ILE D 149 -25.17 3.01 20.94
C ILE D 149 -26.69 2.90 21.09
N GLU D 150 -27.20 3.14 22.28
CA GLU D 150 -28.64 3.07 22.49
C GLU D 150 -29.38 4.15 21.66
N ILE D 151 -28.84 5.38 21.64
CA ILE D 151 -29.45 6.46 20.85
C ILE D 151 -29.51 6.12 19.37
N HIS D 152 -28.41 5.61 18.85
CA HIS D 152 -28.38 5.30 17.43
C HIS D 152 -29.16 4.03 17.09
N ALA D 153 -29.22 3.08 18.02
CA ALA D 153 -30.03 1.89 17.78
C ALA D 153 -31.51 2.27 17.75
N ARG D 154 -31.92 3.09 18.70
CA ARG D 154 -33.32 3.53 18.75
C ARG D 154 -33.69 4.27 17.47
N GLU D 155 -32.78 5.07 16.94
CA GLU D 155 -33.01 5.80 15.71
C GLU D 155 -33.17 4.92 14.47
N ILE D 156 -32.29 3.93 14.28
CA ILE D 156 -32.42 3.11 13.09
C ILE D 156 -33.70 2.30 13.19
N LEU D 157 -34.13 1.99 14.40
CA LEU D 157 -35.40 1.29 14.58
C LEU D 157 -36.60 2.15 14.17
N LYS D 158 -36.54 3.44 14.45
CA LYS D 158 -37.57 4.36 13.99
C LYS D 158 -37.60 4.46 12.48
N VAL D 159 -36.44 4.51 11.85
CA VAL D 159 -36.40 4.59 10.39
C VAL D 159 -37.02 3.30 9.79
N LYS D 160 -36.64 2.16 10.35
CA LYS D 160 -37.16 0.87 9.90
C LYS D 160 -38.69 0.86 9.97
N GLY D 161 -39.24 1.31 11.10
CA GLY D 161 -40.68 1.40 11.29
C GLY D 161 -41.37 2.28 10.26
N ARG D 162 -40.79 3.47 10.02
CA ARG D 162 -41.31 4.39 9.02
C ARG D 162 -41.23 3.84 7.62
N MET D 163 -40.10 3.22 7.29
CA MET D 163 -39.95 2.66 5.96
C MET D 163 -40.99 1.55 5.75
N ASN D 164 -41.24 0.76 6.78
CA ASN D 164 -42.24 -0.30 6.69
C ASN D 164 -43.65 0.28 6.53
N GLU D 165 -43.95 1.38 7.23
CA GLU D 165 -45.26 2.03 7.10
C GLU D 165 -45.49 2.51 5.68
N LEU D 166 -44.49 3.17 5.12
CA LEU D 166 -44.62 3.71 3.78
C LEU D 166 -44.71 2.62 2.74
N MET D 167 -43.95 1.55 2.97
CA MET D 167 -43.99 0.41 2.06
C MET D 167 -45.38 -0.23 2.07
N ALA D 168 -45.94 -0.36 3.27
CA ALA D 168 -47.30 -0.85 3.46
C ALA D 168 -48.29 0.05 2.72
N LEU D 169 -48.12 1.36 2.87
CA LEU D 169 -48.96 2.34 2.21
C LEU D 169 -49.00 2.18 0.69
N HIS D 170 -47.83 2.10 0.05
CA HIS D 170 -47.77 2.06 -1.41
C HIS D 170 -48.09 0.69 -2.02
N THR D 171 -47.85 -0.38 -1.27
CA THR D 171 -48.10 -1.73 -1.82
C THR D 171 -49.52 -2.21 -1.55
N GLY D 172 -50.12 -1.70 -0.48
CA GLY D 172 -51.42 -2.17 -0.05
C GLY D 172 -51.29 -3.34 0.91
N GLN D 173 -50.06 -3.78 1.14
CA GLN D 173 -49.82 -4.86 2.07
C GLN D 173 -50.04 -4.31 3.47
N SER D 174 -50.31 -5.19 4.42
CA SER D 174 -50.44 -4.76 5.81
C SER D 174 -49.05 -4.42 6.35
N LEU D 175 -49.01 -3.60 7.40
CA LEU D 175 -47.76 -3.28 8.07
C LEU D 175 -47.09 -4.56 8.55
N GLU D 176 -47.89 -5.47 9.09
CA GLU D 176 -47.38 -6.72 9.62
C GLU D 176 -46.76 -7.62 8.57
N GLN D 177 -47.37 -7.64 7.39
CA GLN D 177 -46.86 -8.41 6.25
C GLN D 177 -45.55 -7.82 5.72
N ILE D 178 -45.48 -6.50 5.60
CA ILE D 178 -44.23 -5.88 5.16
C ILE D 178 -43.10 -6.23 6.12
N GLU D 179 -43.36 -6.05 7.41
CA GLU D 179 -42.38 -6.32 8.47
C GLU D 179 -41.86 -7.75 8.39
N ARG D 180 -42.77 -8.70 8.29
CA ARG D 180 -42.39 -10.09 8.13
C ARG D 180 -41.61 -10.35 6.85
N ASP D 181 -42.06 -9.75 5.75
CA ASP D 181 -41.44 -10.05 4.48
C ASP D 181 -40.09 -9.37 4.29
N THR D 182 -39.75 -8.40 5.16
CA THR D 182 -38.48 -7.65 4.98
C THR D 182 -37.41 -7.91 6.07
N GLU D 183 -37.65 -8.85 6.97
CA GLU D 183 -36.61 -9.19 7.97
C GLU D 183 -35.35 -9.70 7.27
N ARG D 184 -35.51 -10.40 6.15
CA ARG D 184 -34.37 -10.80 5.33
C ARG D 184 -34.63 -10.46 3.87
N ASP D 185 -33.58 -10.41 3.06
CA ASP D 185 -33.74 -10.12 1.63
C ASP D 185 -34.82 -10.96 0.98
N ARG D 186 -35.72 -10.30 0.26
CA ARG D 186 -36.76 -11.01 -0.48
C ARG D 186 -36.75 -10.58 -1.94
N PHE D 187 -36.47 -11.54 -2.81
CA PHE D 187 -36.44 -11.22 -4.23
C PHE D 187 -37.80 -11.46 -4.91
N LEU D 188 -38.17 -10.57 -5.82
CA LEU D 188 -39.42 -10.75 -6.56
C LEU D 188 -39.14 -10.60 -8.05
N SER D 189 -39.70 -11.53 -8.84
CA SER D 189 -39.74 -11.39 -10.29
C SER D 189 -40.71 -10.27 -10.65
N ALA D 190 -40.75 -9.89 -11.92
CA ALA D 190 -41.70 -8.87 -12.31
C ALA D 190 -43.17 -9.28 -12.03
N PRO D 191 -43.59 -10.52 -12.43
CA PRO D 191 -44.96 -10.93 -12.05
C PRO D 191 -45.23 -10.95 -10.54
N GLU D 192 -44.24 -11.37 -9.77
CA GLU D 192 -44.38 -11.36 -8.31
C GLU D 192 -44.48 -9.94 -7.73
N ALA D 193 -43.82 -8.98 -8.39
CA ALA D 193 -43.86 -7.59 -7.93
C ALA D 193 -45.25 -6.97 -8.17
N VAL D 194 -45.85 -7.32 -9.31
CA VAL D 194 -47.23 -6.90 -9.55
C VAL D 194 -48.15 -7.54 -8.51
N GLU D 195 -47.98 -8.84 -8.25
CA GLU D 195 -48.82 -9.54 -7.29
C GLU D 195 -48.71 -8.98 -5.88
N TYR D 196 -47.52 -8.56 -5.52
CA TYR D 196 -47.26 -8.03 -4.18
C TYR D 196 -47.79 -6.60 -4.05
N GLY D 197 -47.97 -5.93 -5.18
CA GLY D 197 -48.41 -4.54 -5.19
C GLY D 197 -47.28 -3.50 -5.27
N LEU D 198 -46.03 -3.95 -5.47
CA LEU D 198 -44.89 -3.04 -5.60
C LEU D 198 -44.97 -2.22 -6.90
N VAL D 199 -45.36 -2.88 -7.99
CA VAL D 199 -45.63 -2.18 -9.23
C VAL D 199 -47.03 -2.55 -9.69
N ASP D 200 -47.55 -1.80 -10.68
CA ASP D 200 -48.92 -2.02 -11.15
C ASP D 200 -49.03 -3.01 -12.28
N SER D 201 -48.06 -3.01 -13.18
CA SER D 201 -48.08 -3.96 -14.29
C SER D 201 -46.73 -4.08 -14.95
N ILE D 202 -46.65 -4.94 -15.95
CA ILE D 202 -45.43 -5.15 -16.71
C ILE D 202 -45.47 -4.51 -18.09
N LEU D 203 -44.41 -3.77 -18.43
CA LEU D 203 -44.22 -3.27 -19.79
C LEU D 203 -43.43 -4.27 -20.63
N THR D 204 -44.01 -4.70 -21.74
CA THR D 204 -43.32 -5.67 -22.57
C THR D 204 -42.97 -5.08 -23.91
N HIS D 205 -43.98 -4.49 -24.54
CA HIS D 205 -43.90 -4.04 -25.91
C HIS D 205 -44.53 -2.66 -26.17
N ARG D 206 -43.95 -1.86 -27.06
CA ARG D 206 -44.52 -0.54 -27.29
C ARG D 206 -45.65 -0.66 -28.30
N ASN D 207 -46.50 0.36 -28.35
CA ASN D 207 -47.76 0.32 -29.08
C ASN D 207 -47.71 0.82 -30.51
N LEU E 16 -21.98 13.20 -14.57
CA LEU E 16 -22.55 13.89 -15.73
C LEU E 16 -23.77 14.72 -15.34
N VAL E 17 -23.64 16.04 -15.43
CA VAL E 17 -24.74 16.93 -15.13
C VAL E 17 -25.45 17.32 -16.41
N PRO E 18 -26.76 17.02 -16.49
CA PRO E 18 -27.52 17.22 -17.73
C PRO E 18 -27.57 18.69 -18.13
N MET E 19 -27.67 18.93 -19.45
CA MET E 19 -27.76 20.27 -20.01
C MET E 19 -29.22 20.63 -20.27
N VAL E 20 -29.53 21.91 -20.10
CA VAL E 20 -30.88 22.41 -20.27
C VAL E 20 -30.81 23.67 -21.13
N ILE E 21 -31.76 23.83 -22.05
CA ILE E 21 -31.79 25.00 -22.91
C ILE E 21 -32.76 26.08 -22.43
N GLU E 28 -32.73 30.72 -26.66
CA GLU E 28 -32.20 29.37 -26.55
C GLU E 28 -30.71 29.36 -26.19
N ARG E 29 -30.42 29.54 -24.91
CA ARG E 29 -29.06 29.40 -24.36
C ARG E 29 -28.98 28.15 -23.47
N SER E 30 -27.79 27.59 -23.29
CA SER E 30 -27.65 26.32 -22.57
C SER E 30 -27.06 26.47 -21.16
N PHE E 31 -27.70 25.79 -20.22
CA PHE E 31 -27.33 25.78 -18.81
C PHE E 31 -27.18 24.37 -18.32
N ASP E 32 -26.24 24.12 -17.42
CA ASP E 32 -26.21 22.84 -16.71
C ASP E 32 -27.36 22.98 -15.74
N ILE E 33 -27.98 21.86 -15.37
CA ILE E 33 -29.23 21.93 -14.61
C ILE E 33 -29.16 22.71 -13.29
N TYR E 34 -28.02 22.71 -12.61
CA TYR E 34 -27.92 23.47 -11.37
C TYR E 34 -27.88 24.97 -11.67
N SER E 35 -27.19 25.35 -12.76
CA SER E 35 -27.17 26.75 -13.17
C SER E 35 -28.57 27.18 -13.55
N ARG E 36 -29.32 26.26 -14.15
CA ARG E 36 -30.69 26.57 -14.53
C ARG E 36 -31.52 26.90 -13.29
N LEU E 37 -31.41 26.07 -12.24
CA LEU E 37 -32.16 26.34 -11.02
C LEU E 37 -31.62 27.54 -10.23
N LEU E 38 -30.34 27.84 -10.37
CA LEU E 38 -29.77 29.01 -9.70
C LEU E 38 -30.43 30.28 -10.20
N LYS E 39 -30.75 30.27 -11.49
CA LYS E 39 -31.34 31.42 -12.18
C LYS E 39 -32.76 31.67 -11.65
N GLU E 40 -33.28 30.69 -10.89
CA GLU E 40 -34.55 30.78 -10.18
C GLU E 40 -34.34 30.91 -8.66
N ARG E 41 -33.13 31.33 -8.29
CA ARG E 41 -32.76 31.61 -6.89
C ARG E 41 -32.81 30.37 -5.98
N VAL E 42 -32.49 29.22 -6.55
CA VAL E 42 -32.41 27.97 -5.76
C VAL E 42 -30.95 27.52 -5.61
N ILE E 43 -30.52 27.29 -4.38
CA ILE E 43 -29.16 26.82 -4.10
C ILE E 43 -29.21 25.50 -3.35
N PHE E 44 -28.36 24.55 -3.72
CA PHE E 44 -28.32 23.26 -3.03
C PHE E 44 -27.08 23.14 -2.16
N LEU E 45 -27.30 22.87 -0.87
CA LEU E 45 -26.25 22.48 0.06
C LEU E 45 -26.39 20.99 0.27
N THR E 46 -25.47 20.23 -0.32
CA THR E 46 -25.57 18.77 -0.29
C THR E 46 -24.25 18.17 0.15
N GLY E 47 -24.31 17.24 1.11
CA GLY E 47 -23.15 16.51 1.57
C GLY E 47 -22.40 17.25 2.66
N GLN E 48 -21.16 16.81 2.88
CA GLN E 48 -20.34 17.31 3.97
C GLN E 48 -20.07 18.82 3.84
N VAL E 49 -20.17 19.52 4.95
CA VAL E 49 -19.84 20.95 4.95
C VAL E 49 -18.34 21.11 5.13
N GLU E 50 -17.68 21.73 4.17
CA GLU E 50 -16.25 22.05 4.23
C GLU E 50 -16.01 23.29 3.42
N ASP E 51 -14.80 23.85 3.53
CA ASP E 51 -14.51 25.18 2.98
C ASP E 51 -14.91 25.46 1.53
N HIS E 52 -14.58 24.55 0.63
CA HIS E 52 -14.74 24.84 -0.79
C HIS E 52 -16.18 24.75 -1.24
N MET E 53 -16.91 23.72 -0.80
CA MET E 53 -18.33 23.66 -1.12
C MET E 53 -19.07 24.81 -0.45
N ALA E 54 -18.59 25.22 0.74
CA ALA E 54 -19.22 26.32 1.47
C ALA E 54 -19.00 27.61 0.72
N ASN E 55 -17.79 27.77 0.17
CA ASN E 55 -17.48 28.95 -0.60
C ASN E 55 -18.38 29.05 -1.82
N LEU E 56 -18.68 27.90 -2.41
CA LEU E 56 -19.59 27.87 -3.55
C LEU E 56 -21.00 28.37 -3.19
N ILE E 57 -21.49 27.98 -2.02
CA ILE E 57 -22.79 28.39 -1.52
C ILE E 57 -22.77 29.93 -1.27
N VAL E 58 -21.74 30.41 -0.59
CA VAL E 58 -21.59 31.85 -0.34
C VAL E 58 -21.58 32.63 -1.65
N ALA E 59 -20.82 32.14 -2.64
CA ALA E 59 -20.75 32.81 -3.92
C ALA E 59 -22.12 32.87 -4.62
N GLN E 60 -22.87 31.78 -4.54
CA GLN E 60 -24.22 31.76 -5.11
C GLN E 60 -25.13 32.75 -4.39
N MET E 61 -25.01 32.82 -3.06
CA MET E 61 -25.81 33.78 -2.31
C MET E 61 -25.45 35.22 -2.68
N LEU E 62 -24.15 35.50 -2.80
CA LEU E 62 -23.70 36.85 -3.15
C LEU E 62 -24.18 37.20 -4.54
N PHE E 63 -24.06 36.26 -5.45
CA PHE E 63 -24.57 36.45 -6.81
C PHE E 63 -26.05 36.78 -6.80
N LEU E 64 -26.85 36.01 -6.06
CA LEU E 64 -28.30 36.22 -6.07
C LEU E 64 -28.73 37.54 -5.43
N GLU E 65 -28.14 37.89 -4.28
CA GLU E 65 -28.47 39.12 -3.55
C GLU E 65 -28.35 40.29 -4.48
N ALA E 66 -27.27 40.20 -5.22
CA ALA E 66 -26.89 41.12 -6.24
C ALA E 66 -27.81 41.29 -7.44
N GLU E 67 -28.27 40.16 -7.96
CA GLU E 67 -29.14 40.15 -9.11
C GLU E 67 -30.44 40.85 -8.72
N ASN E 68 -30.81 40.68 -7.46
CA ASN E 68 -32.02 41.25 -6.89
C ASN E 68 -32.04 41.12 -5.38
N PRO E 69 -31.73 42.22 -4.67
CA PRO E 69 -31.65 42.17 -3.20
C PRO E 69 -32.97 42.00 -2.46
N GLU E 70 -34.09 42.06 -3.17
CA GLU E 70 -35.37 41.99 -2.48
C GLU E 70 -36.04 40.62 -2.54
N LYS E 71 -35.73 39.80 -3.53
CA LYS E 71 -36.39 38.49 -3.62
C LYS E 71 -35.70 37.41 -2.78
N ASP E 72 -36.51 36.55 -2.18
CA ASP E 72 -36.04 35.47 -1.34
C ASP E 72 -35.09 34.52 -2.06
N ILE E 73 -34.27 33.86 -1.25
CA ILE E 73 -33.37 32.80 -1.69
C ILE E 73 -33.80 31.47 -1.08
N TYR E 74 -33.72 30.40 -1.86
CA TYR E 74 -34.12 29.09 -1.36
C TYR E 74 -32.88 28.21 -1.24
N LEU E 75 -32.60 27.77 -0.02
CA LEU E 75 -31.47 26.90 0.26
C LEU E 75 -31.95 25.51 0.64
N TYR E 76 -31.83 24.57 -0.30
CA TYR E 76 -32.10 23.18 0.01
C TYR E 76 -30.94 22.54 0.77
N ILE E 77 -31.24 21.87 1.86
CA ILE E 77 -30.23 21.27 2.72
C ILE E 77 -30.38 19.76 2.85
N ASN E 78 -29.34 19.04 2.43
CA ASN E 78 -29.23 17.60 2.65
C ASN E 78 -27.80 17.26 3.04
N SER E 79 -27.54 17.20 4.34
CA SER E 79 -26.15 17.16 4.80
C SER E 79 -26.06 16.50 6.17
N PRO E 80 -25.00 15.70 6.39
CA PRO E 80 -24.70 15.03 7.66
C PRO E 80 -23.97 15.95 8.63
N GLY E 81 -23.61 17.13 8.16
CA GLY E 81 -22.87 18.06 8.98
C GLY E 81 -21.52 18.34 8.37
N GLY E 82 -20.58 18.77 9.20
CA GLY E 82 -19.25 19.08 8.72
C GLY E 82 -18.50 20.10 9.59
N VAL E 83 -17.60 20.82 8.95
CA VAL E 83 -16.67 21.73 9.64
C VAL E 83 -17.38 22.98 10.12
N ILE E 84 -17.23 23.28 11.40
CA ILE E 84 -18.00 24.38 11.96
C ILE E 84 -17.62 25.71 11.31
N THR E 85 -16.33 26.01 11.16
CA THR E 85 -15.98 27.33 10.60
C THR E 85 -16.50 27.48 9.18
N ALA E 86 -16.46 26.41 8.40
CA ALA E 86 -17.01 26.45 7.04
C ALA E 86 -18.52 26.73 7.07
N GLY E 87 -19.24 26.08 7.98
CA GLY E 87 -20.67 26.31 8.11
C GLY E 87 -20.95 27.76 8.52
N MET E 88 -20.12 28.28 9.41
CA MET E 88 -20.30 29.66 9.90
C MET E 88 -20.07 30.68 8.81
N SER E 89 -19.27 30.34 7.79
CA SER E 89 -19.14 31.25 6.67
C SER E 89 -20.49 31.35 5.95
N ILE E 90 -21.20 30.23 5.88
CA ILE E 90 -22.54 30.22 5.28
C ILE E 90 -23.54 30.95 6.18
N TYR E 91 -23.53 30.62 7.47
CA TYR E 91 -24.41 31.24 8.44
C TYR E 91 -24.37 32.77 8.39
N ASP E 92 -23.16 33.34 8.50
CA ASP E 92 -23.05 34.79 8.50
C ASP E 92 -23.44 35.41 7.16
N THR E 93 -23.23 34.70 6.06
CA THR E 93 -23.65 35.21 4.77
C THR E 93 -25.18 35.24 4.70
N MET E 94 -25.82 34.17 5.18
CA MET E 94 -27.27 34.09 5.24
C MET E 94 -27.82 35.27 6.03
N GLN E 95 -27.16 35.62 7.15
CA GLN E 95 -27.64 36.74 7.95
C GLN E 95 -27.27 38.10 7.32
N PHE E 96 -26.11 38.20 6.68
CA PHE E 96 -25.62 39.48 6.15
C PHE E 96 -26.40 40.02 4.97
N ILE E 97 -26.62 39.17 3.97
CA ILE E 97 -27.23 39.61 2.72
C ILE E 97 -28.65 40.13 2.97
N LYS E 98 -29.13 40.97 2.05
CA LYS E 98 -30.44 41.58 2.23
C LYS E 98 -31.58 40.57 2.07
N PRO E 99 -31.51 39.70 1.05
CA PRO E 99 -32.66 38.79 0.94
C PRO E 99 -32.82 37.81 2.10
N ASP E 100 -34.07 37.45 2.37
CA ASP E 100 -34.36 36.34 3.25
C ASP E 100 -33.83 35.06 2.58
N VAL E 101 -33.25 34.18 3.38
CA VAL E 101 -32.87 32.86 2.91
C VAL E 101 -33.82 31.85 3.51
N SER E 102 -34.70 31.30 2.68
CA SER E 102 -35.61 30.23 3.12
C SER E 102 -34.85 28.89 3.07
N THR E 103 -34.98 28.08 4.11
CA THR E 103 -34.25 26.82 4.16
C THR E 103 -35.22 25.64 4.04
N ILE E 104 -34.81 24.63 3.27
CA ILE E 104 -35.66 23.45 3.04
C ILE E 104 -34.85 22.18 3.21
N CYS E 105 -35.18 21.41 4.23
CA CYS E 105 -34.46 20.18 4.50
C CYS E 105 -35.07 18.99 3.75
N MET E 106 -34.25 18.32 2.95
CA MET E 106 -34.65 17.07 2.31
C MET E 106 -33.61 16.00 2.68
N GLY E 107 -34.09 14.81 3.02
CA GLY E 107 -33.23 13.73 3.49
C GLY E 107 -32.86 13.88 4.95
N GLN E 108 -31.82 14.67 5.19
CA GLN E 108 -31.42 14.94 6.55
C GLN E 108 -30.70 16.29 6.68
N ALA E 109 -30.75 16.81 7.89
CA ALA E 109 -29.94 17.96 8.28
C ALA E 109 -29.37 17.65 9.65
N ALA E 110 -28.10 17.25 9.70
CA ALA E 110 -27.48 16.90 10.99
C ALA E 110 -26.34 17.85 11.33
N SER E 111 -26.09 18.06 12.62
CA SER E 111 -25.00 18.91 13.10
C SER E 111 -25.09 20.27 12.44
N MET E 112 -24.01 20.69 11.78
CA MET E 112 -23.99 21.97 11.09
C MET E 112 -25.12 22.12 10.05
N GLY E 113 -25.52 21.00 9.46
CA GLY E 113 -26.64 21.01 8.54
C GLY E 113 -27.91 21.43 9.25
N ALA E 114 -28.11 20.92 10.47
CA ALA E 114 -29.30 21.30 11.24
C ALA E 114 -29.17 22.77 11.69
N PHE E 115 -27.94 23.19 11.98
CA PHE E 115 -27.69 24.57 12.40
C PHE E 115 -28.09 25.57 11.30
N LEU E 116 -27.66 25.31 10.08
CA LEU E 116 -27.95 26.17 8.93
C LEU E 116 -29.43 26.12 8.53
N LEU E 117 -30.08 24.99 8.73
CA LEU E 117 -31.53 24.88 8.50
C LEU E 117 -32.31 25.84 9.43
N THR E 118 -32.00 25.76 10.72
CA THR E 118 -32.72 26.57 11.70
C THR E 118 -32.29 28.04 11.61
N ALA E 119 -31.18 28.30 10.92
CA ALA E 119 -30.68 29.65 10.74
C ALA E 119 -31.44 30.40 9.65
N GLY E 120 -32.36 29.72 8.95
CA GLY E 120 -33.11 30.35 7.89
C GLY E 120 -34.01 31.46 8.38
N ALA E 121 -34.52 32.27 7.45
CA ALA E 121 -35.39 33.39 7.76
C ALA E 121 -36.65 32.93 8.50
N LYS E 122 -36.97 33.62 9.59
CA LYS E 122 -38.16 33.29 10.38
C LYS E 122 -39.44 33.09 9.56
N GLY E 123 -40.14 31.98 9.79
CA GLY E 123 -41.35 31.70 9.06
C GLY E 123 -41.10 30.96 7.76
N LYS E 124 -39.85 30.90 7.33
CA LYS E 124 -39.52 30.33 6.03
C LYS E 124 -38.56 29.13 6.10
N ARG E 125 -38.58 28.42 7.23
CA ARG E 125 -37.78 27.21 7.39
C ARG E 125 -38.68 25.99 7.39
N PHE E 126 -38.36 25.05 6.50
CA PHE E 126 -39.22 23.89 6.25
C PHE E 126 -38.49 22.56 6.31
N CYS E 127 -39.24 21.52 6.66
CA CYS E 127 -38.82 20.13 6.48
C CYS E 127 -39.72 19.44 5.45
N LEU E 128 -39.12 18.60 4.61
CA LEU E 128 -39.93 17.69 3.83
C LEU E 128 -40.41 16.60 4.79
N PRO E 129 -41.56 15.94 4.49
CA PRO E 129 -42.21 15.10 5.51
C PRO E 129 -41.33 13.99 6.07
N ASN E 130 -40.46 13.44 5.24
CA ASN E 130 -39.67 12.33 5.73
C ASN E 130 -38.20 12.64 5.88
N SER E 131 -37.87 13.93 5.97
CA SER E 131 -36.50 14.30 6.27
C SER E 131 -36.30 14.12 7.77
N ARG E 132 -35.06 14.02 8.22
CA ARG E 132 -34.82 13.92 9.65
C ARG E 132 -33.78 14.94 10.04
N VAL E 133 -33.81 15.37 11.29
CA VAL E 133 -32.88 16.39 11.80
C VAL E 133 -32.11 15.83 12.97
N MET E 134 -30.83 16.17 13.10
CA MET E 134 -30.08 15.75 14.28
C MET E 134 -29.22 16.90 14.80
N ILE E 135 -29.21 17.09 16.12
CA ILE E 135 -28.39 18.14 16.71
C ILE E 135 -27.48 17.57 17.78
N HIS E 136 -26.32 18.15 17.95
CA HIS E 136 -25.36 17.76 18.96
C HIS E 136 -24.30 18.82 19.23
N GLN E 137 -23.39 18.57 20.14
CA GLN E 137 -22.31 19.50 20.43
C GLN E 137 -21.10 19.32 19.47
N PRO E 138 -20.18 20.29 19.46
CA PRO E 138 -19.02 20.12 18.57
C PRO E 138 -18.14 18.92 18.91
N LEU E 139 -17.51 18.37 17.87
CA LEU E 139 -16.46 17.38 18.06
C LEU E 139 -15.14 17.98 17.58
N GLY E 140 -14.04 17.56 18.17
CA GLY E 140 -12.74 18.06 17.74
C GLY E 140 -11.63 17.14 18.19
N GLY E 141 -10.40 17.61 18.05
CA GLY E 141 -9.28 16.82 18.46
C GLY E 141 -8.01 17.61 18.30
N TYR E 142 -7.11 17.45 19.26
CA TYR E 142 -5.82 18.09 19.16
C TYR E 142 -4.73 17.15 19.66
N GLN E 143 -3.50 17.47 19.28
CA GLN E 143 -2.33 16.73 19.68
C GLN E 143 -1.15 17.68 19.87
N GLY E 144 -0.46 17.56 21.00
CA GLY E 144 0.67 18.43 21.23
C GLY E 144 0.95 18.64 22.71
N GLN E 145 1.67 19.72 23.03
CA GLN E 145 1.97 20.09 24.42
C GLN E 145 0.74 20.41 25.23
N ALA E 146 0.81 20.12 26.53
CA ALA E 146 -0.27 20.42 27.47
C ALA E 146 -0.75 21.87 27.37
N THR E 147 0.19 22.80 27.26
CA THR E 147 -0.18 24.22 27.12
C THR E 147 -1.05 24.44 25.90
N ASP E 148 -0.69 23.83 24.79
CA ASP E 148 -1.45 23.97 23.55
C ASP E 148 -2.77 23.21 23.59
N ILE E 149 -2.78 22.06 24.25
CA ILE E 149 -4.01 21.33 24.47
C ILE E 149 -5.03 22.22 25.19
N GLU E 150 -4.58 22.93 26.23
CA GLU E 150 -5.48 23.83 26.97
C GLU E 150 -6.03 24.94 26.08
N ILE E 151 -5.15 25.53 25.25
CA ILE E 151 -5.57 26.59 24.34
C ILE E 151 -6.65 26.08 23.38
N HIS E 152 -6.46 24.88 22.82
CA HIS E 152 -7.42 24.38 21.86
C HIS E 152 -8.69 23.88 22.56
N ALA E 153 -8.56 23.38 23.77
CA ALA E 153 -9.76 22.96 24.52
C ALA E 153 -10.64 24.15 24.85
N ARG E 154 -10.00 25.24 25.28
CA ARG E 154 -10.75 26.45 25.62
C ARG E 154 -11.49 26.97 24.42
N GLU E 155 -10.84 26.92 23.27
CA GLU E 155 -11.44 27.39 22.04
C GLU E 155 -12.65 26.56 21.64
N ILE E 156 -12.55 25.24 21.68
CA ILE E 156 -13.72 24.48 21.22
C ILE E 156 -14.86 24.65 22.23
N LEU E 157 -14.54 24.86 23.49
CA LEU E 157 -15.58 25.12 24.49
C LEU E 157 -16.27 26.45 24.22
N LYS E 158 -15.50 27.44 23.76
CA LYS E 158 -16.07 28.72 23.37
C LYS E 158 -16.99 28.59 22.14
N VAL E 159 -16.55 27.81 21.15
CA VAL E 159 -17.38 27.55 19.98
C VAL E 159 -18.69 26.86 20.39
N LYS E 160 -18.57 25.86 21.26
CA LYS E 160 -19.72 25.13 21.76
C LYS E 160 -20.74 26.09 22.38
N GLY E 161 -20.27 26.97 23.26
CA GLY E 161 -21.14 27.94 23.91
C GLY E 161 -21.84 28.84 22.91
N ARG E 162 -21.08 29.35 21.96
CA ARG E 162 -21.61 30.21 20.93
C ARG E 162 -22.63 29.50 20.05
N MET E 163 -22.33 28.25 19.68
CA MET E 163 -23.27 27.50 18.86
C MET E 163 -24.58 27.29 19.62
N ASN E 164 -24.49 27.04 20.92
CA ASN E 164 -25.69 26.83 21.75
C ASN E 164 -26.53 28.09 21.87
N GLU E 165 -25.87 29.24 22.02
CA GLU E 165 -26.55 30.52 22.08
C GLU E 165 -27.32 30.79 20.80
N LEU E 166 -26.70 30.55 19.66
CA LEU E 166 -27.34 30.79 18.38
C LEU E 166 -28.51 29.83 18.13
N MET E 167 -28.34 28.58 18.54
CA MET E 167 -29.41 27.59 18.44
C MET E 167 -30.61 27.98 19.29
N ALA E 168 -30.34 28.45 20.51
CA ALA E 168 -31.38 28.97 21.41
C ALA E 168 -32.13 30.11 20.74
N LEU E 169 -31.38 31.04 20.16
CA LEU E 169 -31.92 32.18 19.45
C LEU E 169 -32.87 31.77 18.33
N HIS E 170 -32.43 30.86 17.47
CA HIS E 170 -33.24 30.53 16.32
C HIS E 170 -34.40 29.59 16.66
N THR E 171 -34.27 28.78 17.70
CA THR E 171 -35.34 27.81 18.02
C THR E 171 -36.40 28.37 18.97
N GLY E 172 -36.00 29.34 19.80
CA GLY E 172 -36.90 29.85 20.82
C GLY E 172 -36.78 29.07 22.11
N GLN E 173 -35.95 28.04 22.11
CA GLN E 173 -35.67 27.25 23.32
C GLN E 173 -34.77 28.02 24.23
N SER E 174 -34.78 27.70 25.52
CA SER E 174 -33.86 28.37 26.43
C SER E 174 -32.44 27.88 26.19
N LEU E 175 -31.46 28.69 26.57
CA LEU E 175 -30.07 28.28 26.45
C LEU E 175 -29.84 26.99 27.23
N GLU E 176 -30.40 26.89 28.45
CA GLU E 176 -30.20 25.68 29.26
C GLU E 176 -30.81 24.45 28.61
N GLN E 177 -31.94 24.63 27.92
CA GLN E 177 -32.60 23.53 27.24
C GLN E 177 -31.72 23.03 26.09
N ILE E 178 -31.19 23.98 25.33
CA ILE E 178 -30.30 23.64 24.22
C ILE E 178 -29.07 22.91 24.75
N GLU E 179 -28.49 23.42 25.82
CA GLU E 179 -27.30 22.81 26.43
C GLU E 179 -27.57 21.37 26.85
N ARG E 180 -28.68 21.15 27.56
CA ARG E 180 -28.99 19.79 27.99
C ARG E 180 -29.26 18.84 26.81
N ASP E 181 -29.96 19.31 25.79
CA ASP E 181 -30.39 18.44 24.70
C ASP E 181 -29.30 18.11 23.67
N THR E 182 -28.17 18.84 23.69
CA THR E 182 -27.14 18.63 22.65
C THR E 182 -25.87 17.97 23.18
N GLU E 183 -25.87 17.56 24.45
CA GLU E 183 -24.71 16.86 25.02
C GLU E 183 -24.46 15.54 24.28
N ARG E 184 -25.56 14.90 23.83
CA ARG E 184 -25.47 13.70 22.99
C ARG E 184 -26.37 13.89 21.79
N ASP E 185 -26.11 13.12 20.73
CA ASP E 185 -26.89 13.22 19.50
C ASP E 185 -28.39 13.17 19.78
N ARG E 186 -29.11 14.12 19.18
CA ARG E 186 -30.58 14.15 19.28
C ARG E 186 -31.20 14.15 17.89
N PHE E 187 -31.92 13.08 17.57
CA PHE E 187 -32.63 12.94 16.28
C PHE E 187 -34.05 13.45 16.39
N LEU E 188 -34.50 14.15 15.37
CA LEU E 188 -35.88 14.62 15.35
C LEU E 188 -36.54 14.35 14.01
N SER E 189 -37.76 13.81 14.06
CA SER E 189 -38.55 13.73 12.85
C SER E 189 -38.96 15.12 12.43
N ALA E 190 -39.50 15.26 11.22
CA ALA E 190 -39.97 16.55 10.74
C ALA E 190 -41.05 17.17 11.66
N PRO E 191 -42.05 16.38 12.13
CA PRO E 191 -43.00 16.97 13.09
C PRO E 191 -42.34 17.41 14.40
N GLU E 192 -41.41 16.59 14.90
CA GLU E 192 -40.69 16.93 16.12
C GLU E 192 -39.81 18.18 15.95
N ALA E 193 -39.25 18.36 14.76
CA ALA E 193 -38.42 19.55 14.51
C ALA E 193 -39.28 20.81 14.48
N VAL E 194 -40.52 20.69 13.99
CA VAL E 194 -41.45 21.82 14.06
C VAL E 194 -41.74 22.13 15.52
N GLU E 195 -42.04 21.08 16.28
CA GLU E 195 -42.34 21.23 17.70
C GLU E 195 -41.16 21.81 18.47
N TYR E 196 -39.95 21.43 18.09
CA TYR E 196 -38.77 21.91 18.80
C TYR E 196 -38.45 23.36 18.44
N GLY E 197 -38.94 23.80 17.29
CA GLY E 197 -38.64 25.13 16.81
C GLY E 197 -37.47 25.20 15.82
N LEU E 198 -36.93 24.05 15.39
CA LEU E 198 -35.87 24.06 14.39
C LEU E 198 -36.38 24.54 13.04
N VAL E 199 -37.59 24.11 12.67
CA VAL E 199 -38.21 24.63 11.47
C VAL E 199 -39.60 25.14 11.77
N ASP E 200 -40.19 25.85 10.81
CA ASP E 200 -41.50 26.46 11.03
C ASP E 200 -42.66 25.57 10.61
N SER E 201 -42.49 24.80 9.55
CA SER E 201 -43.54 23.87 9.12
C SER E 201 -43.02 22.79 8.17
N ILE E 202 -43.92 21.90 7.77
CA ILE E 202 -43.61 20.84 6.83
C ILE E 202 -44.18 21.16 5.45
N LEU E 203 -43.37 20.99 4.40
CA LEU E 203 -43.88 21.06 3.03
C LEU E 203 -44.28 19.65 2.57
N THR E 204 -45.52 19.47 2.12
CA THR E 204 -45.94 18.12 1.68
C THR E 204 -46.28 18.09 0.18
N HIS E 205 -47.15 18.98 -0.26
CA HIS E 205 -47.52 19.06 -1.68
C HIS E 205 -47.51 20.49 -2.20
N ARG E 206 -47.24 20.65 -3.50
CA ARG E 206 -47.37 21.96 -4.12
C ARG E 206 -48.84 22.36 -4.18
N ASN E 207 -49.11 23.66 -4.01
CA ASN E 207 -50.47 24.18 -4.03
C ASN E 207 -51.16 24.00 -5.38
N LEU F 16 -19.33 20.51 -9.80
CA LEU F 16 -19.47 21.45 -10.90
C LEU F 16 -19.58 22.90 -10.41
N VAL F 17 -18.99 23.82 -11.14
CA VAL F 17 -19.13 25.25 -10.84
C VAL F 17 -20.18 25.87 -11.76
N PRO F 18 -21.23 26.45 -11.17
CA PRO F 18 -22.40 26.97 -11.89
C PRO F 18 -22.09 28.10 -12.89
N MET F 19 -22.88 28.14 -13.95
CA MET F 19 -22.73 29.02 -15.11
C MET F 19 -23.78 30.13 -15.10
N VAL F 20 -23.41 31.35 -15.48
CA VAL F 20 -24.42 32.39 -15.71
C VAL F 20 -24.08 33.12 -17.01
N ILE F 21 -25.11 33.42 -17.80
CA ILE F 21 -24.89 33.98 -19.13
C ILE F 21 -25.14 35.49 -19.19
N PHE F 31 -19.83 32.99 -18.18
CA PHE F 31 -19.11 33.27 -16.94
C PHE F 31 -19.45 32.24 -15.87
N ASP F 32 -18.43 31.58 -15.31
CA ASP F 32 -18.68 30.70 -14.17
C ASP F 32 -18.96 31.65 -12.99
N ILE F 33 -19.53 31.14 -11.92
CA ILE F 33 -19.98 32.01 -10.85
C ILE F 33 -18.88 32.90 -10.25
N TYR F 34 -17.65 32.39 -10.23
CA TYR F 34 -16.54 33.17 -9.68
C TYR F 34 -16.13 34.29 -10.62
N SER F 35 -16.12 34.01 -11.92
CA SER F 35 -15.79 35.03 -12.92
C SER F 35 -16.86 36.11 -12.88
N ARG F 36 -18.09 35.67 -12.62
CA ARG F 36 -19.23 36.56 -12.47
C ARG F 36 -19.09 37.51 -11.29
N LEU F 37 -18.69 36.97 -10.15
CA LEU F 37 -18.53 37.76 -8.93
C LEU F 37 -17.31 38.65 -9.10
N LEU F 38 -16.42 38.19 -9.98
CA LEU F 38 -15.23 38.93 -10.29
C LEU F 38 -15.63 40.25 -10.95
N LYS F 39 -16.76 40.22 -11.67
CA LYS F 39 -17.26 41.41 -12.37
C LYS F 39 -17.69 42.45 -11.34
N GLU F 40 -17.77 42.01 -10.11
CA GLU F 40 -18.11 42.89 -9.02
C GLU F 40 -16.94 43.19 -8.13
N ARG F 41 -15.75 42.90 -8.65
CA ARG F 41 -14.51 43.17 -7.95
C ARG F 41 -14.43 42.38 -6.64
N VAL F 42 -15.02 41.18 -6.68
CA VAL F 42 -14.97 40.23 -5.57
C VAL F 42 -14.07 39.02 -5.88
N ILE F 43 -13.13 38.78 -4.98
CA ILE F 43 -12.18 37.66 -5.06
C ILE F 43 -12.29 36.79 -3.80
N PHE F 44 -12.21 35.48 -3.96
CA PHE F 44 -12.24 34.56 -2.82
C PHE F 44 -10.90 33.93 -2.54
N LEU F 45 -10.47 34.00 -1.28
CA LEU F 45 -9.33 33.22 -0.81
C LEU F 45 -9.88 32.14 0.10
N THR F 46 -9.85 30.89 -0.36
CA THR F 46 -10.48 29.79 0.38
C THR F 46 -9.55 28.62 0.55
N GLY F 47 -9.46 28.09 1.77
CA GLY F 47 -8.68 26.90 2.01
C GLY F 47 -7.19 27.17 2.19
N GLN F 48 -6.40 26.12 2.05
CA GLN F 48 -4.96 26.21 2.32
C GLN F 48 -4.26 27.19 1.39
N VAL F 49 -3.40 28.03 1.97
CA VAL F 49 -2.63 28.95 1.12
C VAL F 49 -1.40 28.22 0.56
N GLU F 50 -1.30 28.18 -0.76
CA GLU F 50 -0.16 27.59 -1.48
C GLU F 50 0.02 28.28 -2.81
N ASP F 51 1.16 28.01 -3.47
CA ASP F 51 1.58 28.76 -4.66
C ASP F 51 0.53 28.92 -5.76
N HIS F 52 -0.16 27.85 -6.10
CA HIS F 52 -1.06 27.93 -7.25
C HIS F 52 -2.37 28.65 -6.95
N MET F 53 -3.01 28.35 -5.83
CA MET F 53 -4.21 29.12 -5.47
C MET F 53 -3.83 30.60 -5.22
N ALA F 54 -2.64 30.85 -4.69
CA ALA F 54 -2.20 32.23 -4.46
C ALA F 54 -1.97 32.94 -5.77
N ASN F 55 -1.39 32.22 -6.74
CA ASN F 55 -1.17 32.78 -8.05
C ASN F 55 -2.49 33.20 -8.71
N LEU F 56 -3.52 32.39 -8.50
CA LEU F 56 -4.84 32.70 -9.04
C LEU F 56 -5.34 34.01 -8.47
N ILE F 57 -5.13 34.20 -7.17
CA ILE F 57 -5.54 35.42 -6.49
C ILE F 57 -4.79 36.63 -7.04
N VAL F 58 -3.47 36.47 -7.17
CA VAL F 58 -2.65 37.54 -7.73
C VAL F 58 -3.14 37.94 -9.12
N ALA F 59 -3.43 36.94 -9.95
CA ALA F 59 -3.88 37.20 -11.31
C ALA F 59 -5.21 37.96 -11.32
N GLN F 60 -6.12 37.58 -10.42
CA GLN F 60 -7.41 38.27 -10.31
C GLN F 60 -7.25 39.74 -9.87
N MET F 61 -6.35 39.99 -8.92
CA MET F 61 -6.09 41.37 -8.48
C MET F 61 -5.51 42.23 -9.60
N LEU F 62 -4.58 41.67 -10.37
CA LEU F 62 -3.97 42.39 -11.48
C LEU F 62 -5.03 42.72 -12.50
N PHE F 63 -5.86 41.73 -12.81
CA PHE F 63 -6.95 41.91 -13.75
C PHE F 63 -7.90 43.02 -13.31
N LEU F 64 -8.32 42.98 -12.05
CA LEU F 64 -9.25 43.96 -11.54
C LEU F 64 -8.62 45.37 -11.54
N GLU F 65 -7.34 45.45 -11.18
CA GLU F 65 -6.64 46.73 -11.21
C GLU F 65 -6.69 47.31 -12.61
N ALA F 66 -6.44 46.47 -13.59
CA ALA F 66 -6.51 46.89 -14.99
C ALA F 66 -7.88 47.39 -15.39
N GLU F 67 -8.90 46.67 -14.98
CA GLU F 67 -10.26 47.02 -15.36
C GLU F 67 -10.64 48.40 -14.82
N ASN F 68 -10.13 48.73 -13.63
CA ASN F 68 -10.40 50.02 -13.00
C ASN F 68 -9.51 50.20 -11.78
N PRO F 69 -8.43 51.00 -11.92
CA PRO F 69 -7.43 51.22 -10.88
C PRO F 69 -7.95 52.02 -9.70
N GLU F 70 -9.16 52.55 -9.82
CA GLU F 70 -9.73 53.43 -8.81
C GLU F 70 -10.73 52.75 -7.88
N LYS F 71 -11.39 51.70 -8.37
CA LYS F 71 -12.43 51.07 -7.58
C LYS F 71 -11.87 50.01 -6.62
N ASP F 72 -12.45 49.94 -5.42
CA ASP F 72 -12.04 48.96 -4.40
C ASP F 72 -12.16 47.52 -4.91
N ILE F 73 -11.33 46.64 -4.36
CA ILE F 73 -11.42 45.20 -4.58
C ILE F 73 -11.79 44.54 -3.25
N TYR F 74 -12.66 43.54 -3.29
CA TYR F 74 -13.05 42.86 -2.06
C TYR F 74 -12.54 41.42 -2.03
N LEU F 75 -11.74 41.13 -1.01
CA LEU F 75 -11.14 39.82 -0.83
C LEU F 75 -11.78 39.10 0.36
N TYR F 76 -12.63 38.11 0.09
CA TYR F 76 -13.16 37.22 1.14
C TYR F 76 -12.16 36.17 1.55
N ILE F 77 -12.00 36.01 2.85
CA ILE F 77 -11.00 35.08 3.35
C ILE F 77 -11.62 34.04 4.27
N ASN F 78 -11.47 32.78 3.89
CA ASN F 78 -11.83 31.66 4.75
C ASN F 78 -10.72 30.64 4.60
N SER F 79 -9.74 30.69 5.51
CA SER F 79 -8.52 29.91 5.35
C SER F 79 -7.92 29.52 6.70
N PRO F 80 -7.41 28.29 6.79
CA PRO F 80 -6.70 27.82 7.99
C PRO F 80 -5.25 28.25 7.95
N GLY F 81 -4.85 28.89 6.87
CA GLY F 81 -3.47 29.31 6.75
C GLY F 81 -2.75 28.59 5.63
N GLY F 82 -1.43 28.52 5.71
CA GLY F 82 -0.65 27.86 4.69
C GLY F 82 0.78 28.37 4.57
N VAL F 83 1.31 28.24 3.37
CA VAL F 83 2.72 28.54 3.09
C VAL F 83 3.01 30.05 3.09
N ILE F 84 4.02 30.45 3.85
CA ILE F 84 4.29 31.88 4.04
C ILE F 84 4.67 32.57 2.73
N THR F 85 5.62 32.01 1.97
CA THR F 85 6.01 32.68 0.72
C THR F 85 4.83 32.79 -0.26
N ALA F 86 3.97 31.76 -0.33
CA ALA F 86 2.79 31.88 -1.18
C ALA F 86 1.89 33.04 -0.72
N GLY F 87 1.71 33.14 0.59
CA GLY F 87 0.90 34.20 1.17
C GLY F 87 1.53 35.54 0.87
N MET F 88 2.86 35.61 0.90
CA MET F 88 3.53 36.91 0.66
C MET F 88 3.40 37.37 -0.79
N SER F 89 3.20 36.45 -1.72
CA SER F 89 2.91 36.86 -3.09
C SER F 89 1.57 37.57 -3.12
N ILE F 90 0.60 37.11 -2.34
CA ILE F 90 -0.67 37.84 -2.26
C ILE F 90 -0.48 39.18 -1.53
N TYR F 91 0.19 39.14 -0.38
CA TYR F 91 0.43 40.33 0.43
C TYR F 91 1.04 41.48 -0.38
N ASP F 92 2.15 41.20 -1.07
CA ASP F 92 2.83 42.27 -1.80
C ASP F 92 2.02 42.78 -2.97
N THR F 93 1.22 41.91 -3.57
CA THR F 93 0.36 42.34 -4.67
C THR F 93 -0.72 43.29 -4.15
N MET F 94 -1.31 42.95 -3.00
CA MET F 94 -2.32 43.82 -2.37
C MET F 94 -1.78 45.24 -2.15
N GLN F 95 -0.54 45.32 -1.70
CA GLN F 95 0.05 46.63 -1.39
C GLN F 95 0.47 47.33 -2.70
N PHE F 96 0.94 46.54 -3.67
CA PHE F 96 1.47 47.12 -4.91
C PHE F 96 0.40 47.77 -5.79
N ILE F 97 -0.71 47.06 -6.01
CA ILE F 97 -1.71 47.55 -6.93
C ILE F 97 -2.37 48.85 -6.45
N LYS F 98 -2.92 49.60 -7.38
CA LYS F 98 -3.48 50.90 -7.02
C LYS F 98 -4.78 50.83 -6.19
N PRO F 99 -5.74 49.97 -6.57
CA PRO F 99 -6.96 49.99 -5.74
C PRO F 99 -6.77 49.50 -4.30
N ASP F 100 -7.58 50.03 -3.39
CA ASP F 100 -7.67 49.49 -2.05
C ASP F 100 -8.18 48.05 -2.12
N VAL F 101 -7.58 47.18 -1.32
CA VAL F 101 -8.14 45.85 -1.17
C VAL F 101 -8.79 45.72 0.19
N SER F 102 -10.12 45.70 0.20
CA SER F 102 -10.90 45.51 1.41
C SER F 102 -10.98 44.02 1.73
N THR F 103 -10.72 43.66 2.98
CA THR F 103 -10.71 42.25 3.37
C THR F 103 -11.89 41.92 4.28
N ILE F 104 -12.46 40.73 4.07
CA ILE F 104 -13.62 40.25 4.82
C ILE F 104 -13.43 38.82 5.29
N CYS F 105 -13.36 38.61 6.59
CA CYS F 105 -13.17 37.28 7.13
C CYS F 105 -14.54 36.60 7.31
N MET F 106 -14.69 35.43 6.69
CA MET F 106 -15.85 34.58 6.89
C MET F 106 -15.39 33.17 7.29
N GLY F 107 -16.03 32.62 8.30
CA GLY F 107 -15.62 31.33 8.82
C GLY F 107 -14.41 31.50 9.71
N GLN F 108 -13.23 31.47 9.12
CA GLN F 108 -12.03 31.72 9.91
C GLN F 108 -10.94 32.31 9.03
N ALA F 109 -10.03 33.03 9.67
CA ALA F 109 -8.78 33.45 9.05
C ALA F 109 -7.69 33.12 10.05
N ALA F 110 -6.96 32.03 9.78
CA ALA F 110 -5.92 31.58 10.71
C ALA F 110 -4.55 31.67 10.04
N SER F 111 -3.52 31.94 10.84
CA SER F 111 -2.13 32.02 10.37
C SER F 111 -2.02 32.98 9.20
N MET F 112 -1.50 32.53 8.05
CA MET F 112 -1.37 33.41 6.87
C MET F 112 -2.73 33.99 6.45
N GLY F 113 -3.81 33.25 6.70
CA GLY F 113 -5.13 33.80 6.43
C GLY F 113 -5.38 35.05 7.30
N ALA F 114 -5.00 34.99 8.57
CA ALA F 114 -5.15 36.16 9.44
C ALA F 114 -4.21 37.29 9.00
N PHE F 115 -3.02 36.90 8.59
CA PHE F 115 -2.04 37.87 8.14
C PHE F 115 -2.55 38.68 6.95
N LEU F 116 -3.13 38.01 5.97
CA LEU F 116 -3.68 38.66 4.78
C LEU F 116 -4.94 39.47 5.09
N LEU F 117 -5.74 39.01 6.04
CA LEU F 117 -6.91 39.76 6.47
C LEU F 117 -6.49 41.14 7.01
N THR F 118 -5.51 41.14 7.89
CA THR F 118 -5.13 42.40 8.54
C THR F 118 -4.33 43.30 7.59
N ALA F 119 -3.87 42.71 6.48
CA ALA F 119 -3.10 43.43 5.47
C ALA F 119 -4.00 44.27 4.56
N GLY F 120 -5.32 44.16 4.75
CA GLY F 120 -6.27 44.90 3.92
C GLY F 120 -6.13 46.41 4.14
N ALA F 121 -6.75 47.21 3.28
CA ALA F 121 -6.69 48.67 3.39
C ALA F 121 -7.24 49.16 4.73
N LYS F 122 -6.51 50.10 5.35
CA LYS F 122 -6.95 50.72 6.60
C LYS F 122 -8.40 51.15 6.51
N GLY F 123 -9.20 50.78 7.49
CA GLY F 123 -10.61 51.15 7.50
C GLY F 123 -11.51 50.18 6.75
N LYS F 124 -10.91 49.29 5.97
CA LYS F 124 -11.73 48.43 5.12
C LYS F 124 -11.50 46.93 5.38
N ARG F 125 -11.11 46.61 6.61
CA ARG F 125 -10.93 45.23 7.03
C ARG F 125 -12.07 44.79 7.95
N PHE F 126 -12.72 43.68 7.59
CA PHE F 126 -13.92 43.27 8.32
C PHE F 126 -13.92 41.83 8.77
N CYS F 127 -14.60 41.58 9.89
CA CYS F 127 -14.95 40.23 10.31
C CYS F 127 -16.45 40.11 10.22
N LEU F 128 -16.95 38.97 9.78
CA LEU F 128 -18.35 38.62 9.95
C LEU F 128 -18.54 38.27 11.42
N PRO F 129 -19.76 38.42 11.95
CA PRO F 129 -19.96 38.36 13.40
C PRO F 129 -19.48 37.06 14.06
N ASN F 130 -19.62 35.93 13.38
CA ASN F 130 -19.24 34.66 13.98
C ASN F 130 -18.00 34.03 13.34
N SER F 131 -17.22 34.84 12.66
CA SER F 131 -15.95 34.35 12.15
C SER F 131 -14.96 34.36 13.30
N ARG F 132 -13.86 33.64 13.14
CA ARG F 132 -12.83 33.70 14.15
C ARG F 132 -11.48 33.93 13.50
N VAL F 133 -10.55 34.49 14.25
CA VAL F 133 -9.22 34.78 13.72
C VAL F 133 -8.23 34.04 14.58
N MET F 134 -7.17 33.51 13.97
CA MET F 134 -6.11 32.91 14.78
C MET F 134 -4.74 33.36 14.27
N ILE F 135 -3.88 33.73 15.20
CA ILE F 135 -2.54 34.12 14.84
C ILE F 135 -1.49 33.30 15.59
N HIS F 136 -0.36 33.07 14.97
CA HIS F 136 0.70 32.34 15.60
C HIS F 136 2.04 32.51 14.87
N GLN F 137 3.10 31.98 15.41
CA GLN F 137 4.41 32.09 14.77
C GLN F 137 4.62 31.07 13.65
N PRO F 138 5.65 31.29 12.80
CA PRO F 138 5.88 30.32 11.73
C PRO F 138 6.21 28.92 12.20
N LEU F 139 5.81 27.95 11.39
CA LEU F 139 6.23 26.56 11.57
C LEU F 139 7.09 26.15 10.38
N GLY F 140 8.03 25.26 10.63
CA GLY F 140 8.86 24.75 9.56
C GLY F 140 9.54 23.47 9.95
N GLY F 141 10.49 23.06 9.11
CA GLY F 141 11.20 21.83 9.39
C GLY F 141 12.30 21.61 8.38
N TYR F 142 13.44 21.15 8.89
CA TYR F 142 14.55 20.82 8.03
C TYR F 142 15.27 19.56 8.51
N GLN F 143 16.03 18.96 7.61
CA GLN F 143 16.85 17.80 7.93
C GLN F 143 18.12 17.91 7.14
N GLY F 144 19.24 17.64 7.79
CA GLY F 144 20.53 17.70 7.13
C GLY F 144 21.64 17.92 8.12
N GLN F 145 22.79 18.37 7.61
CA GLN F 145 23.94 18.69 8.43
C GLN F 145 23.65 19.82 9.38
N ALA F 146 24.30 19.80 10.53
CA ALA F 146 24.17 20.88 11.50
C ALA F 146 24.43 22.26 10.86
N THR F 147 25.41 22.37 9.97
CA THR F 147 25.66 23.66 9.31
C THR F 147 24.42 24.14 8.54
N ASP F 148 23.80 23.23 7.80
CA ASP F 148 22.60 23.57 7.05
C ASP F 148 21.40 23.77 7.98
N ILE F 149 21.31 23.01 9.06
CA ILE F 149 20.26 23.26 10.06
C ILE F 149 20.37 24.68 10.62
N GLU F 150 21.58 25.12 10.91
CA GLU F 150 21.77 26.49 11.40
C GLU F 150 21.34 27.51 10.34
N ILE F 151 21.70 27.28 9.07
CA ILE F 151 21.28 28.18 8.00
C ILE F 151 19.77 28.30 7.91
N HIS F 152 19.05 27.17 7.96
CA HIS F 152 17.61 27.21 7.84
C HIS F 152 16.93 27.69 9.12
N ALA F 153 17.51 27.44 10.29
CA ALA F 153 16.94 28.00 11.51
C ALA F 153 17.04 29.54 11.51
N ARG F 154 18.19 30.07 11.12
CA ARG F 154 18.36 31.51 11.07
C ARG F 154 17.34 32.10 10.10
N GLU F 155 17.13 31.42 8.99
CA GLU F 155 16.21 31.92 7.98
C GLU F 155 14.79 31.98 8.51
N ILE F 156 14.31 30.92 9.15
CA ILE F 156 12.91 30.96 9.60
C ILE F 156 12.76 31.97 10.73
N LEU F 157 13.81 32.16 11.52
CA LEU F 157 13.75 33.19 12.56
C LEU F 157 13.65 34.57 11.93
N LYS F 158 14.36 34.78 10.82
CA LYS F 158 14.26 36.06 10.12
C LYS F 158 12.86 36.28 9.59
N VAL F 159 12.27 35.22 9.05
CA VAL F 159 10.91 35.31 8.55
C VAL F 159 9.95 35.66 9.68
N LYS F 160 10.11 34.99 10.82
CA LYS F 160 9.29 35.23 12.00
C LYS F 160 9.38 36.71 12.39
N GLY F 161 10.60 37.23 12.44
CA GLY F 161 10.81 38.63 12.77
C GLY F 161 10.12 39.54 11.78
N ARG F 162 10.29 39.26 10.49
CA ARG F 162 9.66 40.06 9.46
C ARG F 162 8.13 40.02 9.56
N MET F 163 7.57 38.84 9.78
CA MET F 163 6.12 38.73 9.89
C MET F 163 5.58 39.49 11.11
N ASN F 164 6.31 39.45 12.22
CA ASN F 164 5.88 40.17 13.43
C ASN F 164 5.94 41.69 13.21
N GLU F 165 6.95 42.17 12.48
CA GLU F 165 7.04 43.59 12.15
C GLU F 165 5.85 44.03 11.30
N LEU F 166 5.52 43.23 10.28
CA LEU F 166 4.39 43.57 9.43
C LEU F 166 3.07 43.48 10.21
N MET F 167 2.95 42.48 11.08
CA MET F 167 1.73 42.41 11.89
C MET F 167 1.58 43.64 12.78
N ALA F 168 2.68 44.01 13.42
CA ALA F 168 2.70 45.21 14.26
C ALA F 168 2.28 46.42 13.44
N LEU F 169 2.85 46.55 12.25
CA LEU F 169 2.52 47.68 11.38
C LEU F 169 1.01 47.79 11.13
N HIS F 170 0.39 46.69 10.74
CA HIS F 170 -1.02 46.72 10.36
C HIS F 170 -1.99 46.75 11.53
N THR F 171 -1.59 46.20 12.67
CA THR F 171 -2.49 46.16 13.83
C THR F 171 -2.36 47.40 14.71
N GLY F 172 -1.21 48.03 14.70
CA GLY F 172 -0.95 49.15 15.61
C GLY F 172 -0.36 48.69 16.93
N GLN F 173 -0.21 47.37 17.10
CA GLN F 173 0.42 46.81 18.28
C GLN F 173 1.92 47.03 18.17
N SER F 174 2.62 47.05 19.30
CA SER F 174 4.08 47.14 19.26
C SER F 174 4.66 45.81 18.78
N LEU F 175 5.87 45.85 18.25
CA LEU F 175 6.56 44.64 17.80
C LEU F 175 6.67 43.57 18.87
N GLU F 176 7.08 43.95 20.08
CA GLU F 176 7.24 42.99 21.17
C GLU F 176 5.90 42.40 21.64
N GLN F 177 4.83 43.18 21.57
CA GLN F 177 3.50 42.66 21.92
C GLN F 177 3.04 41.57 20.95
N ILE F 178 3.24 41.80 19.65
CA ILE F 178 2.92 40.79 18.64
C ILE F 178 3.74 39.54 18.90
N GLU F 179 5.02 39.74 19.19
CA GLU F 179 5.93 38.63 19.47
C GLU F 179 5.42 37.77 20.62
N ARG F 180 5.07 38.40 21.73
CA ARG F 180 4.59 37.63 22.88
C ARG F 180 3.29 36.90 22.60
N ASP F 181 2.39 37.55 21.88
CA ASP F 181 1.06 37.00 21.65
C ASP F 181 1.00 35.92 20.59
N THR F 182 2.06 35.77 19.81
CA THR F 182 2.04 34.76 18.75
C THR F 182 2.98 33.59 18.99
N GLU F 183 3.58 33.51 20.17
CA GLU F 183 4.45 32.37 20.50
C GLU F 183 3.63 31.07 20.46
N ARG F 184 2.37 31.16 20.86
CA ARG F 184 1.44 30.04 20.77
C ARG F 184 0.16 30.47 20.09
N ASP F 185 -0.62 29.51 19.59
CA ASP F 185 -1.88 29.79 18.93
C ASP F 185 -2.72 30.73 19.78
N ARG F 186 -3.19 31.80 19.17
CA ARG F 186 -4.08 32.74 19.81
C ARG F 186 -5.34 32.90 18.96
N PHE F 187 -6.48 32.47 19.51
CA PHE F 187 -7.79 32.57 18.85
C PHE F 187 -8.46 33.86 19.28
N LEU F 188 -9.10 34.56 18.33
CA LEU F 188 -9.84 35.79 18.62
C LEU F 188 -11.21 35.76 17.97
N SER F 189 -12.22 36.13 18.74
CA SER F 189 -13.56 36.38 18.20
C SER F 189 -13.50 37.62 17.32
N ALA F 190 -14.57 37.87 16.59
CA ALA F 190 -14.62 39.06 15.75
C ALA F 190 -14.47 40.35 16.59
N PRO F 191 -15.19 40.48 17.73
CA PRO F 191 -14.93 41.69 18.54
C PRO F 191 -13.50 41.79 19.06
N GLU F 192 -12.93 40.67 19.48
CA GLU F 192 -11.55 40.67 19.98
C GLU F 192 -10.61 41.03 18.84
N ALA F 193 -10.96 40.65 17.62
CA ALA F 193 -10.11 40.95 16.46
C ALA F 193 -10.12 42.46 16.16
N VAL F 194 -11.27 43.10 16.34
CA VAL F 194 -11.34 44.56 16.21
C VAL F 194 -10.47 45.19 17.27
N GLU F 195 -10.62 44.75 18.52
CA GLU F 195 -9.89 45.34 19.64
C GLU F 195 -8.39 45.24 19.50
N TYR F 196 -7.96 44.14 18.89
CA TYR F 196 -6.54 43.88 18.72
C TYR F 196 -5.93 44.69 17.59
N GLY F 197 -6.79 45.20 16.70
CA GLY F 197 -6.32 45.95 15.55
C GLY F 197 -6.14 45.11 14.29
N LEU F 198 -6.55 43.83 14.36
CA LEU F 198 -6.49 42.93 13.21
C LEU F 198 -7.50 43.32 12.15
N VAL F 199 -8.73 43.67 12.56
CA VAL F 199 -9.67 44.21 11.61
C VAL F 199 -10.22 45.55 12.12
N ASP F 200 -10.91 46.28 11.25
CA ASP F 200 -11.46 47.59 11.60
C ASP F 200 -12.87 47.51 12.16
N SER F 201 -13.65 46.55 11.66
CA SER F 201 -14.99 46.39 12.15
C SER F 201 -15.66 45.08 11.84
N ILE F 202 -16.88 44.95 12.33
CA ILE F 202 -17.70 43.77 12.06
C ILE F 202 -18.82 44.11 11.09
N LEU F 203 -18.97 43.31 10.03
CA LEU F 203 -20.13 43.45 9.14
C LEU F 203 -21.27 42.61 9.66
N THR F 204 -22.45 43.20 9.86
CA THR F 204 -23.54 42.41 10.39
C THR F 204 -24.68 42.23 9.38
N HIS F 205 -25.21 43.34 8.87
CA HIS F 205 -26.26 43.32 7.86
C HIS F 205 -25.98 44.30 6.76
N ARG F 206 -26.32 43.95 5.53
CA ARG F 206 -26.06 44.87 4.46
C ARG F 206 -26.96 46.09 4.56
N ASN F 207 -26.28 47.19 4.81
CA ASN F 207 -26.75 48.56 4.81
C ASN F 207 -27.27 49.12 3.48
N ALA G 15 -10.41 24.79 -15.10
CA ALA G 15 -9.76 25.93 -15.75
C ALA G 15 -9.65 27.14 -14.82
N LEU G 16 -10.64 27.31 -13.94
CA LEU G 16 -10.60 28.30 -12.85
C LEU G 16 -10.67 29.76 -13.33
N VAL G 17 -11.86 30.35 -13.14
CA VAL G 17 -12.23 31.70 -13.56
C VAL G 17 -12.35 31.83 -15.09
N PRO G 18 -13.28 31.09 -15.70
CA PRO G 18 -13.29 31.38 -17.14
C PRO G 18 -14.61 31.91 -17.70
N MET G 19 -14.56 32.31 -18.97
CA MET G 19 -15.73 32.76 -19.70
C MET G 19 -15.92 31.92 -20.97
N SER G 30 -11.31 26.67 -22.18
CA SER G 30 -11.93 27.73 -21.40
C SER G 30 -10.98 28.92 -21.21
N PHE G 31 -11.50 30.12 -21.34
CA PHE G 31 -10.69 31.33 -21.26
C PHE G 31 -10.56 31.81 -19.82
N ASP G 32 -9.52 31.32 -19.13
CA ASP G 32 -9.21 31.71 -17.76
C ASP G 32 -8.47 33.05 -17.53
N ILE G 33 -8.24 33.34 -16.25
CA ILE G 33 -7.62 34.59 -15.84
C ILE G 33 -6.20 34.70 -16.41
N TYR G 34 -5.54 33.56 -16.59
CA TYR G 34 -4.17 33.55 -17.09
C TYR G 34 -4.11 33.91 -18.57
N SER G 35 -5.09 33.44 -19.31
CA SER G 35 -5.19 33.76 -20.73
C SER G 35 -5.45 35.25 -20.88
N ARG G 36 -6.24 35.79 -19.97
CA ARG G 36 -6.53 37.22 -19.98
C ARG G 36 -5.26 38.05 -19.76
N LEU G 37 -4.47 37.66 -18.78
CA LEU G 37 -3.22 38.37 -18.52
C LEU G 37 -2.17 38.15 -19.60
N LEU G 38 -2.24 37.02 -20.30
CA LEU G 38 -1.32 36.73 -21.41
C LEU G 38 -1.50 37.76 -22.51
N LYS G 39 -2.74 38.23 -22.66
CA LYS G 39 -3.05 39.23 -23.68
C LYS G 39 -2.40 40.56 -23.32
N GLU G 40 -1.94 40.68 -22.07
CA GLU G 40 -1.18 41.85 -21.66
C GLU G 40 0.30 41.55 -21.46
N ARG G 41 0.73 40.45 -22.09
CA ARG G 41 2.13 40.03 -22.13
C ARG G 41 2.68 39.69 -20.74
N VAL G 42 1.80 39.17 -19.89
CA VAL G 42 2.19 38.70 -18.56
C VAL G 42 2.15 37.16 -18.52
N ILE G 43 3.27 36.57 -18.12
CA ILE G 43 3.43 35.11 -17.99
C ILE G 43 3.78 34.78 -16.54
N PHE G 44 3.18 33.71 -16.00
CA PHE G 44 3.50 33.29 -14.63
C PHE G 44 4.32 32.00 -14.66
N LEU G 45 5.43 32.01 -13.94
CA LEU G 45 6.21 30.82 -13.63
C LEU G 45 6.00 30.56 -12.14
N THR G 46 5.25 29.52 -11.85
CA THR G 46 4.85 29.20 -10.50
C THR G 46 5.10 27.74 -10.16
N GLY G 47 5.72 27.51 -9.01
CA GLY G 47 5.97 26.17 -8.52
C GLY G 47 7.21 25.56 -9.10
N GLN G 48 7.34 24.24 -8.96
CA GLN G 48 8.56 23.57 -9.35
C GLN G 48 8.83 23.62 -10.86
N VAL G 49 10.08 23.88 -11.22
CA VAL G 49 10.45 23.92 -12.63
C VAL G 49 10.66 22.51 -13.15
N GLU G 50 9.90 22.15 -14.17
CA GLU G 50 10.07 20.83 -14.81
C GLU G 50 9.72 21.00 -16.28
N ASP G 51 10.03 20.00 -17.10
CA ASP G 51 9.93 20.10 -18.55
C ASP G 51 8.60 20.63 -19.09
N HIS G 52 7.49 20.11 -18.59
CA HIS G 52 6.19 20.45 -19.19
C HIS G 52 5.71 21.86 -18.80
N MET G 53 5.84 22.24 -17.54
CA MET G 53 5.51 23.62 -17.20
C MET G 53 6.48 24.58 -17.89
N ALA G 54 7.72 24.13 -18.09
CA ALA G 54 8.73 24.97 -18.75
C ALA G 54 8.37 25.16 -20.21
N ASN G 55 7.93 24.08 -20.84
CA ASN G 55 7.51 24.12 -22.21
C ASN G 55 6.34 25.10 -22.37
N LEU G 56 5.44 25.08 -21.41
CA LEU G 56 4.32 26.00 -21.43
C LEU G 56 4.85 27.44 -21.37
N ILE G 57 5.88 27.67 -20.56
CA ILE G 57 6.45 29.01 -20.47
C ILE G 57 7.09 29.39 -21.81
N VAL G 58 7.88 28.48 -22.37
CA VAL G 58 8.52 28.74 -23.66
C VAL G 58 7.51 29.04 -24.77
N ALA G 59 6.44 28.24 -24.83
CA ALA G 59 5.40 28.44 -25.84
C ALA G 59 4.76 29.82 -25.72
N GLN G 60 4.51 30.28 -24.49
CA GLN G 60 3.96 31.60 -24.26
C GLN G 60 4.90 32.73 -24.70
N MET G 61 6.19 32.58 -24.44
CA MET G 61 7.18 33.59 -24.87
C MET G 61 7.25 33.69 -26.39
N LEU G 62 7.23 32.53 -27.05
CA LEU G 62 7.27 32.47 -28.50
C LEU G 62 6.03 33.13 -29.07
N PHE G 63 4.87 32.78 -28.52
CA PHE G 63 3.61 33.40 -28.94
C PHE G 63 3.69 34.92 -28.80
N LEU G 64 4.14 35.39 -27.64
CA LEU G 64 4.15 36.82 -27.39
C LEU G 64 5.13 37.53 -28.32
N GLU G 65 6.29 36.93 -28.55
CA GLU G 65 7.29 37.52 -29.44
C GLU G 65 6.72 37.77 -30.82
N ALA G 66 6.04 36.77 -31.35
CA ALA G 66 5.42 36.91 -32.65
C ALA G 66 4.34 37.99 -32.69
N GLU G 67 3.48 38.02 -31.69
CA GLU G 67 2.41 39.01 -31.68
C GLU G 67 2.97 40.42 -31.71
N ASN G 68 4.15 40.60 -31.11
CA ASN G 68 4.83 41.89 -31.11
C ASN G 68 6.25 41.74 -30.58
N PRO G 69 7.22 41.75 -31.51
CA PRO G 69 8.63 41.58 -31.16
C PRO G 69 9.23 42.78 -30.43
N GLU G 70 8.51 43.88 -30.31
CA GLU G 70 9.09 45.08 -29.71
C GLU G 70 8.69 45.34 -28.25
N LYS G 71 7.54 44.81 -27.81
CA LYS G 71 7.07 45.08 -26.46
C LYS G 71 7.67 44.13 -25.42
N ASP G 72 7.94 44.66 -24.24
CA ASP G 72 8.46 43.85 -23.16
C ASP G 72 7.48 42.74 -22.82
N ILE G 73 8.02 41.65 -22.30
CA ILE G 73 7.24 40.54 -21.75
C ILE G 73 7.49 40.57 -20.25
N TYR G 74 6.47 40.30 -19.45
CA TYR G 74 6.61 40.30 -18.00
C TYR G 74 6.45 38.87 -17.45
N LEU G 75 7.52 38.39 -16.82
CA LEU G 75 7.56 37.05 -16.25
C LEU G 75 7.56 37.13 -14.74
N TYR G 76 6.41 36.81 -14.14
CA TYR G 76 6.32 36.67 -12.69
C TYR G 76 6.85 35.34 -12.25
N ILE G 77 7.69 35.36 -11.23
CA ILE G 77 8.32 34.14 -10.73
C ILE G 77 8.02 33.91 -9.25
N ASN G 78 7.41 32.75 -8.94
CA ASN G 78 7.22 32.28 -7.59
C ASN G 78 7.51 30.79 -7.58
N SER G 79 8.74 30.43 -7.25
CA SER G 79 9.21 29.08 -7.47
C SER G 79 10.28 28.69 -6.48
N PRO G 80 10.21 27.44 -6.01
CA PRO G 80 11.23 26.87 -5.13
C PRO G 80 12.41 26.34 -5.92
N GLY G 81 12.33 26.39 -7.24
CA GLY G 81 13.42 25.88 -8.07
C GLY G 81 12.96 24.67 -8.85
N GLY G 82 13.91 23.81 -9.23
CA GLY G 82 13.57 22.62 -9.98
C GLY G 82 14.68 22.08 -10.86
N VAL G 83 14.29 21.41 -11.94
CA VAL G 83 15.22 20.74 -12.85
C VAL G 83 16.03 21.73 -13.69
N ILE G 84 17.35 21.57 -13.67
CA ILE G 84 18.22 22.55 -14.33
C ILE G 84 17.98 22.59 -15.83
N THR G 85 17.96 21.43 -16.50
CA THR G 85 17.78 21.47 -17.95
C THR G 85 16.44 22.09 -18.34
N ALA G 86 15.37 21.81 -17.59
CA ALA G 86 14.07 22.44 -17.85
C ALA G 86 14.19 23.96 -17.71
N GLY G 87 14.90 24.39 -16.67
CA GLY G 87 15.13 25.80 -16.46
C GLY G 87 15.94 26.40 -17.59
N MET G 88 16.92 25.67 -18.09
CA MET G 88 17.75 26.23 -19.16
C MET G 88 16.96 26.35 -20.47
N SER G 89 15.91 25.55 -20.63
CA SER G 89 15.07 25.74 -21.83
C SER G 89 14.40 27.10 -21.75
N ILE G 90 14.00 27.50 -20.53
CA ILE G 90 13.43 28.82 -20.35
C ILE G 90 14.49 29.91 -20.52
N TYR G 91 15.62 29.71 -19.88
CA TYR G 91 16.72 30.69 -19.96
C TYR G 91 17.10 31.04 -21.40
N ASP G 92 17.39 30.02 -22.20
CA ASP G 92 17.84 30.25 -23.58
C ASP G 92 16.73 30.86 -24.44
N THR G 93 15.49 30.54 -24.12
CA THR G 93 14.38 31.14 -24.84
C THR G 93 14.33 32.63 -24.50
N MET G 94 14.51 32.95 -23.21
CA MET G 94 14.51 34.34 -22.76
C MET G 94 15.55 35.16 -23.50
N GLN G 95 16.72 34.56 -23.70
CA GLN G 95 17.82 35.28 -24.34
C GLN G 95 17.64 35.36 -25.87
N PHE G 96 17.07 34.31 -26.46
CA PHE G 96 16.91 34.23 -27.90
C PHE G 96 15.89 35.20 -28.47
N ILE G 97 14.70 35.24 -27.87
CA ILE G 97 13.62 36.04 -28.45
C ILE G 97 13.94 37.53 -28.49
N LYS G 98 13.26 38.25 -29.38
CA LYS G 98 13.56 39.67 -29.49
C LYS G 98 13.13 40.55 -28.30
N PRO G 99 11.91 40.35 -27.75
CA PRO G 99 11.50 41.24 -26.65
C PRO G 99 12.35 41.10 -25.40
N ASP G 100 12.51 42.19 -24.65
CA ASP G 100 13.06 42.12 -23.32
C ASP G 100 12.10 41.33 -22.45
N VAL G 101 12.65 40.48 -21.60
CA VAL G 101 11.84 39.80 -20.59
C VAL G 101 12.11 40.39 -19.24
N SER G 102 11.16 41.16 -18.73
CA SER G 102 11.23 41.73 -17.40
C SER G 102 10.81 40.66 -16.40
N THR G 103 11.58 40.47 -15.33
CA THR G 103 11.24 39.45 -14.33
C THR G 103 10.82 40.07 -13.01
N ILE G 104 9.82 39.48 -12.36
CA ILE G 104 9.34 39.99 -11.08
C ILE G 104 9.16 38.85 -10.09
N CYS G 105 9.90 38.91 -9.00
CA CYS G 105 9.80 37.87 -8.00
C CYS G 105 8.69 38.19 -7.01
N MET G 106 7.75 37.26 -6.85
CA MET G 106 6.74 37.38 -5.82
C MET G 106 6.77 36.10 -4.99
N GLY G 107 6.74 36.25 -3.66
CA GLY G 107 6.82 35.10 -2.77
C GLY G 107 8.26 34.65 -2.63
N GLN G 108 8.72 33.82 -3.56
CA GLN G 108 10.11 33.40 -3.52
C GLN G 108 10.67 33.06 -4.89
N ALA G 109 11.99 33.16 -5.00
CA ALA G 109 12.69 32.65 -6.18
C ALA G 109 13.89 31.90 -5.65
N ALA G 110 13.81 30.57 -5.64
CA ALA G 110 14.90 29.79 -5.07
C ALA G 110 15.54 28.94 -6.16
N SER G 111 16.84 28.70 -6.05
CA SER G 111 17.58 27.85 -6.98
C SER G 111 17.32 28.25 -8.44
N MET G 112 16.84 27.34 -9.28
CA MET G 112 16.57 27.71 -10.67
C MET G 112 15.61 28.91 -10.78
N GLY G 113 14.71 29.06 -9.81
CA GLY G 113 13.84 30.22 -9.78
C GLY G 113 14.64 31.51 -9.63
N ALA G 114 15.65 31.52 -8.76
CA ALA G 114 16.48 32.71 -8.59
C ALA G 114 17.30 32.94 -9.87
N PHE G 115 17.72 31.85 -10.50
CA PHE G 115 18.49 31.97 -11.72
C PHE G 115 17.73 32.68 -12.86
N LEU G 116 16.49 32.27 -13.08
CA LEU G 116 15.66 32.85 -14.13
C LEU G 116 15.29 34.29 -13.78
N LEU G 117 15.15 34.57 -12.49
CA LEU G 117 14.89 35.93 -12.03
C LEU G 117 16.02 36.86 -12.47
N THR G 118 17.25 36.46 -12.17
CA THR G 118 18.40 37.30 -12.47
C THR G 118 18.70 37.30 -13.98
N ALA G 119 18.10 36.36 -14.71
CA ALA G 119 18.32 36.27 -16.15
C ALA G 119 17.49 37.26 -16.98
N GLY G 120 16.61 37.99 -16.33
CA GLY G 120 15.76 38.95 -17.01
C GLY G 120 16.59 40.10 -17.57
N ALA G 121 15.99 40.91 -18.43
CA ALA G 121 16.72 42.04 -19.01
C ALA G 121 17.23 42.97 -17.90
N LYS G 122 18.53 43.26 -17.94
CA LYS G 122 19.19 44.15 -16.97
C LYS G 122 18.42 45.47 -16.87
N GLY G 123 18.16 45.94 -15.65
CA GLY G 123 17.40 47.15 -15.45
C GLY G 123 15.91 46.86 -15.33
N LYS G 124 15.49 45.66 -15.70
CA LYS G 124 14.07 45.29 -15.66
C LYS G 124 13.78 44.02 -14.81
N ARG G 125 14.64 43.77 -13.82
CA ARG G 125 14.47 42.66 -12.88
C ARG G 125 14.09 43.22 -11.51
N PHE G 126 12.98 42.74 -10.96
CA PHE G 126 12.43 43.31 -9.71
C PHE G 126 12.08 42.26 -8.66
N CYS G 127 12.20 42.66 -7.39
CA CYS G 127 11.64 41.90 -6.28
C CYS G 127 10.51 42.74 -5.70
N LEU G 128 9.42 42.08 -5.34
CA LEU G 128 8.41 42.71 -4.48
C LEU G 128 9.02 42.75 -3.08
N PRO G 129 8.59 43.69 -2.24
CA PRO G 129 9.31 44.04 -1.01
C PRO G 129 9.52 42.88 -0.04
N ASN G 130 8.57 41.95 0.03
CA ASN G 130 8.66 40.85 0.98
C ASN G 130 8.86 39.46 0.35
N SER G 131 9.33 39.45 -0.89
CA SER G 131 9.71 38.21 -1.54
C SER G 131 11.10 37.85 -1.03
N ARG G 132 11.50 36.58 -1.16
CA ARG G 132 12.86 36.20 -0.77
C ARG G 132 13.52 35.41 -1.89
N VAL G 133 14.84 35.44 -1.92
CA VAL G 133 15.58 34.78 -2.97
C VAL G 133 16.50 33.78 -2.30
N MET G 134 16.72 32.61 -2.91
CA MET G 134 17.70 31.69 -2.36
C MET G 134 18.55 31.12 -3.50
N ILE G 135 19.87 31.08 -3.28
CA ILE G 135 20.77 30.50 -4.28
C ILE G 135 21.61 29.38 -3.68
N HIS G 136 21.98 28.40 -4.49
CA HIS G 136 22.80 27.29 -4.03
C HIS G 136 23.40 26.52 -5.20
N GLN G 137 24.17 25.50 -4.90
CA GLN G 137 24.74 24.67 -5.96
C GLN G 137 23.77 23.56 -6.41
N PRO G 138 24.04 22.94 -7.58
CA PRO G 138 23.17 21.86 -8.05
C PRO G 138 23.13 20.66 -7.10
N LEU G 139 22.00 19.96 -7.11
CA LEU G 139 21.83 18.69 -6.42
C LEU G 139 21.62 17.61 -7.48
N GLY G 140 22.06 16.39 -7.20
CA GLY G 140 21.82 15.32 -8.15
C GLY G 140 22.02 13.97 -7.52
N GLY G 141 22.03 12.94 -8.34
CA GLY G 141 22.23 11.62 -7.81
C GLY G 141 22.29 10.56 -8.90
N TYR G 142 23.22 9.63 -8.75
CA TYR G 142 23.35 8.55 -9.70
C TYR G 142 23.66 7.26 -8.98
N GLN G 143 23.45 6.15 -9.68
CA GLN G 143 23.75 4.85 -9.11
C GLN G 143 24.22 4.00 -10.26
N GLY G 144 25.31 3.25 -10.06
CA GLY G 144 25.81 2.37 -11.09
C GLY G 144 27.28 2.03 -10.91
N GLN G 145 27.90 1.58 -12.00
CA GLN G 145 29.33 1.27 -11.94
C GLN G 145 30.18 2.51 -11.64
N ALA G 146 31.31 2.32 -10.97
CA ALA G 146 32.22 3.42 -10.69
C ALA G 146 32.57 4.23 -11.94
N THR G 147 32.79 3.55 -13.07
CA THR G 147 33.09 4.26 -14.31
C THR G 147 31.99 5.25 -14.70
N ASP G 148 30.75 4.81 -14.55
CA ASP G 148 29.59 5.66 -14.86
C ASP G 148 29.35 6.73 -13.84
N ILE G 149 29.63 6.40 -12.58
CA ILE G 149 29.56 7.37 -11.51
C ILE G 149 30.47 8.54 -11.82
N GLU G 150 31.68 8.23 -12.29
CA GLU G 150 32.64 9.28 -12.63
C GLU G 150 32.14 10.16 -13.76
N ILE G 151 31.57 9.54 -14.80
CA ILE G 151 31.01 10.27 -15.93
C ILE G 151 29.90 11.24 -15.48
N HIS G 152 28.98 10.74 -14.65
CA HIS G 152 27.87 11.59 -14.21
C HIS G 152 28.27 12.65 -13.16
N ALA G 153 29.23 12.34 -12.30
CA ALA G 153 29.72 13.35 -11.36
C ALA G 153 30.47 14.45 -12.13
N ARG G 154 31.27 14.06 -13.12
CA ARG G 154 31.97 15.04 -13.92
C ARG G 154 30.99 15.97 -14.61
N GLU G 155 29.90 15.40 -15.10
CA GLU G 155 28.87 16.17 -15.78
C GLU G 155 28.16 17.15 -14.82
N ILE G 156 27.78 16.71 -13.62
CA ILE G 156 27.10 17.68 -12.75
C ILE G 156 28.07 18.78 -12.28
N LEU G 157 29.36 18.47 -12.16
CA LEU G 157 30.35 19.49 -11.84
C LEU G 157 30.50 20.51 -12.98
N LYS G 158 30.42 20.05 -14.23
CA LYS G 158 30.43 20.97 -15.36
C LYS G 158 29.20 21.87 -15.33
N VAL G 159 28.04 21.29 -15.03
CA VAL G 159 26.82 22.08 -14.93
C VAL G 159 26.99 23.12 -13.82
N LYS G 160 27.53 22.70 -12.68
CA LYS G 160 27.77 23.61 -11.55
C LYS G 160 28.65 24.80 -11.97
N GLY G 161 29.74 24.49 -12.66
CA GLY G 161 30.62 25.54 -13.15
C GLY G 161 29.90 26.51 -14.08
N ARG G 162 29.14 25.97 -15.03
CA ARG G 162 28.44 26.81 -16.00
C ARG G 162 27.41 27.71 -15.32
N MET G 163 26.68 27.14 -14.37
CA MET G 163 25.68 27.91 -13.65
C MET G 163 26.35 29.01 -12.82
N ASN G 164 27.50 28.72 -12.22
CA ASN G 164 28.20 29.75 -11.46
C ASN G 164 28.67 30.87 -12.39
N GLU G 165 29.16 30.52 -13.57
CA GLU G 165 29.61 31.53 -14.54
C GLU G 165 28.46 32.44 -14.97
N LEU G 166 27.31 31.81 -15.27
CA LEU G 166 26.12 32.55 -15.68
C LEU G 166 25.57 33.43 -14.57
N MET G 167 25.61 32.93 -13.33
CA MET G 167 25.15 33.71 -12.19
C MET G 167 26.06 34.93 -12.00
N ALA G 168 27.36 34.72 -12.13
CA ALA G 168 28.32 35.83 -12.07
C ALA G 168 28.03 36.88 -13.15
N LEU G 169 27.81 36.45 -14.39
CA LEU G 169 27.50 37.38 -15.48
C LEU G 169 26.31 38.27 -15.16
N HIS G 170 25.19 37.65 -14.79
CA HIS G 170 23.97 38.39 -14.60
C HIS G 170 23.93 39.20 -13.32
N THR G 171 24.63 38.77 -12.26
CA THR G 171 24.57 39.50 -11.01
C THR G 171 25.62 40.61 -10.96
N GLY G 172 26.71 40.40 -11.69
CA GLY G 172 27.84 41.34 -11.64
C GLY G 172 28.84 40.92 -10.57
N GLN G 173 28.54 39.86 -9.82
CA GLN G 173 29.50 39.38 -8.83
C GLN G 173 30.65 38.65 -9.53
N SER G 174 31.80 38.54 -8.86
CA SER G 174 32.90 37.76 -9.40
C SER G 174 32.55 36.27 -9.35
N LEU G 175 33.20 35.46 -10.19
CA LEU G 175 33.00 34.01 -10.16
C LEU G 175 33.29 33.48 -8.75
N GLU G 176 34.35 34.01 -8.14
CA GLU G 176 34.75 33.55 -6.82
C GLU G 176 33.68 33.85 -5.76
N GLN G 177 33.02 34.99 -5.88
CA GLN G 177 31.98 35.34 -4.91
C GLN G 177 30.76 34.41 -5.06
N ILE G 178 30.35 34.16 -6.30
CA ILE G 178 29.21 33.27 -6.52
C ILE G 178 29.52 31.87 -5.96
N GLU G 179 30.72 31.37 -6.23
CA GLU G 179 31.14 30.07 -5.77
C GLU G 179 31.13 29.92 -4.25
N ARG G 180 31.71 30.92 -3.59
CA ARG G 180 31.81 30.93 -2.14
C ARG G 180 30.40 30.98 -1.54
N ASP G 181 29.51 31.77 -2.15
CA ASP G 181 28.17 31.99 -1.59
C ASP G 181 27.15 30.89 -1.89
N THR G 182 27.45 30.00 -2.84
CA THR G 182 26.46 29.00 -3.24
C THR G 182 26.84 27.58 -2.86
N GLU G 183 27.94 27.41 -2.11
CA GLU G 183 28.29 26.07 -1.65
C GLU G 183 27.17 25.50 -0.76
N ARG G 184 26.53 26.40 -0.01
CA ARG G 184 25.38 26.05 0.80
C ARG G 184 24.26 27.07 0.55
N ASP G 185 23.02 26.73 0.89
CA ASP G 185 21.90 27.63 0.70
C ASP G 185 22.18 29.03 1.25
N ARG G 186 21.91 30.01 0.42
CA ARG G 186 22.08 31.41 0.77
C ARG G 186 20.79 32.15 0.52
N PHE G 187 20.18 32.65 1.60
CA PHE G 187 18.92 33.36 1.56
C PHE G 187 19.14 34.86 1.49
N LEU G 188 18.35 35.54 0.66
CA LEU G 188 18.44 36.98 0.57
C LEU G 188 17.10 37.64 0.62
N SER G 189 17.00 38.71 1.40
CA SER G 189 15.81 39.54 1.35
C SER G 189 15.79 40.31 0.04
N ALA G 190 14.68 40.98 -0.22
CA ALA G 190 14.58 41.79 -1.43
C ALA G 190 15.65 42.91 -1.48
N PRO G 191 15.87 43.65 -0.37
CA PRO G 191 16.95 44.65 -0.42
C PRO G 191 18.33 44.03 -0.64
N GLU G 192 18.57 42.89 0.00
CA GLU G 192 19.82 42.17 -0.16
C GLU G 192 20.00 41.65 -1.59
N ALA G 193 18.91 41.29 -2.25
CA ALA G 193 18.97 40.81 -3.63
C ALA G 193 19.31 41.98 -4.57
N VAL G 194 18.80 43.17 -4.28
CA VAL G 194 19.19 44.34 -5.06
C VAL G 194 20.68 44.57 -4.86
N GLU G 195 21.11 44.57 -3.60
CA GLU G 195 22.52 44.87 -3.29
C GLU G 195 23.46 43.82 -3.87
N TYR G 196 22.98 42.59 -3.98
CA TYR G 196 23.77 41.50 -4.53
C TYR G 196 23.86 41.59 -6.04
N GLY G 197 22.93 42.32 -6.67
CA GLY G 197 22.90 42.40 -8.12
C GLY G 197 21.99 41.35 -8.76
N LEU G 198 21.25 40.61 -7.94
CA LEU G 198 20.32 39.60 -8.46
C LEU G 198 19.15 40.25 -9.17
N VAL G 199 18.61 41.33 -8.61
CA VAL G 199 17.60 42.12 -9.29
C VAL G 199 18.06 43.57 -9.30
N ASP G 200 17.36 44.39 -10.07
CA ASP G 200 17.75 45.79 -10.19
C ASP G 200 17.12 46.68 -9.13
N SER G 201 15.89 46.37 -8.74
CA SER G 201 15.23 47.16 -7.69
C SER G 201 14.02 46.46 -7.12
N ILE G 202 13.40 47.13 -6.17
CA ILE G 202 12.20 46.64 -5.53
C ILE G 202 10.98 47.37 -6.09
N LEU G 203 9.95 46.62 -6.47
CA LEU G 203 8.66 47.23 -6.82
C LEU G 203 7.82 47.30 -5.53
N THR G 204 7.39 48.50 -5.12
CA THR G 204 6.60 48.58 -3.88
C THR G 204 5.16 49.07 -4.13
N HIS G 205 5.01 50.21 -4.81
CA HIS G 205 3.67 50.69 -5.14
C HIS G 205 3.63 51.08 -6.60
N ARG G 206 2.50 50.85 -7.26
CA ARG G 206 2.44 51.16 -8.67
C ARG G 206 2.42 52.66 -8.97
N ASN G 207 3.34 53.05 -9.85
CA ASN G 207 3.45 54.41 -10.40
C ASN G 207 2.10 55.05 -10.68
N VAL H 17 8.43 -28.68 14.81
CA VAL H 17 9.36 -29.79 14.69
C VAL H 17 9.42 -30.57 16.00
N PRO H 18 9.06 -31.86 15.95
CA PRO H 18 9.00 -32.72 17.14
C PRO H 18 10.36 -33.21 17.60
N MET H 19 10.48 -33.39 18.90
CA MET H 19 11.70 -33.85 19.53
C MET H 19 11.60 -35.36 19.80
N VAL H 20 12.72 -36.06 19.76
CA VAL H 20 12.73 -37.47 20.17
C VAL H 20 13.86 -37.74 21.15
N PHE H 31 17.13 -34.60 20.24
CA PHE H 31 17.15 -34.76 18.78
C PHE H 31 15.84 -34.34 18.12
N ASP H 32 15.91 -33.39 17.20
CA ASP H 32 14.78 -33.03 16.37
C ASP H 32 14.59 -34.17 15.37
N ILE H 33 13.38 -34.31 14.81
CA ILE H 33 13.09 -35.45 13.94
C ILE H 33 14.07 -35.49 12.75
N TYR H 34 14.49 -34.33 12.26
CA TYR H 34 15.45 -34.33 11.15
C TYR H 34 16.84 -34.73 11.63
N SER H 35 17.23 -34.27 12.81
CA SER H 35 18.53 -34.64 13.38
C SER H 35 18.57 -36.13 13.66
N ARG H 36 17.46 -36.68 14.13
CA ARG H 36 17.36 -38.10 14.38
C ARG H 36 17.56 -38.86 13.08
N LEU H 37 16.92 -38.38 12.02
CA LEU H 37 17.03 -39.06 10.74
C LEU H 37 18.42 -38.88 10.15
N LEU H 38 19.08 -37.77 10.49
CA LEU H 38 20.42 -37.50 9.99
C LEU H 38 21.44 -38.52 10.47
N LYS H 39 21.27 -39.04 11.69
CA LYS H 39 22.22 -39.99 12.22
C LYS H 39 22.03 -41.30 11.46
N GLU H 40 20.96 -41.39 10.68
CA GLU H 40 20.72 -42.57 9.88
C GLU H 40 21.06 -42.27 8.44
N ARG H 41 21.84 -41.21 8.27
CA ARG H 41 22.38 -40.79 6.97
C ARG H 41 21.27 -40.42 5.98
N VAL H 42 20.19 -39.87 6.51
CA VAL H 42 19.10 -39.38 5.68
C VAL H 42 19.06 -37.86 5.69
N ILE H 43 19.07 -37.26 4.49
CA ILE H 43 19.00 -35.81 4.31
C ILE H 43 17.81 -35.46 3.43
N PHE H 44 17.09 -34.40 3.78
CA PHE H 44 15.96 -33.95 2.98
C PHE H 44 16.27 -32.67 2.24
N LEU H 45 16.03 -32.73 0.92
CA LEU H 45 16.04 -31.54 0.07
C LEU H 45 14.57 -31.28 -0.29
N THR H 46 14.02 -30.22 0.29
CA THR H 46 12.60 -29.96 0.19
C THR H 46 12.33 -28.52 -0.20
N GLY H 47 11.50 -28.29 -1.20
CA GLY H 47 11.15 -26.93 -1.61
C GLY H 47 12.15 -26.29 -2.57
N GLN H 48 12.06 -24.98 -2.76
CA GLN H 48 12.87 -24.31 -3.77
C GLN H 48 14.35 -24.37 -3.42
N VAL H 49 15.18 -24.60 -4.41
CA VAL H 49 16.60 -24.60 -4.23
C VAL H 49 17.10 -23.15 -4.22
N GLU H 50 17.77 -22.76 -3.14
CA GLU H 50 18.40 -21.44 -3.03
C GLU H 50 19.62 -21.60 -2.12
N ASP H 51 20.45 -20.57 -2.06
CA ASP H 51 21.77 -20.66 -1.42
C ASP H 51 21.79 -21.23 0.00
N HIS H 52 20.89 -20.77 0.86
CA HIS H 52 20.95 -21.13 2.28
C HIS H 52 20.43 -22.56 2.55
N MET H 53 19.31 -22.93 1.94
CA MET H 53 18.87 -24.33 2.11
C MET H 53 19.89 -25.27 1.46
N ALA H 54 20.54 -24.82 0.38
CA ALA H 54 21.52 -25.64 -0.30
C ALA H 54 22.75 -25.81 0.57
N ASN H 55 23.14 -24.73 1.23
CA ASN H 55 24.28 -24.74 2.14
C ASN H 55 23.99 -25.73 3.28
N LEU H 56 22.74 -25.75 3.76
CA LEU H 56 22.35 -26.68 4.80
C LEU H 56 22.53 -28.14 4.32
N ILE H 57 22.20 -28.40 3.06
CA ILE H 57 22.33 -29.74 2.50
C ILE H 57 23.80 -30.12 2.44
N VAL H 58 24.60 -29.19 1.94
CA VAL H 58 26.05 -29.39 1.80
C VAL H 58 26.73 -29.68 3.14
N ALA H 59 26.37 -28.92 4.17
CA ALA H 59 26.93 -29.13 5.51
C ALA H 59 26.58 -30.52 6.04
N GLN H 60 25.34 -30.94 5.79
CA GLN H 60 24.90 -32.27 6.20
C GLN H 60 25.68 -33.36 5.50
N MET H 61 25.94 -33.19 4.20
CA MET H 61 26.73 -34.17 3.47
C MET H 61 28.17 -34.22 4.00
N LEU H 62 28.78 -33.07 4.28
CA LEU H 62 30.15 -33.05 4.79
C LEU H 62 30.20 -33.77 6.13
N PHE H 63 29.24 -33.47 7.00
CA PHE H 63 29.13 -34.12 8.29
C PHE H 63 29.00 -35.63 8.16
N LEU H 64 28.15 -36.10 7.25
CA LEU H 64 27.94 -37.54 7.10
C LEU H 64 29.17 -38.26 6.57
N GLU H 65 29.85 -37.61 5.62
CA GLU H 65 31.08 -38.15 5.00
C GLU H 65 32.05 -38.45 6.11
N ALA H 66 32.02 -37.54 7.04
CA ALA H 66 32.76 -37.61 8.25
C ALA H 66 32.53 -38.77 9.19
N GLU H 67 31.24 -38.93 9.50
CA GLU H 67 30.78 -39.90 10.47
C GLU H 67 31.22 -41.24 9.97
N ASN H 68 31.26 -41.36 8.65
CA ASN H 68 31.67 -42.57 8.02
C ASN H 68 31.84 -42.36 6.53
N PRO H 69 33.10 -42.22 6.06
CA PRO H 69 33.38 -41.89 4.66
C PRO H 69 33.03 -43.01 3.70
N GLU H 70 32.66 -44.16 4.24
CA GLU H 70 32.39 -45.34 3.41
C GLU H 70 30.90 -45.63 3.22
N LYS H 71 30.07 -45.22 4.17
CA LYS H 71 28.63 -45.57 4.10
C LYS H 71 27.79 -44.61 3.28
N ASP H 72 26.82 -45.19 2.58
CA ASP H 72 25.92 -44.44 1.71
C ASP H 72 25.18 -43.35 2.46
N ILE H 73 24.87 -42.29 1.72
CA ILE H 73 24.05 -41.20 2.19
C ILE H 73 22.74 -41.19 1.41
N TYR H 74 21.63 -40.91 2.09
CA TYR H 74 20.36 -40.87 1.40
C TYR H 74 19.76 -39.47 1.34
N LEU H 75 19.57 -38.99 0.11
CA LEU H 75 19.02 -37.66 -0.12
C LEU H 75 17.62 -37.79 -0.71
N TYR H 76 16.61 -37.52 0.11
CA TYR H 76 15.23 -37.42 -0.38
C TYR H 76 15.03 -36.09 -1.07
N ILE H 77 14.43 -36.11 -2.26
CA ILE H 77 14.23 -34.90 -3.03
C ILE H 77 12.75 -34.69 -3.31
N ASN H 78 12.23 -33.55 -2.87
CA ASN H 78 10.88 -33.09 -3.21
C ASN H 78 10.95 -31.60 -3.47
N SER H 79 11.12 -31.22 -4.74
CA SER H 79 11.46 -29.83 -5.09
C SER H 79 10.95 -29.41 -6.47
N PRO H 80 10.48 -28.16 -6.59
CA PRO H 80 10.06 -27.64 -7.90
C PRO H 80 11.25 -27.09 -8.68
N GLY H 81 12.42 -27.11 -8.08
CA GLY H 81 13.59 -26.55 -8.74
C GLY H 81 14.11 -25.37 -7.96
N GLY H 82 14.79 -24.47 -8.65
CA GLY H 82 15.31 -23.28 -8.01
C GLY H 82 16.51 -22.74 -8.75
N VAL H 83 17.36 -22.08 -7.99
CA VAL H 83 18.53 -21.38 -8.50
C VAL H 83 19.63 -22.35 -8.89
N ILE H 84 20.13 -22.19 -10.12
CA ILE H 84 21.10 -23.13 -10.65
C ILE H 84 22.42 -23.12 -9.87
N THR H 85 23.02 -21.96 -9.60
CA THR H 85 24.29 -21.96 -8.88
C THR H 85 24.15 -22.61 -7.50
N ALA H 86 23.03 -22.36 -6.82
CA ALA H 86 22.75 -23.02 -5.53
C ALA H 86 22.68 -24.54 -5.71
N GLY H 87 22.01 -24.99 -6.78
CA GLY H 87 21.93 -26.41 -7.06
C GLY H 87 23.28 -27.04 -7.36
N MET H 88 24.14 -26.30 -8.05
CA MET H 88 25.46 -26.84 -8.39
C MET H 88 26.38 -26.98 -7.16
N SER H 89 26.12 -26.21 -6.11
CA SER H 89 26.90 -26.38 -4.87
C SER H 89 26.60 -27.75 -4.27
N ILE H 90 25.34 -28.14 -4.35
CA ILE H 90 24.91 -29.47 -3.93
C ILE H 90 25.48 -30.52 -4.88
N TYR H 91 25.32 -30.28 -6.18
CA TYR H 91 25.80 -31.24 -7.18
C TYR H 91 27.29 -31.58 -6.99
N ASP H 92 28.14 -30.55 -6.94
CA ASP H 92 29.59 -30.77 -6.86
C ASP H 92 29.99 -31.41 -5.54
N THR H 93 29.24 -31.12 -4.48
CA THR H 93 29.48 -31.74 -3.19
C THR H 93 29.15 -33.23 -3.26
N MET H 94 28.04 -33.56 -3.91
CA MET H 94 27.64 -34.96 -4.11
C MET H 94 28.73 -35.76 -4.80
N GLN H 95 29.37 -35.14 -5.79
CA GLN H 95 30.38 -35.87 -6.53
C GLN H 95 31.68 -35.91 -5.74
N PHE H 96 32.00 -34.82 -5.05
CA PHE H 96 33.30 -34.71 -4.36
C PHE H 96 33.48 -35.68 -3.18
N ILE H 97 32.49 -35.76 -2.32
CA ILE H 97 32.61 -36.54 -1.10
C ILE H 97 32.82 -38.02 -1.41
N LYS H 98 33.40 -38.74 -0.45
CA LYS H 98 33.70 -40.16 -0.66
C LYS H 98 32.45 -41.04 -0.71
N PRO H 99 31.51 -40.86 0.23
CA PRO H 99 30.35 -41.77 0.16
C PRO H 99 29.47 -41.58 -1.09
N ASP H 100 28.84 -42.68 -1.52
CA ASP H 100 27.80 -42.63 -2.55
C ASP H 100 26.62 -41.84 -2.00
N VAL H 101 26.03 -40.98 -2.83
CA VAL H 101 24.79 -40.34 -2.44
C VAL H 101 23.67 -40.93 -3.26
N SER H 102 22.83 -41.72 -2.59
CA SER H 102 21.63 -42.29 -3.21
C SER H 102 20.50 -41.26 -3.13
N THR H 103 19.78 -41.08 -4.22
CA THR H 103 18.69 -40.10 -4.27
C THR H 103 17.33 -40.77 -4.41
N ILE H 104 16.35 -40.19 -3.72
CA ILE H 104 14.99 -40.69 -3.74
C ILE H 104 14.01 -39.55 -3.95
N CYS H 105 13.29 -39.59 -5.07
CA CYS H 105 12.32 -38.57 -5.38
C CYS H 105 10.98 -38.92 -4.75
N MET H 106 10.48 -37.99 -3.95
CA MET H 106 9.13 -38.12 -3.43
C MET H 106 8.36 -36.85 -3.76
N GLY H 107 7.12 -37.02 -4.22
CA GLY H 107 6.30 -35.90 -4.65
C GLY H 107 6.71 -35.46 -6.03
N GLN H 108 7.73 -34.63 -6.12
CA GLN H 108 8.22 -34.26 -7.42
C GLN H 108 9.69 -33.87 -7.38
N ALA H 109 10.33 -33.98 -8.53
CA ALA H 109 11.67 -33.41 -8.72
C ALA H 109 11.65 -32.70 -10.05
N ALA H 110 11.56 -31.37 -10.03
CA ALA H 110 11.49 -30.59 -11.26
C ALA H 110 12.70 -29.67 -11.42
N SER H 111 13.06 -29.39 -12.67
CA SER H 111 14.19 -28.53 -13.03
C SER H 111 15.44 -28.95 -12.27
N MET H 112 16.04 -28.03 -11.52
CA MET H 112 17.21 -28.37 -10.71
C MET H 112 16.96 -29.55 -9.76
N GLY H 113 15.72 -29.72 -9.30
CA GLY H 113 15.37 -30.88 -8.47
C GLY H 113 15.58 -32.18 -9.22
N ALA H 114 15.20 -32.18 -10.50
CA ALA H 114 15.41 -33.33 -11.36
C ALA H 114 16.89 -33.52 -11.66
N PHE H 115 17.61 -32.41 -11.85
CA PHE H 115 19.03 -32.47 -12.11
C PHE H 115 19.79 -33.14 -10.97
N LEU H 116 19.46 -32.77 -9.73
CA LEU H 116 20.11 -33.36 -8.57
C LEU H 116 19.68 -34.82 -8.36
N LEU H 117 18.44 -35.14 -8.71
CA LEU H 117 17.98 -36.52 -8.61
C LEU H 117 18.83 -37.46 -9.48
N THR H 118 19.02 -37.07 -10.74
CA THR H 118 19.72 -37.90 -11.71
C THR H 118 21.23 -37.90 -11.47
N ALA H 119 21.70 -36.95 -10.66
CA ALA H 119 23.10 -36.82 -10.31
C ALA H 119 23.55 -37.80 -9.21
N GLY H 120 22.61 -38.56 -8.66
CA GLY H 120 22.92 -39.53 -7.63
C GLY H 120 23.82 -40.66 -8.11
N ALA H 121 24.34 -41.44 -7.17
CA ALA H 121 25.22 -42.55 -7.54
C ALA H 121 24.48 -43.54 -8.43
N LYS H 122 25.09 -43.89 -9.56
CA LYS H 122 24.55 -44.85 -10.51
C LYS H 122 24.13 -46.12 -9.80
N GLY H 123 22.91 -46.54 -10.09
CA GLY H 123 22.31 -47.71 -9.47
C GLY H 123 21.54 -47.39 -8.20
N LYS H 124 21.72 -46.18 -7.67
CA LYS H 124 21.12 -45.79 -6.39
C LYS H 124 20.22 -44.56 -6.49
N ARG H 125 19.66 -44.33 -7.66
CA ARG H 125 18.72 -43.24 -7.86
C ARG H 125 17.31 -43.80 -8.00
N PHE H 126 16.39 -43.30 -7.18
CA PHE H 126 15.06 -43.88 -7.14
C PHE H 126 13.93 -42.86 -7.25
N CYS H 127 12.82 -43.31 -7.82
CA CYS H 127 11.55 -42.61 -7.75
C CYS H 127 10.59 -43.42 -6.91
N LEU H 128 9.85 -42.74 -6.07
CA LEU H 128 8.69 -43.35 -5.45
C LEU H 128 7.63 -43.44 -6.55
N PRO H 129 6.71 -44.43 -6.44
CA PRO H 129 5.85 -44.81 -7.56
C PRO H 129 5.01 -43.66 -8.14
N ASN H 130 4.56 -42.72 -7.31
CA ASN H 130 3.67 -41.66 -7.79
C ASN H 130 4.33 -40.27 -7.79
N SER H 131 5.65 -40.25 -7.77
CA SER H 131 6.38 -39.00 -7.91
C SER H 131 6.42 -38.65 -9.39
N ARG H 132 6.67 -37.39 -9.69
CA ARG H 132 6.83 -36.99 -11.09
C ARG H 132 8.10 -36.19 -11.26
N VAL H 133 8.65 -36.24 -12.46
CA VAL H 133 9.90 -35.58 -12.75
C VAL H 133 9.67 -34.58 -13.88
N MET H 134 10.31 -33.43 -13.82
CA MET H 134 10.19 -32.49 -14.94
C MET H 134 11.51 -31.89 -15.27
N ILE H 135 11.82 -31.86 -16.57
CA ILE H 135 13.06 -31.29 -17.01
C ILE H 135 12.80 -30.19 -18.02
N HIS H 136 13.62 -29.16 -17.99
CA HIS H 136 13.62 -28.07 -18.94
C HIS H 136 14.94 -27.31 -18.99
N GLN H 137 15.04 -26.31 -19.83
CA GLN H 137 16.23 -25.47 -19.91
C GLN H 137 16.22 -24.36 -18.85
N PRO H 138 17.39 -23.72 -18.64
CA PRO H 138 17.46 -22.60 -17.67
C PRO H 138 16.57 -21.40 -18.01
N LEU H 139 16.10 -20.70 -16.98
CA LEU H 139 15.42 -19.42 -17.15
C LEU H 139 16.28 -18.37 -16.49
N GLY H 140 16.23 -17.14 -16.99
CA GLY H 140 17.01 -16.09 -16.37
C GLY H 140 16.48 -14.74 -16.78
N GLY H 141 17.23 -13.71 -16.49
CA GLY H 141 16.79 -12.39 -16.83
C GLY H 141 17.83 -11.38 -16.47
N TYR H 142 18.00 -10.39 -17.35
CA TYR H 142 18.90 -9.29 -17.09
C TYR H 142 18.26 -8.00 -17.59
N GLN H 143 18.79 -6.88 -17.10
CA GLN H 143 18.34 -5.56 -17.45
C GLN H 143 19.56 -4.69 -17.51
N GLY H 144 19.73 -3.92 -18.58
CA GLY H 144 20.86 -3.01 -18.66
C GLY H 144 21.25 -2.66 -20.09
N GLN H 145 22.48 -2.19 -20.24
CA GLN H 145 23.01 -1.83 -21.55
C GLN H 145 23.11 -3.05 -22.45
N ALA H 146 22.96 -2.83 -23.75
CA ALA H 146 23.07 -3.90 -24.73
C ALA H 146 24.38 -4.69 -24.56
N THR H 147 25.50 -4.00 -24.33
CA THR H 147 26.77 -4.71 -24.13
C THR H 147 26.70 -5.71 -22.98
N ASP H 148 26.10 -5.30 -21.87
CA ASP H 148 25.98 -6.18 -20.73
C ASP H 148 24.94 -7.28 -20.96
N ILE H 149 23.88 -6.96 -21.69
CA ILE H 149 22.88 -7.96 -22.06
C ILE H 149 23.55 -9.09 -22.83
N GLU H 150 24.48 -8.72 -23.71
CA GLU H 150 25.22 -9.69 -24.52
C GLU H 150 26.07 -10.61 -23.63
N ILE H 151 26.77 -10.00 -22.67
CA ILE H 151 27.58 -10.73 -21.71
C ILE H 151 26.76 -11.74 -20.88
N HIS H 152 25.61 -11.31 -20.37
CA HIS H 152 24.79 -12.19 -19.53
C HIS H 152 24.03 -13.21 -20.35
N ALA H 153 23.67 -12.85 -21.57
CA ALA H 153 23.02 -13.83 -22.46
C ALA H 153 23.98 -14.95 -22.81
N ARG H 154 25.23 -14.59 -23.13
CA ARG H 154 26.22 -15.62 -23.47
C ARG H 154 26.47 -16.52 -22.28
N GLU H 155 26.48 -15.95 -21.08
CA GLU H 155 26.71 -16.73 -19.89
C GLU H 155 25.62 -17.75 -19.65
N ILE H 156 24.35 -17.38 -19.76
CA ILE H 156 23.30 -18.35 -19.47
C ILE H 156 23.27 -19.41 -20.56
N LEU H 157 23.69 -19.04 -21.76
CA LEU H 157 23.81 -20.02 -22.84
C LEU H 157 24.91 -21.04 -22.52
N LYS H 158 26.03 -20.59 -21.93
CA LYS H 158 27.05 -21.56 -21.50
C LYS H 158 26.54 -22.48 -20.41
N VAL H 159 25.80 -21.91 -19.47
CA VAL H 159 25.19 -22.69 -18.40
C VAL H 159 24.24 -23.73 -18.96
N LYS H 160 23.42 -23.32 -19.92
CA LYS H 160 22.50 -24.24 -20.57
C LYS H 160 23.25 -25.43 -21.20
N GLY H 161 24.32 -25.16 -21.93
CA GLY H 161 25.13 -26.20 -22.55
C GLY H 161 25.76 -27.14 -21.54
N ARG H 162 26.33 -26.57 -20.47
CA ARG H 162 26.92 -27.41 -19.42
C ARG H 162 25.90 -28.32 -18.76
N MET H 163 24.71 -27.78 -18.48
CA MET H 163 23.65 -28.54 -17.85
C MET H 163 23.19 -29.70 -18.76
N ASN H 164 23.10 -29.44 -20.05
CA ASN H 164 22.69 -30.49 -20.99
C ASN H 164 23.74 -31.60 -21.09
N GLU H 165 25.02 -31.24 -21.07
CA GLU H 165 26.11 -32.23 -21.09
C GLU H 165 26.05 -33.10 -19.84
N LEU H 166 25.89 -32.47 -18.69
CA LEU H 166 25.83 -33.21 -17.43
C LEU H 166 24.60 -34.08 -17.39
N MET H 167 23.50 -33.56 -17.93
CA MET H 167 22.26 -34.34 -18.02
C MET H 167 22.45 -35.55 -18.93
N ALA H 168 23.10 -35.33 -20.07
CA ALA H 168 23.38 -36.44 -20.99
C ALA H 168 24.22 -37.51 -20.27
N LEU H 169 25.26 -37.05 -19.58
CA LEU H 169 26.15 -37.92 -18.81
C LEU H 169 25.41 -38.82 -17.84
N HIS H 170 24.54 -38.25 -17.01
CA HIS H 170 23.89 -39.05 -15.98
C HIS H 170 22.72 -39.92 -16.49
N THR H 171 22.06 -39.50 -17.57
CA THR H 171 20.90 -40.25 -18.07
C THR H 171 21.22 -41.36 -19.07
N GLY H 172 22.34 -41.19 -19.79
CA GLY H 172 22.72 -42.07 -20.87
C GLY H 172 22.19 -41.59 -22.22
N GLN H 173 21.40 -40.52 -22.20
CA GLN H 173 20.87 -39.96 -23.45
C GLN H 173 21.96 -39.21 -24.19
N SER H 174 21.79 -39.05 -25.50
CA SER H 174 22.74 -38.25 -26.27
C SER H 174 22.55 -36.78 -25.94
N LEU H 175 23.60 -35.98 -26.15
CA LEU H 175 23.52 -34.55 -25.94
C LEU H 175 22.40 -33.97 -26.79
N GLU H 176 22.31 -34.43 -28.05
CA GLU H 176 21.31 -33.90 -28.97
C GLU H 176 19.90 -34.21 -28.50
N GLN H 177 19.73 -35.39 -27.89
CA GLN H 177 18.44 -35.81 -27.34
C GLN H 177 18.03 -34.96 -26.13
N ILE H 178 18.96 -34.73 -25.22
CA ILE H 178 18.69 -33.88 -24.06
C ILE H 178 18.27 -32.48 -24.51
N GLU H 179 19.02 -31.94 -25.46
CA GLU H 179 18.76 -30.61 -25.98
C GLU H 179 17.34 -30.51 -26.53
N ARG H 180 16.96 -31.47 -27.37
CA ARG H 180 15.64 -31.42 -27.96
C ARG H 180 14.54 -31.58 -26.90
N ASP H 181 14.77 -32.47 -25.93
CA ASP H 181 13.72 -32.76 -24.96
C ASP H 181 13.55 -31.67 -23.89
N THR H 182 14.51 -30.77 -23.75
CA THR H 182 14.44 -29.78 -22.67
C THR H 182 14.21 -28.34 -23.14
N GLU H 183 13.98 -28.14 -24.43
CA GLU H 183 13.64 -26.82 -24.94
C GLU H 183 12.35 -26.32 -24.28
N ARG H 184 11.42 -27.24 -24.00
CA ARG H 184 10.23 -26.94 -23.22
C ARG H 184 10.05 -27.92 -22.08
N ASP H 185 9.25 -27.56 -21.07
CA ASP H 185 8.95 -28.43 -19.93
C ASP H 185 8.56 -29.82 -20.42
N ARG H 186 9.21 -30.83 -19.87
CA ARG H 186 8.96 -32.23 -20.21
C ARG H 186 8.63 -32.92 -18.88
N PHE H 187 7.39 -33.38 -18.71
CA PHE H 187 6.97 -34.07 -17.50
C PHE H 187 7.10 -35.60 -17.68
N LEU H 188 7.58 -36.29 -16.64
CA LEU H 188 7.69 -37.76 -16.69
C LEU H 188 7.12 -38.42 -15.44
N SER H 189 6.33 -39.49 -15.63
CA SER H 189 5.91 -40.30 -14.52
C SER H 189 7.12 -41.05 -13.99
N ALA H 190 6.97 -41.69 -12.84
CA ALA H 190 8.08 -42.47 -12.28
C ALA H 190 8.53 -43.57 -13.25
N PRO H 191 7.59 -44.32 -13.87
CA PRO H 191 8.06 -45.30 -14.86
C PRO H 191 8.81 -44.67 -16.03
N GLU H 192 8.34 -43.51 -16.52
CA GLU H 192 9.00 -42.85 -17.66
C GLU H 192 10.40 -42.36 -17.28
N ALA H 193 10.56 -41.96 -16.02
CA ALA H 193 11.85 -41.46 -15.55
C ALA H 193 12.86 -42.59 -15.53
N VAL H 194 12.40 -43.78 -15.18
CA VAL H 194 13.26 -44.97 -15.23
C VAL H 194 13.67 -45.22 -16.68
N GLU H 195 12.71 -45.23 -17.61
CA GLU H 195 13.05 -45.51 -19.01
C GLU H 195 13.98 -44.46 -19.61
N TYR H 196 13.84 -43.22 -19.14
CA TYR H 196 14.66 -42.14 -19.68
C TYR H 196 16.09 -42.24 -19.14
N GLY H 197 16.27 -42.93 -18.01
CA GLY H 197 17.58 -43.00 -17.39
C GLY H 197 17.81 -41.93 -16.33
N LEU H 198 16.78 -41.16 -16.01
CA LEU H 198 16.89 -40.13 -14.95
C LEU H 198 17.09 -40.78 -13.59
N VAL H 199 16.37 -41.87 -13.35
CA VAL H 199 16.56 -42.70 -12.16
C VAL H 199 16.78 -44.17 -12.57
N ASP H 200 17.21 -44.99 -11.63
CA ASP H 200 17.50 -46.39 -11.97
C ASP H 200 16.32 -47.30 -11.79
N SER H 201 15.50 -47.05 -10.78
CA SER H 201 14.32 -47.86 -10.57
C SER H 201 13.33 -47.17 -9.67
N ILE H 202 12.21 -47.86 -9.45
CA ILE H 202 11.15 -47.40 -8.58
C ILE H 202 11.19 -48.13 -7.25
N LEU H 203 11.13 -47.38 -6.15
CA LEU H 203 10.96 -48.00 -4.84
C LEU H 203 9.47 -48.11 -4.51
N THR H 204 8.98 -49.30 -4.19
CA THR H 204 7.55 -49.42 -3.90
C THR H 204 7.27 -49.83 -2.45
N HIS H 205 7.94 -50.89 -2.02
CA HIS H 205 7.77 -51.38 -0.65
C HIS H 205 9.14 -51.64 -0.05
N ARG H 206 9.29 -51.38 1.25
CA ARG H 206 10.57 -51.67 1.87
C ARG H 206 10.85 -53.17 1.86
N ASN H 207 12.01 -53.53 1.35
CA ASN H 207 12.35 -54.94 1.16
C ASN H 207 12.91 -55.56 2.42
N ASP I 32 6.23 -29.95 23.82
CA ASP I 32 6.48 -31.22 23.15
C ASP I 32 5.34 -32.23 23.36
N ILE I 33 4.10 -31.75 23.41
CA ILE I 33 2.92 -32.62 23.59
C ILE I 33 2.85 -33.54 22.36
N TYR I 34 3.30 -33.01 21.23
CA TYR I 34 3.32 -33.76 19.99
C TYR I 34 4.44 -34.79 19.98
N SER I 35 5.59 -34.44 20.54
CA SER I 35 6.71 -35.35 20.66
C SER I 35 6.34 -36.51 21.59
N ARG I 36 5.58 -36.18 22.62
CA ARG I 36 5.08 -37.15 23.58
C ARG I 36 4.20 -38.17 22.88
N LEU I 37 3.27 -37.67 22.06
CA LEU I 37 2.37 -38.54 21.32
C LEU I 37 3.09 -39.25 20.18
N LEU I 38 4.16 -38.66 19.66
CA LEU I 38 4.93 -39.33 18.62
C LEU I 38 5.52 -40.62 19.18
N LYS I 39 5.82 -40.60 20.48
CA LYS I 39 6.39 -41.76 21.15
C LYS I 39 5.36 -42.86 21.24
N GLU I 40 4.11 -42.53 21.00
CA GLU I 40 3.06 -43.55 20.99
C GLU I 40 2.62 -43.81 19.55
N ARG I 41 3.49 -43.45 18.61
CA ARG I 41 3.28 -43.71 17.19
C ARG I 41 2.06 -42.94 16.64
N VAL I 42 1.82 -41.74 17.18
CA VAL I 42 0.73 -40.91 16.66
C VAL I 42 1.29 -39.71 15.91
N ILE I 43 0.82 -39.52 14.69
CA ILE I 43 1.23 -38.39 13.87
C ILE I 43 0.00 -37.58 13.51
N PHE I 44 0.12 -36.25 13.55
CA PHE I 44 -0.99 -35.38 13.18
C PHE I 44 -0.70 -34.70 11.83
N LEU I 45 -1.65 -34.83 10.90
CA LEU I 45 -1.65 -34.04 9.68
C LEU I 45 -2.77 -33.00 9.79
N THR I 46 -2.39 -31.73 9.95
CA THR I 46 -3.32 -30.64 10.22
C THR I 46 -3.14 -29.47 9.27
N GLY I 47 -4.24 -28.98 8.71
CA GLY I 47 -4.20 -27.79 7.87
C GLY I 47 -3.81 -28.12 6.45
N GLN I 48 -3.38 -27.10 5.73
CA GLN I 48 -3.04 -27.21 4.31
C GLN I 48 -1.88 -28.15 4.03
N VAL I 49 -2.03 -28.99 3.01
CA VAL I 49 -0.94 -29.87 2.61
C VAL I 49 0.01 -29.13 1.68
N GLU I 50 1.27 -29.04 2.10
CA GLU I 50 2.32 -28.39 1.32
C GLU I 50 3.63 -29.07 1.65
N ASP I 51 4.67 -28.78 0.87
CA ASP I 51 5.93 -29.54 0.92
C ASP I 51 6.53 -29.73 2.32
N HIS I 52 6.62 -28.67 3.11
CA HIS I 52 7.35 -28.80 4.38
C HIS I 52 6.57 -29.50 5.49
N MET I 53 5.30 -29.18 5.65
CA MET I 53 4.51 -29.92 6.65
C MET I 53 4.43 -31.38 6.23
N ALA I 54 4.44 -31.63 4.92
CA ALA I 54 4.37 -32.98 4.38
C ALA I 54 5.68 -33.69 4.69
N ASN I 55 6.77 -32.96 4.51
CA ASN I 55 8.08 -33.51 4.83
C ASN I 55 8.19 -33.87 6.31
N LEU I 56 7.60 -33.03 7.17
CA LEU I 56 7.56 -33.33 8.59
C LEU I 56 6.79 -34.64 8.86
N ILE I 57 5.69 -34.87 8.13
CA ILE I 57 4.94 -36.12 8.29
C ILE I 57 5.77 -37.32 7.84
N VAL I 58 6.39 -37.17 6.67
CA VAL I 58 7.25 -38.23 6.12
C VAL I 58 8.39 -38.61 7.06
N ALA I 59 9.04 -37.61 7.65
CA ALA I 59 10.14 -37.86 8.60
C ALA I 59 9.64 -38.63 9.83
N GLN I 60 8.48 -38.25 10.33
CA GLN I 60 7.88 -38.94 11.47
C GLN I 60 7.56 -40.39 11.13
N MET I 61 7.04 -40.63 9.93
CA MET I 61 6.74 -42.00 9.52
C MET I 61 8.01 -42.84 9.40
N LEU I 62 9.07 -42.24 8.85
CA LEU I 62 10.34 -42.96 8.71
C LEU I 62 10.90 -43.30 10.09
N PHE I 63 10.83 -42.33 11.00
CA PHE I 63 11.28 -42.56 12.36
C PHE I 63 10.52 -43.69 13.05
N LEU I 64 9.19 -43.67 12.96
CA LEU I 64 8.36 -44.66 13.64
C LEU I 64 8.60 -46.05 13.06
N GLU I 65 8.77 -46.12 11.75
CA GLU I 65 9.05 -47.39 11.10
C GLU I 65 10.30 -48.01 11.69
N ALA I 66 11.32 -47.18 11.79
CA ALA I 66 12.59 -47.58 12.34
C ALA I 66 12.55 -48.03 13.78
N GLU I 67 11.86 -47.27 14.61
CA GLU I 67 11.78 -47.54 16.03
C GLU I 67 11.10 -48.90 16.23
N ASN I 68 10.20 -49.24 15.32
CA ASN I 68 9.49 -50.53 15.34
C ASN I 68 8.69 -50.76 14.07
N PRO I 69 9.22 -51.57 13.15
CA PRO I 69 8.57 -51.86 11.86
C PRO I 69 7.30 -52.70 11.94
N GLU I 70 6.98 -53.24 13.11
CA GLU I 70 5.86 -54.16 13.22
C GLU I 70 4.60 -53.51 13.75
N LYS I 71 4.77 -52.43 14.51
CA LYS I 71 3.63 -51.78 15.16
C LYS I 71 2.93 -50.76 14.26
N ASP I 72 1.61 -50.67 14.40
CA ASP I 72 0.83 -49.72 13.63
C ASP I 72 1.24 -48.27 13.87
N ILE I 73 1.01 -47.44 12.86
CA ILE I 73 1.17 -46.01 12.99
C ILE I 73 -0.22 -45.39 12.87
N TYR I 74 -0.47 -44.35 13.65
CA TYR I 74 -1.76 -43.67 13.59
C TYR I 74 -1.59 -42.25 13.05
N LEU I 75 -2.24 -41.98 11.91
CA LEU I 75 -2.20 -40.64 11.31
C LEU I 75 -3.56 -39.96 11.44
N TYR I 76 -3.66 -39.00 12.35
CA TYR I 76 -4.84 -38.16 12.47
C TYR I 76 -4.85 -37.12 11.35
N ILE I 77 -5.98 -36.98 10.67
CA ILE I 77 -6.08 -36.07 9.53
C ILE I 77 -7.17 -35.03 9.73
N ASN I 78 -6.79 -33.75 9.69
CA ASN I 78 -7.72 -32.63 9.72
C ASN I 78 -7.23 -31.59 8.74
N SER I 79 -7.76 -31.63 7.51
CA SER I 79 -7.18 -30.85 6.43
C SER I 79 -8.21 -30.49 5.37
N PRO I 80 -8.11 -29.26 4.85
CA PRO I 80 -8.93 -28.81 3.73
C PRO I 80 -8.34 -29.26 2.39
N GLY I 81 -7.16 -29.87 2.43
CA GLY I 81 -6.50 -30.26 1.19
C GLY I 81 -5.18 -29.56 0.99
N GLY I 82 -4.76 -29.45 -0.27
CA GLY I 82 -3.51 -28.79 -0.56
C GLY I 82 -2.88 -29.28 -1.84
N VAL I 83 -1.55 -29.16 -1.90
CA VAL I 83 -0.77 -29.46 -3.09
C VAL I 83 -0.63 -30.97 -3.31
N ILE I 84 -0.92 -31.39 -4.53
CA ILE I 84 -0.98 -32.80 -4.85
C ILE I 84 0.39 -33.48 -4.73
N THR I 85 1.44 -32.90 -5.31
CA THR I 85 2.75 -33.55 -5.22
C THR I 85 3.21 -33.68 -3.78
N ALA I 86 2.94 -32.66 -2.95
CA ALA I 86 3.27 -32.75 -1.53
C ALA I 86 2.46 -33.88 -0.88
N GLY I 87 1.19 -33.96 -1.24
CA GLY I 87 0.34 -35.02 -0.71
C GLY I 87 0.84 -36.39 -1.13
N MET I 88 1.34 -36.50 -2.35
CA MET I 88 1.83 -37.79 -2.86
C MET I 88 3.13 -38.21 -2.17
N SER I 89 3.90 -37.24 -1.67
CA SER I 89 5.11 -37.62 -0.93
C SER I 89 4.68 -38.37 0.33
N ILE I 90 3.56 -37.95 0.94
CA ILE I 90 3.01 -38.65 2.09
C ILE I 90 2.41 -40.00 1.68
N TYR I 91 1.62 -39.98 0.60
CA TYR I 91 0.99 -41.20 0.09
C TYR I 91 2.01 -42.31 -0.13
N ASP I 92 3.08 -42.02 -0.89
CA ASP I 92 4.06 -43.06 -1.20
C ASP I 92 4.84 -43.54 0.01
N THR I 93 5.07 -42.63 0.95
CA THR I 93 5.74 -42.99 2.18
C THR I 93 4.86 -43.94 2.98
N MET I 94 3.56 -43.62 3.03
CA MET I 94 2.60 -44.49 3.70
C MET I 94 2.59 -45.90 3.13
N GLN I 95 2.70 -46.03 1.80
CA GLN I 95 2.65 -47.35 1.17
C GLN I 95 3.99 -48.06 1.33
N PHE I 96 5.08 -47.29 1.27
CA PHE I 96 6.42 -47.84 1.27
C PHE I 96 6.85 -48.47 2.59
N ILE I 97 6.64 -47.76 3.69
CA ILE I 97 7.11 -48.25 4.99
C ILE I 97 6.40 -49.55 5.38
N LYS I 98 7.07 -50.30 6.26
CA LYS I 98 6.59 -51.62 6.70
C LYS I 98 5.32 -51.55 7.57
N PRO I 99 5.27 -50.62 8.54
CA PRO I 99 4.06 -50.60 9.38
C PRO I 99 2.79 -50.21 8.62
N ASP I 100 1.65 -50.75 9.06
CA ASP I 100 0.36 -50.26 8.60
C ASP I 100 0.16 -48.84 9.12
N VAL I 101 -0.39 -47.99 8.27
CA VAL I 101 -0.74 -46.64 8.69
C VAL I 101 -2.23 -46.54 8.85
N SER I 102 -2.69 -46.49 10.09
CA SER I 102 -4.09 -46.29 10.37
C SER I 102 -4.40 -44.79 10.25
N THR I 103 -5.47 -44.46 9.54
CA THR I 103 -5.84 -43.07 9.32
C THR I 103 -7.12 -42.75 10.07
N ILE I 104 -7.16 -41.57 10.67
CA ILE I 104 -8.32 -41.14 11.45
C ILE I 104 -8.72 -39.71 11.11
N CYS I 105 -9.91 -39.53 10.56
CA CYS I 105 -10.36 -38.19 10.20
C CYS I 105 -11.05 -37.48 11.34
N MET I 106 -10.54 -36.31 11.74
CA MET I 106 -11.25 -35.52 12.74
C MET I 106 -11.48 -34.13 12.16
N GLY I 107 -12.69 -33.62 12.34
CA GLY I 107 -13.03 -32.34 11.72
C GLY I 107 -13.39 -32.50 10.25
N GLN I 108 -12.37 -32.49 9.39
CA GLN I 108 -12.59 -32.70 7.97
C GLN I 108 -11.35 -33.28 7.29
N ALA I 109 -11.58 -33.96 6.16
CA ALA I 109 -10.55 -34.39 5.24
C ALA I 109 -11.04 -34.09 3.82
N ALA I 110 -10.54 -33.01 3.23
CA ALA I 110 -11.04 -32.57 1.94
C ALA I 110 -9.92 -32.63 0.92
N SER I 111 -10.28 -32.90 -0.33
CA SER I 111 -9.33 -32.99 -1.45
C SER I 111 -8.19 -33.91 -1.08
N MET I 112 -6.94 -33.45 -1.12
CA MET I 112 -5.80 -34.29 -0.76
C MET I 112 -5.93 -34.89 0.66
N GLY I 113 -6.59 -34.19 1.57
CA GLY I 113 -6.84 -34.75 2.88
C GLY I 113 -7.71 -36.01 2.80
N ALA I 114 -8.76 -36.00 1.97
CA ALA I 114 -9.60 -37.18 1.81
C ALA I 114 -8.81 -38.30 1.12
N PHE I 115 -7.95 -37.93 0.18
CA PHE I 115 -7.14 -38.90 -0.53
C PHE I 115 -6.23 -39.65 0.44
N LEU I 116 -5.56 -38.91 1.31
CA LEU I 116 -4.66 -39.53 2.27
C LEU I 116 -5.42 -40.36 3.31
N LEU I 117 -6.61 -39.89 3.69
CA LEU I 117 -7.46 -40.64 4.61
C LEU I 117 -7.77 -42.02 4.02
N THR I 118 -8.20 -42.02 2.75
CA THR I 118 -8.66 -43.26 2.14
C THR I 118 -7.48 -44.17 1.78
N ALA I 119 -6.28 -43.60 1.77
CA ALA I 119 -5.05 -44.34 1.44
C ALA I 119 -4.49 -45.17 2.59
N GLY I 120 -5.12 -45.06 3.76
CA GLY I 120 -4.68 -45.81 4.93
C GLY I 120 -4.91 -47.31 4.75
N ALA I 121 -4.31 -48.10 5.64
CA ALA I 121 -4.39 -49.56 5.59
C ALA I 121 -5.82 -50.08 5.66
N LYS I 122 -6.13 -51.05 4.80
CA LYS I 122 -7.44 -51.70 4.77
C LYS I 122 -7.95 -52.09 6.15
N GLY I 123 -9.19 -51.71 6.48
CA GLY I 123 -9.77 -52.02 7.78
C GLY I 123 -9.40 -51.03 8.88
N LYS I 124 -8.41 -50.18 8.60
CA LYS I 124 -7.88 -49.28 9.64
C LYS I 124 -8.02 -47.80 9.27
N ARG I 125 -9.02 -47.50 8.46
CA ARG I 125 -9.34 -46.13 8.09
C ARG I 125 -10.63 -45.73 8.79
N PHE I 126 -10.59 -44.64 9.54
CA PHE I 126 -11.73 -44.26 10.38
C PHE I 126 -12.16 -42.82 10.24
N CYS I 127 -13.46 -42.58 10.47
CA CYS I 127 -13.99 -41.23 10.66
C CYS I 127 -14.49 -41.10 12.08
N LEU I 128 -14.26 -39.95 12.68
CA LEU I 128 -14.95 -39.60 13.91
C LEU I 128 -16.39 -39.23 13.50
N PRO I 129 -17.37 -39.36 14.41
CA PRO I 129 -18.80 -39.32 14.04
C PRO I 129 -19.23 -38.03 13.31
N ASN I 130 -18.61 -36.90 13.64
CA ASN I 130 -19.03 -35.65 13.04
C ASN I 130 -18.02 -35.03 12.11
N SER I 131 -17.08 -35.85 11.61
CA SER I 131 -16.14 -35.35 10.63
C SER I 131 -16.84 -35.34 9.28
N ARG I 132 -16.28 -34.60 8.32
CA ARG I 132 -16.83 -34.64 6.98
C ARG I 132 -15.72 -34.82 5.98
N VAL I 133 -16.07 -35.40 4.86
CA VAL I 133 -15.12 -35.70 3.82
C VAL I 133 -15.57 -34.97 2.54
N MET I 134 -14.63 -34.48 1.77
CA MET I 134 -14.98 -33.87 0.49
C MET I 134 -13.98 -34.30 -0.57
N ILE I 135 -14.49 -34.71 -1.72
CA ILE I 135 -13.65 -35.12 -2.81
C ILE I 135 -14.01 -34.29 -4.02
N HIS I 136 -13.03 -34.01 -4.85
CA HIS I 136 -13.19 -33.28 -6.07
C HIS I 136 -11.99 -33.54 -7.00
N GLN I 137 -11.96 -32.96 -8.18
CA GLN I 137 -10.83 -33.06 -9.09
C GLN I 137 -9.73 -31.99 -8.84
N PRO I 138 -8.53 -32.16 -9.45
CA PRO I 138 -7.46 -31.15 -9.29
C PRO I 138 -7.82 -29.75 -9.80
N LEU I 139 -7.25 -28.75 -9.15
CA LEU I 139 -7.28 -27.38 -9.64
C LEU I 139 -5.86 -26.98 -9.96
N GLY I 140 -5.72 -26.10 -10.94
CA GLY I 140 -4.41 -25.61 -11.30
C GLY I 140 -4.49 -24.33 -12.08
N GLY I 141 -3.37 -23.94 -12.67
CA GLY I 141 -3.36 -22.72 -13.44
C GLY I 141 -1.99 -22.54 -14.04
N TYR I 142 -1.98 -22.07 -15.28
CA TYR I 142 -0.73 -21.76 -15.96
C TYR I 142 -0.93 -20.49 -16.75
N GLN I 143 0.17 -19.86 -17.13
CA GLN I 143 0.16 -18.67 -17.94
C GLN I 143 1.36 -18.74 -18.87
N GLY I 144 1.16 -18.48 -20.16
CA GLY I 144 2.28 -18.49 -21.09
C GLY I 144 1.89 -18.79 -22.53
N GLN I 145 2.89 -19.21 -23.30
CA GLN I 145 2.65 -19.55 -24.70
C GLN I 145 1.67 -20.70 -24.84
N ALA I 146 0.88 -20.67 -25.90
CA ALA I 146 -0.10 -21.73 -26.15
C ALA I 146 0.54 -23.12 -26.13
N THR I 147 1.72 -23.25 -26.74
CA THR I 147 2.42 -24.54 -26.74
C THR I 147 2.66 -25.06 -25.31
N ASP I 148 3.07 -24.16 -24.42
CA ASP I 148 3.32 -24.51 -23.03
C ASP I 148 2.02 -24.74 -22.29
N ILE I 149 0.99 -23.98 -22.65
CA ILE I 149 -0.33 -24.21 -22.06
C ILE I 149 -0.80 -25.64 -22.33
N GLU I 150 -0.58 -26.11 -23.56
CA GLU I 150 -0.99 -27.49 -23.87
C GLU I 150 -0.19 -28.48 -23.01
N ILE I 151 1.10 -28.26 -22.88
CA ILE I 151 1.95 -29.16 -22.12
C ILE I 151 1.46 -29.26 -20.67
N HIS I 152 1.18 -28.11 -20.06
CA HIS I 152 0.76 -28.08 -18.65
C HIS I 152 -0.68 -28.55 -18.50
N ALA I 153 -1.51 -28.33 -19.51
CA ALA I 153 -2.87 -28.86 -19.47
C ALA I 153 -2.84 -30.40 -19.54
N ARG I 154 -2.01 -30.93 -20.42
CA ARG I 154 -1.91 -32.39 -20.56
C ARG I 154 -1.44 -33.01 -19.25
N GLU I 155 -0.49 -32.35 -18.58
CA GLU I 155 0.03 -32.84 -17.33
C GLU I 155 -1.02 -32.84 -16.22
N ILE I 156 -1.79 -31.78 -16.03
CA ILE I 156 -2.75 -31.79 -14.93
C ILE I 156 -3.91 -32.78 -15.21
N LEU I 157 -4.21 -32.99 -16.48
CA LEU I 157 -5.20 -33.99 -16.89
C LEU I 157 -4.73 -35.42 -16.59
N LYS I 158 -3.43 -35.67 -16.77
CA LYS I 158 -2.81 -36.95 -16.42
C LYS I 158 -2.83 -37.17 -14.92
N VAL I 159 -2.52 -36.12 -14.17
CA VAL I 159 -2.59 -36.19 -12.71
C VAL I 159 -4.00 -36.47 -12.27
N LYS I 160 -4.98 -35.80 -12.89
CA LYS I 160 -6.38 -36.03 -12.57
C LYS I 160 -6.72 -37.54 -12.76
N GLY I 161 -6.31 -38.08 -13.89
CA GLY I 161 -6.55 -39.48 -14.24
C GLY I 161 -5.92 -40.45 -13.25
N ARG I 162 -4.67 -40.18 -12.89
CA ARG I 162 -3.96 -41.01 -11.92
C ARG I 162 -4.63 -40.99 -10.55
N MET I 163 -5.06 -39.82 -10.10
CA MET I 163 -5.73 -39.68 -8.81
C MET I 163 -7.07 -40.42 -8.79
N ASN I 164 -7.78 -40.39 -9.90
CA ASN I 164 -9.06 -41.09 -9.94
C ASN I 164 -8.85 -42.61 -9.85
N GLU I 165 -7.82 -43.11 -10.53
CA GLU I 165 -7.49 -44.54 -10.46
C GLU I 165 -7.12 -44.92 -9.02
N LEU I 166 -6.31 -44.10 -8.35
CA LEU I 166 -5.93 -44.39 -6.97
C LEU I 166 -7.13 -44.33 -6.04
N MET I 167 -8.02 -43.37 -6.28
CA MET I 167 -9.25 -43.27 -5.49
C MET I 167 -10.17 -44.50 -5.65
N ALA I 168 -10.35 -44.95 -6.89
CA ALA I 168 -11.13 -46.16 -7.19
C ALA I 168 -10.55 -47.37 -6.47
N LEU I 169 -9.23 -47.50 -6.58
CA LEU I 169 -8.49 -48.58 -5.94
C LEU I 169 -8.81 -48.62 -4.46
N HIS I 170 -8.66 -47.49 -3.78
CA HIS I 170 -8.83 -47.49 -2.33
C HIS I 170 -10.29 -47.52 -1.84
N THR I 171 -11.23 -47.00 -2.63
CA THR I 171 -12.61 -47.01 -2.16
C THR I 171 -13.36 -48.27 -2.57
N GLY I 172 -12.93 -48.91 -3.65
CA GLY I 172 -13.64 -50.06 -4.20
C GLY I 172 -14.68 -49.62 -5.21
N GLN I 173 -14.81 -48.31 -5.43
CA GLN I 173 -15.71 -47.81 -6.46
C GLN I 173 -15.09 -48.00 -7.82
N SER I 174 -15.90 -48.06 -8.87
CA SER I 174 -15.34 -48.13 -10.22
C SER I 174 -14.71 -46.82 -10.59
N LEU I 175 -13.78 -46.87 -11.55
CA LEU I 175 -13.15 -45.67 -12.06
C LEU I 175 -14.20 -44.72 -12.61
N GLU I 176 -15.17 -45.27 -13.33
CA GLU I 176 -16.21 -44.44 -13.93
C GLU I 176 -17.06 -43.78 -12.86
N GLN I 177 -17.27 -44.46 -11.74
CA GLN I 177 -18.01 -43.85 -10.63
C GLN I 177 -17.24 -42.69 -10.00
N ILE I 178 -15.95 -42.91 -9.76
CA ILE I 178 -15.11 -41.86 -9.18
C ILE I 178 -15.10 -40.61 -10.08
N GLU I 179 -14.92 -40.84 -11.38
CA GLU I 179 -14.89 -39.77 -12.37
C GLU I 179 -16.16 -38.93 -12.30
N ARG I 180 -17.31 -39.60 -12.24
CA ARG I 180 -18.58 -38.90 -12.18
C ARG I 180 -18.73 -38.07 -10.90
N ASP I 181 -18.34 -38.66 -9.78
CA ASP I 181 -18.55 -38.06 -8.47
C ASP I 181 -17.55 -36.96 -8.08
N THR I 182 -16.44 -36.83 -8.82
CA THR I 182 -15.42 -35.87 -8.45
C THR I 182 -15.30 -34.72 -9.44
N GLU I 183 -16.22 -34.61 -10.40
CA GLU I 183 -16.22 -33.47 -11.33
C GLU I 183 -16.47 -32.15 -10.59
N ARG I 184 -17.32 -32.21 -9.58
CA ARG I 184 -17.55 -31.07 -8.72
C ARG I 184 -17.41 -31.53 -7.28
N ASP I 185 -17.23 -30.59 -6.36
CA ASP I 185 -17.09 -30.89 -4.94
C ASP I 185 -18.22 -31.80 -4.47
N ARG I 186 -17.85 -32.88 -3.80
CA ARG I 186 -18.80 -33.82 -3.23
C ARG I 186 -18.58 -33.98 -1.73
N PHE I 187 -19.54 -33.56 -0.94
CA PHE I 187 -19.42 -33.68 0.52
C PHE I 187 -20.06 -34.99 1.01
N LEU I 188 -19.39 -35.63 1.96
CA LEU I 188 -19.89 -36.86 2.59
C LEU I 188 -19.80 -36.77 4.11
N SER I 189 -20.89 -37.14 4.79
CA SER I 189 -20.88 -37.30 6.23
C SER I 189 -20.04 -38.53 6.58
N ALA I 190 -19.78 -38.76 7.86
CA ALA I 190 -19.03 -39.95 8.26
C ALA I 190 -19.76 -41.24 7.84
N PRO I 191 -21.07 -41.39 8.11
CA PRO I 191 -21.72 -42.62 7.64
C PRO I 191 -21.66 -42.76 6.12
N GLU I 192 -21.82 -41.66 5.39
CA GLU I 192 -21.76 -41.70 3.92
C GLU I 192 -20.38 -42.09 3.43
N ALA I 193 -19.33 -41.70 4.15
CA ALA I 193 -17.96 -42.04 3.75
C ALA I 193 -17.65 -43.55 3.92
N VAL I 194 -18.24 -44.16 4.93
CA VAL I 194 -18.11 -45.62 5.08
C VAL I 194 -18.76 -46.34 3.90
N GLU I 195 -19.97 -45.93 3.56
CA GLU I 195 -20.71 -46.55 2.47
C GLU I 195 -20.02 -46.34 1.14
N TYR I 196 -19.34 -45.21 0.99
CA TYR I 196 -18.65 -44.92 -0.26
C TYR I 196 -17.37 -45.76 -0.35
N GLY I 197 -16.88 -46.25 0.79
CA GLY I 197 -15.63 -46.98 0.79
C GLY I 197 -14.40 -46.12 1.05
N LEU I 198 -14.62 -44.84 1.38
CA LEU I 198 -13.53 -43.92 1.71
C LEU I 198 -12.85 -44.27 3.03
N VAL I 199 -13.67 -44.62 4.02
CA VAL I 199 -13.14 -45.15 5.28
C VAL I 199 -13.81 -46.50 5.57
N ASP I 200 -13.27 -47.22 6.55
CA ASP I 200 -13.80 -48.55 6.91
C ASP I 200 -14.89 -48.50 7.97
N SER I 201 -14.75 -47.60 8.94
CA SER I 201 -15.80 -47.45 9.96
C SER I 201 -15.70 -46.13 10.71
N ILE I 202 -16.63 -45.94 11.63
CA ILE I 202 -16.67 -44.76 12.47
C ILE I 202 -16.22 -45.08 13.90
N LEU I 203 -15.31 -44.27 14.42
CA LEU I 203 -14.93 -44.35 15.82
C LEU I 203 -15.82 -43.44 16.63
N THR I 204 -16.53 -43.99 17.63
CA THR I 204 -17.42 -43.15 18.42
C THR I 204 -16.94 -43.09 19.87
N HIS I 205 -16.70 -44.25 20.48
CA HIS I 205 -16.18 -44.31 21.83
C HIS I 205 -15.04 -45.29 21.90
N ARG I 206 -14.02 -44.97 22.68
CA ARG I 206 -12.91 -45.89 22.87
C ARG I 206 -13.36 -47.18 23.57
N ASN I 207 -12.80 -48.30 23.12
CA ASN I 207 -13.05 -49.59 23.72
C ASN I 207 -12.32 -49.77 25.04
N VAL J 17 6.55 -17.52 28.05
CA VAL J 17 6.00 -16.96 29.26
C VAL J 17 4.92 -17.86 29.86
N PRO J 18 4.89 -18.00 31.19
CA PRO J 18 5.94 -17.65 32.15
C PRO J 18 6.87 -18.84 32.40
N MET J 19 8.11 -18.64 31.97
CA MET J 19 9.12 -19.67 31.80
C MET J 19 9.66 -20.24 33.13
N VAL J 20 8.99 -21.27 33.64
CA VAL J 20 9.48 -21.96 34.83
C VAL J 20 10.60 -22.92 34.43
N ASP J 32 6.75 -23.53 31.90
CA ASP J 32 5.54 -22.93 31.34
C ASP J 32 4.29 -23.14 32.22
N ILE J 33 3.47 -22.09 32.34
CA ILE J 33 2.31 -22.13 33.24
C ILE J 33 1.25 -23.14 32.79
N TYR J 34 1.11 -23.32 31.48
CA TYR J 34 0.13 -24.25 30.91
C TYR J 34 0.55 -25.69 31.06
N SER J 35 1.84 -25.92 30.89
CA SER J 35 2.41 -27.24 31.04
C SER J 35 2.19 -27.66 32.48
N ARG J 36 2.33 -26.68 33.38
CA ARG J 36 2.10 -26.90 34.79
C ARG J 36 0.66 -27.29 35.10
N LEU J 37 -0.29 -26.56 34.51
CA LEU J 37 -1.70 -26.82 34.74
C LEU J 37 -2.15 -28.12 34.06
N LEU J 38 -1.48 -28.49 32.97
CA LEU J 38 -1.82 -29.71 32.26
C LEU J 38 -1.58 -30.93 33.17
N LYS J 39 -0.63 -30.79 34.08
CA LYS J 39 -0.30 -31.90 34.97
C LYS J 39 -1.45 -32.20 35.92
N GLU J 40 -2.39 -31.26 35.98
CA GLU J 40 -3.63 -31.45 36.72
C GLU J 40 -4.88 -31.59 35.86
N ARG J 41 -4.67 -32.02 34.63
CA ARG J 41 -5.77 -32.36 33.73
C ARG J 41 -6.60 -31.10 33.45
N VAL J 42 -5.95 -29.93 33.43
CA VAL J 42 -6.62 -28.67 33.06
C VAL J 42 -6.15 -28.19 31.68
N ILE J 43 -7.12 -27.98 30.79
CA ILE J 43 -6.85 -27.54 29.43
C ILE J 43 -7.58 -26.23 29.17
N PHE J 44 -6.92 -25.32 28.46
CA PHE J 44 -7.54 -24.06 28.08
C PHE J 44 -7.85 -24.00 26.60
N LEU J 45 -9.10 -23.68 26.28
CA LEU J 45 -9.50 -23.32 24.93
C LEU J 45 -9.73 -21.81 24.92
N THR J 46 -8.84 -21.07 24.26
CA THR J 46 -8.88 -19.61 24.36
C THR J 46 -8.84 -18.96 22.98
N GLY J 47 -9.74 -18.00 22.73
CA GLY J 47 -9.71 -17.27 21.49
C GLY J 47 -10.40 -18.04 20.36
N GLN J 48 -10.15 -17.61 19.13
CA GLN J 48 -10.83 -18.16 17.94
C GLN J 48 -10.54 -19.64 17.76
N VAL J 49 -11.57 -20.41 17.44
CA VAL J 49 -11.39 -21.84 17.18
C VAL J 49 -10.93 -22.04 15.74
N GLU J 50 -9.77 -22.66 15.58
CA GLU J 50 -9.22 -22.97 14.27
C GLU J 50 -8.40 -24.23 14.39
N ASP J 51 -8.02 -24.81 13.25
CA ASP J 51 -7.43 -26.16 13.18
C ASP J 51 -6.27 -26.44 14.12
N HIS J 52 -5.29 -25.53 14.17
CA HIS J 52 -4.07 -25.80 14.91
C HIS J 52 -4.23 -25.68 16.43
N MET J 53 -4.92 -24.64 16.90
CA MET J 53 -5.21 -24.57 18.33
C MET J 53 -6.14 -25.71 18.72
N ALA J 54 -7.00 -26.13 17.80
CA ALA J 54 -7.90 -27.23 18.08
C ALA J 54 -7.10 -28.53 18.16
N ASN J 55 -6.13 -28.68 17.27
CA ASN J 55 -5.26 -29.85 17.29
C ASN J 55 -4.47 -29.90 18.61
N LEU J 56 -4.03 -28.74 19.10
CA LEU J 56 -3.33 -28.65 20.39
C LEU J 56 -4.19 -29.16 21.52
N ILE J 57 -5.47 -28.81 21.49
CA ILE J 57 -6.42 -29.26 22.49
C ILE J 57 -6.67 -30.77 22.37
N VAL J 58 -6.88 -31.27 21.15
CA VAL J 58 -7.07 -32.70 20.94
C VAL J 58 -5.86 -33.47 21.49
N ALA J 59 -4.66 -32.98 21.19
CA ALA J 59 -3.44 -33.65 21.65
C ALA J 59 -3.39 -33.70 23.18
N GLN J 60 -3.75 -32.59 23.82
CA GLN J 60 -3.78 -32.53 25.28
C GLN J 60 -4.78 -33.50 25.90
N MET J 61 -5.96 -33.64 25.28
CA MET J 61 -6.96 -34.61 25.75
C MET J 61 -6.48 -36.04 25.64
N LEU J 62 -5.82 -36.35 24.53
CA LEU J 62 -5.27 -37.68 24.31
C LEU J 62 -4.20 -38.01 25.33
N PHE J 63 -3.30 -37.06 25.55
CA PHE J 63 -2.25 -37.23 26.54
C PHE J 63 -2.86 -37.53 27.90
N LEU J 64 -3.86 -36.73 28.29
CA LEU J 64 -4.48 -36.87 29.60
C LEU J 64 -5.24 -38.18 29.78
N GLU J 65 -5.96 -38.60 28.74
CA GLU J 65 -6.69 -39.86 28.78
C GLU J 65 -5.73 -41.00 29.08
N ALA J 66 -4.61 -40.99 28.37
CA ALA J 66 -3.56 -41.97 28.54
C ALA J 66 -2.95 -41.94 29.92
N GLU J 67 -2.70 -40.74 30.42
CA GLU J 67 -2.06 -40.56 31.72
C GLU J 67 -2.92 -41.20 32.82
N ASN J 68 -4.23 -41.15 32.61
CA ASN J 68 -5.20 -41.72 33.53
C ASN J 68 -6.60 -41.66 32.90
N PRO J 69 -7.08 -42.81 32.40
CA PRO J 69 -8.38 -42.87 31.72
C PRO J 69 -9.61 -42.70 32.62
N GLU J 70 -9.44 -42.65 33.93
CA GLU J 70 -10.58 -42.58 34.83
C GLU J 70 -10.81 -41.16 35.37
N LYS J 71 -9.76 -40.36 35.44
CA LYS J 71 -9.89 -39.05 36.07
C LYS J 71 -10.44 -38.02 35.10
N ASP J 72 -11.28 -37.14 35.63
CA ASP J 72 -11.90 -36.10 34.84
C ASP J 72 -10.88 -35.18 34.17
N ILE J 73 -11.29 -34.56 33.07
CA ILE J 73 -10.47 -33.51 32.45
C ILE J 73 -11.22 -32.18 32.57
N TYR J 74 -10.50 -31.10 32.83
CA TYR J 74 -11.15 -29.80 32.94
C TYR J 74 -10.80 -28.90 31.77
N LEU J 75 -11.82 -28.52 31.02
CA LEU J 75 -11.65 -27.65 29.85
C LEU J 75 -12.24 -26.28 30.13
N TYR J 76 -11.37 -25.29 30.33
CA TYR J 76 -11.79 -23.90 30.41
C TYR J 76 -12.02 -23.32 29.03
N ILE J 77 -13.15 -22.66 28.86
CA ILE J 77 -13.53 -22.11 27.56
C ILE J 77 -13.76 -20.61 27.66
N ASN J 78 -12.97 -19.87 26.90
CA ASN J 78 -13.14 -18.42 26.71
C ASN J 78 -12.89 -18.14 25.24
N SER J 79 -13.96 -18.08 24.46
CA SER J 79 -13.86 -18.07 23.02
C SER J 79 -15.05 -17.39 22.39
N PRO J 80 -14.80 -16.62 21.31
CA PRO J 80 -15.86 -15.98 20.54
C PRO J 80 -16.44 -16.91 19.49
N GLY J 81 -15.87 -18.10 19.35
CA GLY J 81 -16.28 -19.05 18.34
C GLY J 81 -15.19 -19.33 17.34
N GLY J 82 -15.58 -19.79 16.15
CA GLY J 82 -14.61 -20.12 15.11
C GLY J 82 -15.08 -21.14 14.09
N VAL J 83 -14.11 -21.83 13.50
CA VAL J 83 -14.36 -22.73 12.38
C VAL J 83 -15.05 -23.99 12.86
N ILE J 84 -16.17 -24.34 12.22
CA ILE J 84 -16.97 -25.46 12.74
C ILE J 84 -16.21 -26.78 12.69
N THR J 85 -15.59 -27.10 11.55
CA THR J 85 -14.88 -28.37 11.45
C THR J 85 -13.75 -28.50 12.48
N ALA J 86 -13.01 -27.42 12.73
CA ALA J 86 -11.99 -27.44 13.77
C ALA J 86 -12.63 -27.71 15.15
N GLY J 87 -13.74 -27.05 15.41
CA GLY J 87 -14.47 -27.26 16.64
C GLY J 87 -14.96 -28.71 16.75
N MET J 88 -15.39 -29.28 15.64
CA MET J 88 -15.89 -30.67 15.67
C MET J 88 -14.76 -31.68 15.92
N SER J 89 -13.51 -31.31 15.59
CA SER J 89 -12.40 -32.20 15.92
C SER J 89 -12.26 -32.29 17.46
N ILE J 90 -12.52 -31.18 18.15
CA ILE J 90 -12.49 -31.15 19.61
C ILE J 90 -13.69 -31.91 20.19
N TYR J 91 -14.88 -31.60 19.66
CA TYR J 91 -16.12 -32.26 20.08
C TYR J 91 -16.03 -33.80 20.00
N ASP J 92 -15.67 -34.33 18.83
CA ASP J 92 -15.63 -35.79 18.70
C ASP J 92 -14.55 -36.38 19.60
N THR J 93 -13.49 -35.62 19.84
CA THR J 93 -12.45 -36.10 20.74
C THR J 93 -12.98 -36.19 22.16
N MET J 94 -13.70 -35.15 22.57
CA MET J 94 -14.33 -35.12 23.88
C MET J 94 -15.25 -36.34 24.08
N GLN J 95 -16.02 -36.69 23.06
CA GLN J 95 -16.99 -37.80 23.20
C GLN J 95 -16.28 -39.15 23.20
N PHE J 96 -15.21 -39.26 22.41
CA PHE J 96 -14.51 -40.52 22.20
C PHE J 96 -13.73 -40.99 23.44
N ILE J 97 -12.92 -40.10 24.02
CA ILE J 97 -12.05 -40.50 25.13
C ILE J 97 -12.89 -40.95 26.34
N LYS J 98 -12.30 -41.80 27.17
CA LYS J 98 -13.02 -42.36 28.33
C LYS J 98 -13.26 -41.36 29.46
N PRO J 99 -12.27 -40.54 29.82
CA PRO J 99 -12.59 -39.59 30.90
C PRO J 99 -13.70 -38.60 30.54
N ASP J 100 -14.46 -38.19 31.55
CA ASP J 100 -15.40 -37.10 31.42
C ASP J 100 -14.66 -35.81 31.13
N VAL J 101 -15.19 -34.95 30.24
CA VAL J 101 -14.61 -33.62 30.09
C VAL J 101 -15.55 -32.62 30.72
N SER J 102 -15.17 -32.11 31.88
CA SER J 102 -15.95 -31.09 32.55
C SER J 102 -15.63 -29.76 31.86
N THR J 103 -16.66 -28.98 31.55
CA THR J 103 -16.43 -27.72 30.84
C THR J 103 -16.73 -26.55 31.74
N ILE J 104 -15.89 -25.54 31.63
CA ILE J 104 -16.04 -24.36 32.46
C ILE J 104 -15.96 -23.12 31.58
N CYS J 105 -17.05 -22.37 31.54
CA CYS J 105 -17.11 -21.15 30.75
C CYS J 105 -16.55 -20.00 31.57
N MET J 106 -15.54 -19.34 30.99
CA MET J 106 -14.89 -18.20 31.62
C MET J 106 -14.89 -17.02 30.64
N GLY J 107 -15.34 -15.84 31.05
CA GLY J 107 -15.45 -14.73 30.11
C GLY J 107 -16.68 -14.87 29.22
N GLN J 108 -16.52 -15.63 28.14
CA GLN J 108 -17.63 -15.94 27.23
C GLN J 108 -17.44 -17.26 26.52
N ALA J 109 -18.54 -17.86 26.07
CA ALA J 109 -18.53 -18.98 25.15
C ALA J 109 -19.56 -18.68 24.06
N ALA J 110 -19.08 -18.29 22.88
CA ALA J 110 -19.94 -17.92 21.76
C ALA J 110 -19.78 -18.86 20.56
N SER J 111 -20.85 -19.06 19.79
CA SER J 111 -20.85 -19.92 18.58
C SER J 111 -20.26 -21.28 18.93
N MET J 112 -19.20 -21.70 18.23
CA MET J 112 -18.57 -22.98 18.51
C MET J 112 -18.08 -23.09 19.98
N GLY J 113 -17.75 -21.97 20.59
CA GLY J 113 -17.39 -21.95 22.00
C GLY J 113 -18.54 -22.41 22.89
N ALA J 114 -19.74 -21.94 22.58
CA ALA J 114 -20.94 -22.33 23.31
C ALA J 114 -21.27 -23.80 23.05
N PHE J 115 -21.06 -24.22 21.82
CA PHE J 115 -21.32 -25.60 21.45
C PHE J 115 -20.45 -26.55 22.25
N LEU J 116 -19.15 -26.27 22.33
CA LEU J 116 -18.22 -27.12 23.04
C LEU J 116 -18.45 -27.07 24.55
N LEU J 117 -18.90 -25.92 25.05
CA LEU J 117 -19.27 -25.79 26.46
C LEU J 117 -20.40 -26.75 26.83
N THR J 118 -21.45 -26.77 26.02
CA THR J 118 -22.63 -27.57 26.34
C THR J 118 -22.37 -29.04 26.05
N ALA J 119 -21.30 -29.30 25.30
CA ALA J 119 -20.91 -30.64 24.89
C ALA J 119 -20.19 -31.38 26.02
N GLY J 120 -19.91 -30.67 27.11
CA GLY J 120 -19.20 -31.23 28.23
C GLY J 120 -20.00 -32.33 28.89
N ALA J 121 -19.35 -33.10 29.77
CA ALA J 121 -20.01 -34.21 30.44
C ALA J 121 -21.20 -33.73 31.25
N LYS J 122 -22.35 -34.36 31.02
CA LYS J 122 -23.58 -34.03 31.74
C LYS J 122 -23.36 -33.98 33.24
N GLY J 123 -23.84 -32.89 33.85
CA GLY J 123 -23.65 -32.68 35.27
C GLY J 123 -22.36 -31.95 35.59
N LYS J 124 -21.45 -31.88 34.62
CA LYS J 124 -20.13 -31.27 34.86
C LYS J 124 -19.85 -30.08 33.93
N ARG J 125 -20.90 -29.39 33.48
CA ARG J 125 -20.77 -28.20 32.64
C ARG J 125 -21.12 -26.97 33.46
N PHE J 126 -20.21 -26.00 33.48
CA PHE J 126 -20.34 -24.83 34.36
C PHE J 126 -20.12 -23.50 33.65
N CYS J 127 -20.79 -22.47 34.17
CA CYS J 127 -20.50 -21.07 33.84
C CYS J 127 -19.97 -20.39 35.10
N LEU J 128 -19.00 -19.50 34.95
CA LEU J 128 -18.69 -18.57 36.04
C LEU J 128 -19.80 -17.53 36.09
N PRO J 129 -20.01 -16.90 37.26
CA PRO J 129 -21.19 -16.06 37.47
C PRO J 129 -21.36 -14.95 36.44
N ASN J 130 -20.25 -14.36 35.99
CA ASN J 130 -20.37 -13.22 35.09
C ASN J 130 -19.90 -13.54 33.67
N SER J 131 -19.86 -14.84 33.34
CA SER J 131 -19.59 -15.24 31.98
C SER J 131 -20.87 -15.11 31.18
N ARG J 132 -20.76 -15.06 29.86
CA ARG J 132 -21.93 -15.01 29.02
C ARG J 132 -21.80 -16.04 27.91
N VAL J 133 -22.93 -16.45 27.37
CA VAL J 133 -22.96 -17.46 26.33
C VAL J 133 -23.67 -16.86 25.13
N MET J 134 -23.25 -17.20 23.93
CA MET J 134 -23.99 -16.74 22.76
C MET J 134 -24.11 -17.86 21.75
N ILE J 135 -25.31 -18.05 21.22
CA ILE J 135 -25.52 -19.11 20.25
C ILE J 135 -26.06 -18.48 18.99
N HIS J 136 -25.70 -19.02 17.83
CA HIS J 136 -26.19 -18.54 16.55
C HIS J 136 -26.01 -19.64 15.51
N GLN J 137 -26.52 -19.40 14.32
CA GLN J 137 -26.38 -20.34 13.21
C GLN J 137 -25.03 -20.14 12.53
N PRO J 138 -24.61 -21.13 11.72
CA PRO J 138 -23.33 -21.01 11.01
C PRO J 138 -23.26 -19.84 10.02
N LEU J 139 -22.04 -19.33 9.85
CA LEU J 139 -21.79 -18.36 8.79
C LEU J 139 -20.84 -18.97 7.77
N GLY J 140 -20.95 -18.54 6.54
CA GLY J 140 -20.08 -19.05 5.51
C GLY J 140 -20.12 -18.13 4.32
N GLY J 141 -19.57 -18.60 3.21
CA GLY J 141 -19.54 -17.80 2.00
C GLY J 141 -18.90 -18.56 0.87
N TYR J 142 -19.44 -18.40 -0.34
CA TYR J 142 -18.85 -19.03 -1.50
C TYR J 142 -18.90 -18.09 -2.69
N GLN J 143 -18.10 -18.39 -3.70
CA GLN J 143 -18.08 -17.62 -4.93
C GLN J 143 -17.82 -18.60 -6.07
N GLY J 144 -18.59 -18.50 -7.15
CA GLY J 144 -18.37 -19.39 -8.27
C GLY J 144 -19.59 -19.67 -9.10
N GLN J 145 -19.57 -20.77 -9.86
CA GLN J 145 -20.73 -21.11 -10.68
C GLN J 145 -21.97 -21.40 -9.83
N ALA J 146 -23.15 -21.09 -10.37
CA ALA J 146 -24.41 -21.40 -9.68
C ALA J 146 -24.48 -22.86 -9.22
N THR J 147 -24.06 -23.79 -10.07
CA THR J 147 -24.11 -25.21 -9.68
C THR J 147 -23.30 -25.43 -8.42
N ASP J 148 -22.12 -24.82 -8.36
CA ASP J 148 -21.25 -24.99 -7.18
C ASP J 148 -21.77 -24.23 -5.98
N ILE J 149 -22.38 -23.06 -6.22
CA ILE J 149 -23.04 -22.34 -5.15
C ILE J 149 -24.11 -23.21 -4.49
N GLU J 150 -24.88 -23.90 -5.34
CA GLU J 150 -25.94 -24.77 -4.83
C GLU J 150 -25.34 -25.89 -3.98
N ILE J 151 -24.24 -26.49 -4.46
CA ILE J 151 -23.57 -27.55 -3.70
C ILE J 151 -23.11 -27.05 -2.33
N HIS J 152 -22.48 -25.88 -2.31
CA HIS J 152 -21.94 -25.40 -1.04
C HIS J 152 -23.01 -24.86 -0.13
N ALA J 153 -24.07 -24.26 -0.69
CA ALA J 153 -25.19 -23.85 0.16
C ALA J 153 -25.87 -25.07 0.78
N ARG J 154 -26.04 -26.12 -0.01
CA ARG J 154 -26.68 -27.35 0.48
C ARG J 154 -25.85 -27.92 1.64
N GLU J 155 -24.54 -27.85 1.53
CA GLU J 155 -23.66 -28.35 2.58
C GLU J 155 -23.75 -27.57 3.89
N ILE J 156 -23.74 -26.24 3.83
CA ILE J 156 -23.77 -25.48 5.08
C ILE J 156 -25.11 -25.64 5.75
N LEU J 157 -26.17 -25.85 4.95
CA LEU J 157 -27.48 -26.13 5.51
C LEU J 157 -27.51 -27.47 6.27
N LYS J 158 -26.83 -28.47 5.72
CA LYS J 158 -26.71 -29.77 6.38
C LYS J 158 -25.93 -29.62 7.69
N VAL J 159 -24.85 -28.83 7.64
CA VAL J 159 -24.06 -28.60 8.85
C VAL J 159 -24.90 -27.88 9.90
N LYS J 160 -25.64 -26.86 9.46
CA LYS J 160 -26.54 -26.11 10.35
C LYS J 160 -27.55 -27.03 11.04
N GLY J 161 -28.18 -27.89 10.25
CA GLY J 161 -29.16 -28.85 10.77
C GLY J 161 -28.51 -29.77 11.79
N ARG J 162 -27.34 -30.30 11.44
CA ARG J 162 -26.63 -31.19 12.33
C ARG J 162 -26.22 -30.50 13.64
N MET J 163 -25.72 -29.27 13.53
CA MET J 163 -25.34 -28.53 14.74
C MET J 163 -26.56 -28.27 15.62
N ASN J 164 -27.70 -27.95 15.01
CA ASN J 164 -28.90 -27.73 15.80
C ASN J 164 -29.37 -29.00 16.52
N GLU J 165 -29.28 -30.15 15.84
CA GLU J 165 -29.65 -31.43 16.46
C GLU J 165 -28.78 -31.70 17.66
N LEU J 166 -27.48 -31.51 17.51
CA LEU J 166 -26.57 -31.78 18.61
C LEU J 166 -26.83 -30.82 19.76
N MET J 167 -27.12 -29.55 19.47
CA MET J 167 -27.46 -28.64 20.55
C MET J 167 -28.78 -29.00 21.26
N ALA J 168 -29.80 -29.37 20.48
CA ALA J 168 -31.06 -29.81 21.09
C ALA J 168 -30.77 -30.99 22.02
N LEU J 169 -30.00 -31.95 21.51
CA LEU J 169 -29.57 -33.11 22.30
C LEU J 169 -28.88 -32.72 23.60
N HIS J 170 -27.88 -31.84 23.55
CA HIS J 170 -27.13 -31.51 24.78
C HIS J 170 -27.85 -30.55 25.76
N THR J 171 -28.72 -29.69 25.23
CA THR J 171 -29.46 -28.75 26.08
C THR J 171 -30.77 -29.35 26.57
N GLY J 172 -31.31 -30.32 25.84
CA GLY J 172 -32.61 -30.85 26.19
C GLY J 172 -33.75 -30.08 25.54
N GLN J 173 -33.41 -29.05 24.76
CA GLN J 173 -34.41 -28.26 24.04
C GLN J 173 -34.94 -29.01 22.81
N SER J 174 -36.13 -28.64 22.34
CA SER J 174 -36.59 -29.25 21.11
C SER J 174 -35.75 -28.69 19.96
N LEU J 175 -35.65 -29.46 18.88
CA LEU J 175 -34.93 -29.00 17.71
C LEU J 175 -35.49 -27.67 17.21
N GLU J 176 -36.82 -27.55 17.21
CA GLU J 176 -37.45 -26.33 16.74
C GLU J 176 -37.12 -25.10 17.60
N GLN J 177 -36.97 -25.30 18.91
CA GLN J 177 -36.60 -24.23 19.81
C GLN J 177 -35.17 -23.75 19.53
N ILE J 178 -34.27 -24.71 19.34
CA ILE J 178 -32.89 -24.40 19.00
C ILE J 178 -32.85 -23.65 17.67
N GLU J 179 -33.60 -24.15 16.68
CA GLU J 179 -33.68 -23.49 15.37
C GLU J 179 -34.15 -22.04 15.49
N ARG J 180 -35.23 -21.82 16.26
CA ARG J 180 -35.76 -20.47 16.42
C ARG J 180 -34.75 -19.58 17.12
N ASP J 181 -34.09 -20.09 18.15
CA ASP J 181 -33.20 -19.27 18.96
C ASP J 181 -31.84 -18.97 18.33
N THR J 182 -31.46 -19.70 17.28
CA THR J 182 -30.13 -19.52 16.73
C THR J 182 -30.15 -18.87 15.35
N GLU J 183 -31.33 -18.50 14.89
CA GLU J 183 -31.48 -17.81 13.62
C GLU J 183 -30.74 -16.46 13.65
N ARG J 184 -30.77 -15.81 14.81
CA ARG J 184 -29.98 -14.59 15.02
C ARG J 184 -29.28 -14.75 16.35
N ASP J 185 -28.23 -13.95 16.60
CA ASP J 185 -27.48 -14.00 17.87
C ASP J 185 -28.38 -13.94 19.09
N ARG J 186 -28.19 -14.90 19.99
CA ARG J 186 -28.91 -14.92 21.24
C ARG J 186 -27.92 -14.96 22.38
N PHE J 187 -27.96 -13.94 23.22
CA PHE J 187 -27.08 -13.83 24.38
C PHE J 187 -27.74 -14.41 25.62
N LEU J 188 -26.97 -15.15 26.42
CA LEU J 188 -27.49 -15.68 27.66
C LEU J 188 -26.51 -15.38 28.77
N SER J 189 -27.02 -14.88 29.89
CA SER J 189 -26.26 -14.76 31.12
C SER J 189 -26.01 -16.14 31.71
N ALA J 190 -25.18 -16.23 32.74
CA ALA J 190 -24.91 -17.51 33.37
C ALA J 190 -26.20 -18.16 33.94
N PRO J 191 -27.01 -17.39 34.68
CA PRO J 191 -28.28 -18.02 35.10
C PRO J 191 -29.17 -18.46 33.93
N GLU J 192 -29.26 -17.65 32.88
CA GLU J 192 -30.09 -18.01 31.74
C GLU J 192 -29.55 -19.25 31.03
N ALA J 193 -28.23 -19.39 30.99
CA ALA J 193 -27.60 -20.54 30.37
C ALA J 193 -27.89 -21.83 31.16
N VAL J 194 -27.96 -21.74 32.49
CA VAL J 194 -28.37 -22.89 33.28
C VAL J 194 -29.82 -23.24 32.93
N GLU J 195 -30.69 -22.23 32.92
CA GLU J 195 -32.11 -22.45 32.68
C GLU J 195 -32.38 -23.03 31.28
N TYR J 196 -31.54 -22.66 30.33
CA TYR J 196 -31.65 -23.10 28.96
C TYR J 196 -31.19 -24.52 28.75
N GLY J 197 -30.38 -25.03 29.68
CA GLY J 197 -29.81 -26.36 29.55
C GLY J 197 -28.43 -26.40 28.91
N LEU J 198 -27.85 -25.22 28.67
CA LEU J 198 -26.49 -25.13 28.10
C LEU J 198 -25.43 -25.60 29.09
N VAL J 199 -25.54 -25.20 30.34
CA VAL J 199 -24.68 -25.74 31.39
C VAL J 199 -25.53 -26.29 32.54
N ASP J 200 -24.88 -26.98 33.46
CA ASP J 200 -25.58 -27.61 34.57
C ASP J 200 -25.73 -26.72 35.80
N SER J 201 -24.72 -25.89 36.08
CA SER J 201 -24.81 -24.96 37.21
C SER J 201 -23.79 -23.83 37.13
N ILE J 202 -23.87 -22.91 38.09
CA ILE J 202 -22.93 -21.80 38.19
C ILE J 202 -21.93 -22.06 39.33
N LEU J 203 -20.65 -21.93 39.03
CA LEU J 203 -19.58 -21.97 40.03
C LEU J 203 -19.29 -20.57 40.56
N THR J 204 -19.33 -20.41 41.87
CA THR J 204 -19.08 -19.08 42.43
C THR J 204 -17.83 -19.04 43.33
N HIS J 205 -17.77 -19.96 44.27
CA HIS J 205 -16.64 -20.05 45.20
C HIS J 205 -16.18 -21.47 45.32
N ARG J 206 -14.86 -21.67 45.34
CA ARG J 206 -14.36 -23.00 45.48
C ARG J 206 -14.77 -23.58 46.83
N ASN J 207 -15.42 -24.71 46.75
CA ASN J 207 -15.72 -25.61 47.82
C ASN J 207 -14.52 -26.26 48.48
N LEU K 16 15.47 -10.48 26.09
CA LEU K 16 14.82 -9.31 26.66
C LEU K 16 14.37 -9.54 28.10
N VAL K 17 13.80 -10.70 28.39
CA VAL K 17 13.39 -10.99 29.76
C VAL K 17 14.50 -11.68 30.56
N PRO K 18 14.95 -11.05 31.65
CA PRO K 18 16.07 -11.47 32.50
C PRO K 18 15.85 -12.81 33.17
N MET K 19 16.96 -13.48 33.50
CA MET K 19 16.90 -14.84 34.04
C MET K 19 17.58 -14.94 35.41
N VAL K 20 16.94 -15.65 36.33
CA VAL K 20 17.51 -15.86 37.66
C VAL K 20 17.50 -17.34 38.04
N ASP K 32 13.58 -17.08 34.86
CA ASP K 32 12.69 -16.05 34.32
C ASP K 32 12.23 -15.09 35.41
N ILE K 33 12.44 -13.78 35.21
CA ILE K 33 12.16 -12.82 36.28
C ILE K 33 10.71 -12.85 36.73
N TYR K 34 9.78 -13.10 35.80
CA TYR K 34 8.37 -13.15 36.18
C TYR K 34 8.04 -14.46 36.93
N SER K 35 8.65 -15.56 36.51
CA SER K 35 8.46 -16.85 37.19
C SER K 35 8.99 -16.80 38.60
N ARG K 36 10.11 -16.10 38.78
CA ARG K 36 10.70 -15.93 40.09
C ARG K 36 9.74 -15.22 41.04
N LEU K 37 9.15 -14.12 40.58
CA LEU K 37 8.20 -13.38 41.38
C LEU K 37 6.90 -14.16 41.55
N LEU K 38 6.59 -15.01 40.57
CA LEU K 38 5.40 -15.83 40.61
C LEU K 38 5.48 -16.78 41.78
N LYS K 39 6.70 -17.21 42.09
CA LYS K 39 6.97 -18.17 43.13
C LYS K 39 6.60 -17.54 44.44
N GLU K 40 6.39 -16.23 44.38
CA GLU K 40 5.97 -15.45 45.50
C GLU K 40 4.59 -14.82 45.48
N ARG K 41 3.74 -15.41 44.67
CA ARG K 41 2.34 -15.07 44.61
C ARG K 41 2.13 -13.65 44.12
N VAL K 42 3.07 -13.22 43.26
CA VAL K 42 2.95 -11.93 42.59
C VAL K 42 2.63 -12.13 41.10
N ILE K 43 1.54 -11.52 40.66
CA ILE K 43 1.14 -11.59 39.26
C ILE K 43 1.03 -10.17 38.68
N PHE K 44 1.50 -9.99 37.45
CA PHE K 44 1.37 -8.69 36.81
C PHE K 44 0.31 -8.69 35.74
N LEU K 45 -0.60 -7.73 35.84
CA LEU K 45 -1.54 -7.44 34.77
C LEU K 45 -1.07 -6.12 34.12
N THR K 46 -0.52 -6.21 32.92
CA THR K 46 0.10 -5.05 32.28
C THR K 46 -0.41 -4.84 30.85
N GLY K 47 -0.82 -3.61 30.54
CA GLY K 47 -1.23 -3.27 29.18
C GLY K 47 -2.68 -3.68 28.89
N GLN K 48 -3.04 -3.69 27.60
CA GLN K 48 -4.43 -3.94 27.19
C GLN K 48 -4.96 -5.29 27.68
N VAL K 49 -6.20 -5.31 28.19
CA VAL K 49 -6.80 -6.59 28.60
C VAL K 49 -7.39 -7.29 27.37
N GLU K 50 -6.94 -8.50 27.09
CA GLU K 50 -7.49 -9.27 25.97
C GLU K 50 -7.38 -10.74 26.34
N ASP K 51 -8.03 -11.61 25.58
CA ASP K 51 -8.21 -13.02 25.95
C ASP K 51 -6.94 -13.77 26.38
N HIS K 52 -5.86 -13.64 25.62
CA HIS K 52 -4.69 -14.48 25.89
C HIS K 52 -3.89 -14.01 27.08
N MET K 53 -3.67 -12.71 27.20
CA MET K 53 -2.99 -12.21 28.39
C MET K 53 -3.86 -12.47 29.63
N ALA K 54 -5.19 -12.42 29.45
CA ALA K 54 -6.11 -12.67 30.55
C ALA K 54 -6.02 -14.13 30.98
N ASN K 55 -5.93 -15.01 30.00
CA ASN K 55 -5.78 -16.43 30.26
C ASN K 55 -4.49 -16.71 31.02
N LEU K 56 -3.43 -15.98 30.69
CA LEU K 56 -2.15 -16.17 31.37
C LEU K 56 -2.27 -15.86 32.86
N ILE K 57 -3.02 -14.81 33.16
CA ILE K 57 -3.28 -14.39 34.55
C ILE K 57 -4.15 -15.42 35.28
N VAL K 58 -5.21 -15.87 34.63
CA VAL K 58 -6.08 -16.90 35.23
C VAL K 58 -5.27 -18.15 35.59
N ALA K 59 -4.44 -18.60 34.65
CA ALA K 59 -3.61 -19.80 34.87
C ALA K 59 -2.65 -19.61 36.04
N GLN K 60 -2.06 -18.41 36.13
CA GLN K 60 -1.15 -18.11 37.24
C GLN K 60 -1.88 -18.12 38.58
N MET K 61 -3.10 -17.57 38.60
CA MET K 61 -3.92 -17.61 39.79
C MET K 61 -4.29 -19.03 40.20
N LEU K 62 -4.63 -19.87 39.22
CA LEU K 62 -4.99 -21.26 39.46
C LEU K 62 -3.81 -21.99 40.03
N PHE K 63 -2.65 -21.76 39.44
CA PHE K 63 -1.40 -22.33 39.93
C PHE K 63 -1.16 -21.94 41.38
N LEU K 64 -1.29 -20.66 41.69
CA LEU K 64 -0.99 -20.17 43.03
C LEU K 64 -1.95 -20.71 44.09
N GLU K 65 -3.24 -20.76 43.76
CA GLU K 65 -4.28 -21.27 44.66
C GLU K 65 -3.87 -22.66 45.11
N ALA K 66 -3.41 -23.39 44.14
CA ALA K 66 -2.95 -24.73 44.33
C ALA K 66 -1.78 -24.92 45.25
N GLU K 67 -0.77 -24.09 45.00
CA GLU K 67 0.48 -24.15 45.72
C GLU K 67 0.21 -23.86 47.17
N ASN K 68 -0.80 -23.05 47.39
CA ASN K 68 -1.21 -22.70 48.74
C ASN K 68 -2.53 -21.97 48.68
N PRO K 69 -3.63 -22.68 48.98
CA PRO K 69 -4.95 -22.07 48.85
C PRO K 69 -5.21 -21.04 49.91
N GLU K 70 -4.34 -20.92 50.90
CA GLU K 70 -4.63 -20.01 52.01
C GLU K 70 -3.93 -18.67 51.90
N LYS K 71 -2.77 -18.64 51.23
CA LYS K 71 -1.99 -17.40 51.21
C LYS K 71 -2.44 -16.40 50.13
N ASP K 72 -2.36 -15.11 50.47
CA ASP K 72 -2.78 -14.05 49.56
C ASP K 72 -2.04 -14.09 48.21
N ILE K 73 -2.74 -13.64 47.18
CA ILE K 73 -2.13 -13.46 45.87
C ILE K 73 -2.09 -11.97 45.58
N TYR K 74 -0.97 -11.50 45.03
CA TYR K 74 -0.83 -10.07 44.76
C TYR K 74 -0.87 -9.84 43.26
N LEU K 75 -1.85 -9.07 42.83
CA LEU K 75 -2.01 -8.73 41.42
C LEU K 75 -1.66 -7.25 41.22
N TYR K 76 -0.48 -6.98 40.66
CA TYR K 76 -0.10 -5.63 40.25
C TYR K 76 -0.81 -5.27 38.96
N ILE K 77 -1.41 -4.08 38.94
CA ILE K 77 -2.20 -3.65 37.79
C ILE K 77 -1.68 -2.35 37.19
N ASN K 78 -1.32 -2.42 35.91
CA ASN K 78 -0.99 -1.25 35.10
C ASN K 78 -1.60 -1.41 33.71
N SER K 79 -2.79 -0.86 33.51
CA SER K 79 -3.56 -1.14 32.31
C SER K 79 -4.47 0.01 31.93
N PRO K 80 -4.61 0.26 30.62
CA PRO K 80 -5.54 1.27 30.09
C PRO K 80 -6.96 0.74 29.93
N GLY K 81 -7.15 -0.55 30.19
CA GLY K 81 -8.43 -1.21 30.00
C GLY K 81 -8.38 -2.31 28.96
N GLY K 82 -9.53 -2.63 28.37
CA GLY K 82 -9.57 -3.63 27.33
C GLY K 82 -10.90 -4.34 27.20
N VAL K 83 -10.85 -5.55 26.65
CA VAL K 83 -12.07 -6.29 26.34
C VAL K 83 -12.75 -6.79 27.63
N ILE K 84 -14.04 -6.50 27.74
CA ILE K 84 -14.75 -6.78 28.98
C ILE K 84 -14.86 -8.28 29.31
N THR K 85 -15.25 -9.10 28.34
CA THR K 85 -15.39 -10.53 28.62
C THR K 85 -14.04 -11.11 29.05
N ALA K 86 -12.96 -10.64 28.42
CA ALA K 86 -11.63 -11.10 28.80
C ALA K 86 -11.36 -10.75 30.26
N GLY K 87 -11.73 -9.53 30.64
CA GLY K 87 -11.59 -9.05 32.01
C GLY K 87 -12.47 -9.81 32.98
N MET K 88 -13.69 -10.16 32.55
CA MET K 88 -14.61 -10.86 33.44
C MET K 88 -14.10 -12.26 33.74
N SER K 89 -13.28 -12.82 32.84
CA SER K 89 -12.65 -14.10 33.09
C SER K 89 -11.68 -13.97 34.27
N ILE K 90 -10.99 -12.85 34.35
CA ILE K 90 -10.10 -12.62 35.49
C ILE K 90 -10.90 -12.35 36.75
N TYR K 91 -11.91 -11.49 36.63
CA TYR K 91 -12.78 -11.14 37.75
C TYR K 91 -13.33 -12.41 38.41
N ASP K 92 -13.97 -13.27 37.62
CA ASP K 92 -14.62 -14.44 38.21
C ASP K 92 -13.63 -15.39 38.83
N THR K 93 -12.43 -15.44 38.25
CA THR K 93 -11.37 -16.27 38.80
C THR K 93 -10.92 -15.72 40.16
N MET K 94 -10.78 -14.40 40.24
CA MET K 94 -10.39 -13.72 41.47
C MET K 94 -11.37 -14.03 42.60
N GLN K 95 -12.65 -14.06 42.28
CA GLN K 95 -13.66 -14.32 43.30
C GLN K 95 -13.76 -15.82 43.63
N PHE K 96 -13.57 -16.66 42.62
CA PHE K 96 -13.77 -18.10 42.78
C PHE K 96 -12.72 -18.78 43.63
N ILE K 97 -11.46 -18.51 43.32
CA ILE K 97 -10.38 -19.19 44.01
C ILE K 97 -10.45 -18.85 45.46
N LYS K 98 -9.91 -19.74 46.27
CA LYS K 98 -10.00 -19.58 47.70
C LYS K 98 -9.11 -18.42 48.23
N PRO K 99 -7.87 -18.26 47.72
CA PRO K 99 -7.07 -17.16 48.28
C PRO K 99 -7.62 -15.77 47.99
N ASP K 100 -7.39 -14.83 48.91
CA ASP K 100 -7.64 -13.43 48.66
C ASP K 100 -6.72 -12.93 47.53
N VAL K 101 -7.27 -12.14 46.62
CA VAL K 101 -6.40 -11.51 45.62
C VAL K 101 -6.27 -10.05 45.99
N SER K 102 -5.09 -9.71 46.46
CA SER K 102 -4.72 -8.35 46.78
C SER K 102 -4.34 -7.63 45.48
N THR K 103 -4.89 -6.43 45.28
CA THR K 103 -4.62 -5.67 44.06
C THR K 103 -3.79 -4.43 44.36
N ILE K 104 -2.86 -4.11 43.47
CA ILE K 104 -1.99 -2.95 43.60
C ILE K 104 -1.89 -2.20 42.30
N CYS K 105 -2.35 -0.97 42.28
CA CYS K 105 -2.27 -0.19 41.06
C CYS K 105 -0.92 0.56 40.97
N MET K 106 -0.18 0.32 39.88
CA MET K 106 1.03 1.12 39.62
C MET K 106 0.90 1.73 38.22
N GLY K 107 1.20 3.01 38.10
CA GLY K 107 0.99 3.71 36.84
C GLY K 107 -0.45 4.14 36.66
N GLN K 108 -1.28 3.24 36.12
CA GLN K 108 -2.71 3.53 35.96
C GLN K 108 -3.54 2.24 35.96
N ALA K 109 -4.82 2.40 36.29
CA ALA K 109 -5.80 1.35 36.10
C ALA K 109 -7.04 2.03 35.54
N ALA K 110 -7.26 1.90 34.24
CA ALA K 110 -8.37 2.58 33.58
C ALA K 110 -9.37 1.55 33.02
N SER K 111 -10.65 1.92 32.94
CA SER K 111 -11.70 1.04 32.43
C SER K 111 -11.67 -0.32 33.14
N MET K 112 -11.54 -1.40 32.36
CA MET K 112 -11.49 -2.74 32.96
C MET K 112 -10.34 -2.87 33.95
N GLY K 113 -9.26 -2.12 33.76
CA GLY K 113 -8.18 -2.14 34.74
C GLY K 113 -8.65 -1.66 36.11
N ALA K 114 -9.46 -0.61 36.10
CA ALA K 114 -10.00 -0.05 37.33
C ALA K 114 -11.00 -1.03 37.96
N PHE K 115 -11.77 -1.69 37.11
CA PHE K 115 -12.77 -2.67 37.55
C PHE K 115 -12.09 -3.79 38.30
N LEU K 116 -11.02 -4.33 37.73
CA LEU K 116 -10.28 -5.43 38.35
C LEU K 116 -9.55 -5.00 39.62
N LEU K 117 -9.03 -3.77 39.63
CA LEU K 117 -8.40 -3.23 40.83
C LEU K 117 -9.36 -3.21 42.01
N THR K 118 -10.56 -2.70 41.77
CA THR K 118 -11.54 -2.53 42.85
C THR K 118 -12.16 -3.87 43.23
N ALA K 119 -11.99 -4.88 42.38
CA ALA K 119 -12.52 -6.21 42.63
C ALA K 119 -11.65 -7.02 43.58
N GLY K 120 -10.51 -6.44 43.97
CA GLY K 120 -9.59 -7.12 44.85
C GLY K 120 -10.24 -7.37 46.19
N ALA K 121 -9.61 -8.18 47.03
CA ALA K 121 -10.13 -8.51 48.37
C ALA K 121 -10.32 -7.27 49.23
N LYS K 122 -11.49 -7.16 49.87
CA LYS K 122 -11.78 -5.99 50.71
C LYS K 122 -10.65 -5.74 51.71
N GLY K 123 -10.18 -4.50 51.77
CA GLY K 123 -9.10 -4.15 52.68
C GLY K 123 -7.72 -4.35 52.07
N LYS K 124 -7.64 -5.05 50.95
CA LYS K 124 -6.33 -5.37 50.36
C LYS K 124 -6.17 -4.82 48.94
N ARG K 125 -6.89 -3.74 48.67
CA ARG K 125 -6.82 -3.03 47.41
C ARG K 125 -6.03 -1.73 47.63
N PHE K 126 -4.98 -1.53 46.82
CA PHE K 126 -4.06 -0.40 47.02
C PHE K 126 -3.77 0.40 45.73
N CYS K 127 -3.47 1.68 45.91
CA CYS K 127 -2.88 2.53 44.87
C CYS K 127 -1.49 2.91 45.33
N LEU K 128 -0.52 2.94 44.42
CA LEU K 128 0.76 3.57 44.70
C LEU K 128 0.50 5.09 44.63
N PRO K 129 1.34 5.90 45.28
CA PRO K 129 0.97 7.30 45.48
C PRO K 129 0.67 8.10 44.21
N ASN K 130 1.38 7.80 43.12
CA ASN K 130 1.19 8.61 41.91
C ASN K 130 0.54 7.86 40.76
N SER K 131 -0.13 6.76 41.09
CA SER K 131 -0.89 6.06 40.06
C SER K 131 -2.18 6.82 39.86
N ARG K 132 -2.86 6.58 38.76
CA ARG K 132 -4.17 7.21 38.57
C ARG K 132 -5.18 6.17 38.16
N VAL K 133 -6.44 6.44 38.45
CA VAL K 133 -7.52 5.50 38.16
C VAL K 133 -8.53 6.19 37.26
N MET K 134 -9.12 5.48 36.31
CA MET K 134 -10.17 6.05 35.48
C MET K 134 -11.34 5.07 35.30
N ILE K 135 -12.56 5.58 35.49
CA ILE K 135 -13.73 4.72 35.32
C ILE K 135 -14.67 5.31 34.29
N HIS K 136 -15.35 4.46 33.54
CA HIS K 136 -16.34 4.87 32.54
C HIS K 136 -17.26 3.70 32.14
N GLN K 137 -18.19 3.98 31.29
CA GLN K 137 -19.13 2.99 30.80
C GLN K 137 -18.53 2.21 29.63
N PRO K 138 -19.14 1.07 29.26
CA PRO K 138 -18.63 0.27 28.13
C PRO K 138 -18.67 0.96 26.77
N LEU K 139 -17.71 0.60 25.94
CA LEU K 139 -17.69 0.99 24.54
C LEU K 139 -17.90 -0.24 23.71
N GLY K 140 -18.50 -0.08 22.54
CA GLY K 140 -18.68 -1.20 21.64
C GLY K 140 -18.97 -0.69 20.25
N GLY K 141 -19.33 -1.60 19.36
CA GLY K 141 -19.63 -1.24 18.00
C GLY K 141 -20.13 -2.45 17.26
N TYR K 142 -21.15 -2.23 16.44
CA TYR K 142 -21.69 -3.30 15.62
C TYR K 142 -22.07 -2.75 14.25
N GLN K 143 -22.21 -3.66 13.29
CA GLN K 143 -22.59 -3.32 11.94
C GLN K 143 -23.51 -4.42 11.42
N GLY K 144 -24.64 -4.06 10.82
CA GLY K 144 -25.55 -5.07 10.28
C GLY K 144 -27.01 -4.65 10.18
N GLN K 145 -27.90 -5.62 10.08
CA GLN K 145 -29.34 -5.35 10.03
C GLN K 145 -29.85 -4.70 11.31
N ALA K 146 -30.88 -3.87 11.19
CA ALA K 146 -31.52 -3.22 12.32
C ALA K 146 -31.92 -4.21 13.41
N THR K 147 -32.46 -5.36 13.00
CA THR K 147 -32.84 -6.37 13.98
C THR K 147 -31.66 -6.79 14.85
N ASP K 148 -30.51 -7.02 14.23
CA ASP K 148 -29.30 -7.42 14.94
C ASP K 148 -28.65 -6.27 15.73
N ILE K 149 -28.77 -5.05 15.20
CA ILE K 149 -28.30 -3.87 15.94
C ILE K 149 -29.01 -3.80 17.29
N GLU K 150 -30.33 -4.04 17.27
CA GLU K 150 -31.12 -4.02 18.50
C GLU K 150 -30.67 -5.09 19.49
N ILE K 151 -30.45 -6.28 18.96
CA ILE K 151 -29.95 -7.40 19.76
C ILE K 151 -28.61 -7.06 20.42
N HIS K 152 -27.69 -6.51 19.64
CA HIS K 152 -26.38 -6.19 20.18
C HIS K 152 -26.43 -4.93 21.04
N ALA K 153 -27.31 -3.99 20.71
CA ALA K 153 -27.43 -2.81 21.58
C ALA K 153 -28.00 -3.22 22.94
N ARG K 154 -29.01 -4.10 22.94
CA ARG K 154 -29.59 -4.55 24.20
C ARG K 154 -28.56 -5.29 25.05
N GLU K 155 -27.70 -6.08 24.40
CA GLU K 155 -26.70 -6.83 25.15
C GLU K 155 -25.69 -5.92 25.85
N ILE K 156 -25.16 -4.92 25.16
CA ILE K 156 -24.17 -4.06 25.82
C ILE K 156 -24.83 -3.21 26.92
N LEU K 157 -26.10 -2.86 26.77
CA LEU K 157 -26.79 -2.15 27.86
C LEU K 157 -26.91 -3.04 29.10
N LYS K 158 -27.14 -4.35 28.89
CA LYS K 158 -27.15 -5.28 30.01
C LYS K 158 -25.79 -5.39 30.66
N VAL K 159 -24.76 -5.43 29.82
CA VAL K 159 -23.40 -5.50 30.31
C VAL K 159 -23.10 -4.25 31.12
N LYS K 160 -23.49 -3.08 30.60
CA LYS K 160 -23.30 -1.83 31.33
C LYS K 160 -23.94 -1.87 32.74
N GLY K 161 -25.18 -2.32 32.81
CA GLY K 161 -25.89 -2.41 34.08
C GLY K 161 -25.19 -3.30 35.08
N ARG K 162 -24.79 -4.48 34.61
CA ARG K 162 -24.12 -5.46 35.44
C ARG K 162 -22.80 -4.86 35.94
N MET K 163 -22.07 -4.17 35.06
CA MET K 163 -20.79 -3.59 35.48
C MET K 163 -20.98 -2.53 36.56
N ASN K 164 -22.03 -1.74 36.41
CA ASN K 164 -22.32 -0.72 37.39
C ASN K 164 -22.69 -1.34 38.74
N GLU K 165 -23.46 -2.42 38.70
CA GLU K 165 -23.85 -3.10 39.94
C GLU K 165 -22.62 -3.59 40.67
N LEU K 166 -21.72 -4.24 39.94
CA LEU K 166 -20.52 -4.78 40.56
C LEU K 166 -19.61 -3.66 41.07
N MET K 167 -19.53 -2.56 40.32
CA MET K 167 -18.75 -1.42 40.80
C MET K 167 -19.38 -0.82 42.07
N ALA K 168 -20.69 -0.69 42.09
CA ALA K 168 -21.37 -0.19 43.28
C ALA K 168 -21.02 -1.06 44.51
N LEU K 169 -21.13 -2.37 44.34
CA LEU K 169 -20.82 -3.36 45.36
C LEU K 169 -19.41 -3.24 45.95
N HIS K 170 -18.40 -3.18 45.09
CA HIS K 170 -17.01 -3.18 45.56
C HIS K 170 -16.56 -1.82 46.13
N THR K 171 -17.16 -0.73 45.69
CA THR K 171 -16.77 0.60 46.17
C THR K 171 -17.53 1.09 47.39
N GLY K 172 -18.77 0.60 47.55
CA GLY K 172 -19.65 1.10 48.60
C GLY K 172 -20.50 2.24 48.09
N GLN K 173 -20.29 2.65 46.85
CA GLN K 173 -21.11 3.72 46.28
C GLN K 173 -22.49 3.21 45.92
N SER K 174 -23.46 4.10 45.84
CA SER K 174 -24.78 3.67 45.40
C SER K 174 -24.72 3.34 43.92
N LEU K 175 -25.65 2.48 43.49
CA LEU K 175 -25.78 2.14 42.08
C LEU K 175 -26.01 3.44 41.28
N GLU K 176 -26.85 4.32 41.82
CA GLU K 176 -27.17 5.58 41.17
C GLU K 176 -25.97 6.50 41.07
N GLN K 177 -25.10 6.45 42.07
CA GLN K 177 -23.91 7.28 42.04
C GLN K 177 -22.94 6.79 40.95
N ILE K 178 -22.75 5.48 40.88
CA ILE K 178 -21.88 4.88 39.86
C ILE K 178 -22.39 5.24 38.48
N GLU K 179 -23.70 5.11 38.28
CA GLU K 179 -24.34 5.47 37.00
C GLU K 179 -24.02 6.91 36.63
N ARG K 180 -24.12 7.79 37.61
CA ARG K 180 -23.84 9.22 37.43
C ARG K 180 -22.40 9.47 37.02
N ASP K 181 -21.50 8.81 37.72
CA ASP K 181 -20.08 9.12 37.60
C ASP K 181 -19.37 8.46 36.42
N THR K 182 -19.99 7.44 35.82
CA THR K 182 -19.33 6.71 34.74
C THR K 182 -19.92 6.94 33.35
N GLU K 183 -20.88 7.86 33.21
CA GLU K 183 -21.41 8.18 31.89
C GLU K 183 -20.28 8.75 31.00
N ARG K 184 -19.35 9.48 31.59
CA ARG K 184 -18.15 9.93 30.85
C ARG K 184 -16.92 9.60 31.67
N ASP K 185 -15.76 9.61 31.00
CA ASP K 185 -14.48 9.36 31.67
C ASP K 185 -14.34 10.15 32.96
N ARG K 186 -14.02 9.46 34.04
CA ARG K 186 -13.76 10.05 35.34
C ARG K 186 -12.42 9.60 35.84
N PHE K 187 -11.48 10.54 35.97
CA PHE K 187 -10.13 10.31 36.45
C PHE K 187 -10.04 10.54 37.95
N LEU K 188 -9.30 9.69 38.65
CA LEU K 188 -9.07 9.88 40.07
C LEU K 188 -7.61 9.72 40.41
N SER K 189 -7.09 10.62 41.25
CA SER K 189 -5.78 10.44 41.86
C SER K 189 -5.86 9.33 42.89
N ALA K 190 -4.71 8.92 43.42
CA ALA K 190 -4.70 7.88 44.44
C ALA K 190 -5.53 8.30 45.67
N PRO K 191 -5.34 9.54 46.18
CA PRO K 191 -6.18 9.91 47.32
C PRO K 191 -7.67 9.92 47.00
N GLU K 192 -8.04 10.39 45.81
CA GLU K 192 -9.43 10.41 45.39
C GLU K 192 -10.01 9.00 45.22
N ALA K 193 -9.18 8.04 44.83
CA ALA K 193 -9.61 6.65 44.66
C ALA K 193 -9.92 5.99 46.01
N VAL K 194 -9.14 6.35 47.03
CA VAL K 194 -9.40 5.90 48.39
C VAL K 194 -10.75 6.45 48.83
N GLU K 195 -10.96 7.74 48.63
CA GLU K 195 -12.20 8.39 49.06
C GLU K 195 -13.40 7.84 48.31
N TYR K 196 -13.20 7.46 47.06
CA TYR K 196 -14.29 6.94 46.27
C TYR K 196 -14.64 5.52 46.71
N GLY K 197 -13.69 4.84 47.35
CA GLY K 197 -13.89 3.46 47.74
C GLY K 197 -13.36 2.49 46.69
N LEU K 198 -12.68 3.01 45.67
CA LEU K 198 -12.12 2.15 44.63
C LEU K 198 -10.99 1.29 45.14
N VAL K 199 -10.15 1.87 45.99
CA VAL K 199 -9.09 1.12 46.68
C VAL K 199 -9.23 1.39 48.17
N ASP K 200 -8.51 0.63 48.98
CA ASP K 200 -8.65 0.79 50.43
C ASP K 200 -7.66 1.78 51.01
N SER K 201 -6.45 1.82 50.45
CA SER K 201 -5.46 2.77 50.91
C SER K 201 -4.33 2.98 49.91
N ILE K 202 -3.40 3.85 50.27
CA ILE K 202 -2.22 4.11 49.46
C ILE K 202 -0.99 3.44 50.09
N LEU K 203 -0.21 2.72 49.28
CA LEU K 203 1.09 2.22 49.69
C LEU K 203 2.18 3.23 49.32
N THR K 204 2.98 3.67 50.29
CA THR K 204 4.04 4.66 50.01
C THR K 204 5.46 4.11 50.20
N HIS K 205 5.74 3.52 51.35
CA HIS K 205 7.05 2.95 51.65
C HIS K 205 6.97 1.55 52.26
N ARG K 206 8.00 0.74 52.00
CA ARG K 206 8.13 -0.53 52.71
C ARG K 206 8.19 -0.31 54.21
N ASN K 207 7.27 -0.94 54.92
CA ASN K 207 7.29 -0.89 56.37
C ASN K 207 8.57 -1.51 56.88
N LEU L 16 21.80 -9.90 19.63
CA LEU L 16 21.80 -11.23 20.21
C LEU L 16 22.22 -11.18 21.68
N VAL L 17 21.67 -12.10 22.47
CA VAL L 17 22.00 -12.23 23.87
C VAL L 17 23.32 -12.99 24.02
N PRO L 18 24.32 -12.36 24.66
CA PRO L 18 25.61 -13.02 24.92
C PRO L 18 25.57 -13.78 26.24
N MET L 19 26.11 -14.99 26.27
CA MET L 19 26.10 -15.78 27.50
C MET L 19 27.45 -15.74 28.23
N VAL L 20 27.41 -15.77 29.56
CA VAL L 20 28.63 -15.89 30.37
C VAL L 20 28.44 -16.96 31.44
N PHE L 31 23.54 -17.73 32.12
CA PHE L 31 23.27 -16.30 32.26
C PHE L 31 23.58 -15.51 30.98
N ASP L 32 22.57 -14.79 30.50
CA ASP L 32 22.80 -13.81 29.44
C ASP L 32 23.49 -12.61 30.10
N ILE L 33 24.13 -11.76 29.31
CA ILE L 33 24.95 -10.68 29.88
C ILE L 33 24.13 -9.76 30.81
N TYR L 34 22.85 -9.55 30.53
CA TYR L 34 22.04 -8.69 31.38
C TYR L 34 21.67 -9.37 32.70
N SER L 35 21.36 -10.65 32.65
CA SER L 35 21.06 -11.39 33.86
C SER L 35 22.30 -11.45 34.73
N ARG L 36 23.45 -11.55 34.10
CA ARG L 36 24.68 -11.53 34.84
C ARG L 36 24.89 -10.20 35.62
N LEU L 37 24.58 -9.09 34.97
CA LEU L 37 24.71 -7.77 35.59
C LEU L 37 23.65 -7.56 36.67
N LEU L 38 22.51 -8.20 36.47
CA LEU L 38 21.40 -8.09 37.40
C LEU L 38 21.71 -8.63 38.80
N LYS L 39 22.49 -9.70 38.89
CA LYS L 39 22.82 -10.23 40.22
C LYS L 39 23.84 -9.36 40.90
N GLU L 40 24.37 -8.37 40.19
CA GLU L 40 25.27 -7.40 40.79
C GLU L 40 24.46 -6.13 41.00
N ARG L 41 23.14 -6.32 41.00
CA ARG L 41 22.17 -5.29 41.32
C ARG L 41 22.21 -4.11 40.33
N VAL L 42 22.54 -4.42 39.08
CA VAL L 42 22.50 -3.44 38.00
C VAL L 42 21.32 -3.68 37.06
N ILE L 43 20.52 -2.63 36.86
CA ILE L 43 19.36 -2.66 35.98
C ILE L 43 19.52 -1.62 34.88
N PHE L 44 19.12 -1.98 33.66
CA PHE L 44 19.16 -1.03 32.56
C PHE L 44 17.78 -0.60 32.13
N LEU L 45 17.58 0.71 32.09
CA LEU L 45 16.42 1.31 31.47
C LEU L 45 16.89 1.91 30.15
N THR L 46 16.51 1.29 29.04
CA THR L 46 17.02 1.73 27.74
C THR L 46 15.91 1.92 26.71
N GLY L 47 15.93 3.06 26.03
CA GLY L 47 14.97 3.37 24.99
C GLY L 47 13.67 3.92 25.54
N GLN L 48 12.62 3.90 24.72
CA GLN L 48 11.33 4.51 25.07
C GLN L 48 10.67 3.86 26.27
N VAL L 49 10.13 4.70 27.15
CA VAL L 49 9.42 4.22 28.31
C VAL L 49 7.99 3.83 27.92
N GLU L 50 7.62 2.58 28.15
CA GLU L 50 6.26 2.11 27.89
C GLU L 50 5.94 0.96 28.88
N ASP L 51 4.67 0.56 28.94
CA ASP L 51 4.18 -0.34 29.99
C ASP L 51 5.00 -1.59 30.21
N HIS L 52 5.36 -2.28 29.13
CA HIS L 52 5.97 -3.60 29.29
C HIS L 52 7.45 -3.50 29.66
N MET L 53 8.21 -2.62 29.03
CA MET L 53 9.60 -2.47 29.44
C MET L 53 9.67 -1.95 30.89
N ALA L 54 8.70 -1.11 31.26
CA ALA L 54 8.64 -0.57 32.60
C ALA L 54 8.31 -1.69 33.58
N ASN L 55 7.44 -2.61 33.19
CA ASN L 55 7.06 -3.71 34.05
C ASN L 55 8.33 -4.51 34.36
N LEU L 56 9.13 -4.70 33.32
CA LEU L 56 10.35 -5.46 33.45
C LEU L 56 11.29 -4.83 34.47
N ILE L 57 11.37 -3.50 34.46
CA ILE L 57 12.21 -2.80 35.41
C ILE L 57 11.67 -2.97 36.82
N VAL L 58 10.36 -2.79 36.98
CA VAL L 58 9.73 -2.98 38.28
C VAL L 58 9.99 -4.37 38.82
N ALA L 59 9.82 -5.39 37.97
CA ALA L 59 10.03 -6.76 38.41
C ALA L 59 11.48 -6.95 38.86
N GLN L 60 12.42 -6.36 38.14
CA GLN L 60 13.82 -6.44 38.53
C GLN L 60 14.11 -5.76 39.88
N MET L 61 13.49 -4.61 40.12
CA MET L 61 13.66 -3.92 41.40
C MET L 61 13.11 -4.74 42.58
N LEU L 62 11.93 -5.34 42.39
CA LEU L 62 11.29 -6.16 43.42
C LEU L 62 12.15 -7.35 43.75
N PHE L 63 12.68 -7.98 42.70
CA PHE L 63 13.58 -9.12 42.86
C PHE L 63 14.80 -8.75 43.68
N LEU L 64 15.43 -7.63 43.32
CA LEU L 64 16.65 -7.22 43.98
C LEU L 64 16.42 -6.86 45.44
N GLU L 65 15.30 -6.19 45.70
CA GLU L 65 14.94 -5.80 47.04
C GLU L 65 14.94 -7.03 47.93
N ALA L 66 14.34 -8.08 47.41
CA ALA L 66 14.27 -9.34 48.09
C ALA L 66 15.60 -10.00 48.36
N GLU L 67 16.41 -10.06 47.30
CA GLU L 67 17.71 -10.72 47.39
C GLU L 67 18.50 -10.02 48.47
N ASN L 68 18.22 -8.73 48.65
CA ASN L 68 18.86 -7.98 49.70
C ASN L 68 18.22 -6.60 49.85
N PRO L 69 17.34 -6.44 50.86
CA PRO L 69 16.65 -5.16 51.05
C PRO L 69 17.56 -4.04 51.52
N GLU L 70 18.81 -4.35 51.84
CA GLU L 70 19.69 -3.29 52.31
C GLU L 70 20.67 -2.79 51.26
N LYS L 71 21.00 -3.61 50.27
CA LYS L 71 21.98 -3.19 49.29
C LYS L 71 21.41 -2.29 48.19
N ASP L 72 22.20 -1.28 47.82
CA ASP L 72 21.80 -0.32 46.81
C ASP L 72 21.52 -1.01 45.49
N ILE L 73 20.62 -0.41 44.72
CA ILE L 73 20.31 -0.87 43.37
C ILE L 73 20.80 0.22 42.41
N TYR L 74 21.40 -0.21 41.30
CA TYR L 74 21.93 0.72 40.30
C TYR L 74 21.11 0.67 39.02
N LEU L 75 20.50 1.80 38.69
CA LEU L 75 19.67 1.91 37.49
C LEU L 75 20.33 2.80 36.44
N TYR L 76 20.85 2.19 35.38
CA TYR L 76 21.35 2.91 34.23
C TYR L 76 20.19 3.39 33.38
N ILE L 77 20.26 4.65 32.99
CA ILE L 77 19.20 5.27 32.20
C ILE L 77 19.78 5.84 30.90
N ASN L 78 19.27 5.33 29.78
CA ASN L 78 19.54 5.88 28.47
C ASN L 78 18.21 5.85 27.72
N SER L 79 17.50 6.96 27.73
CA SER L 79 16.13 6.98 27.27
C SER L 79 15.73 8.35 26.73
N PRO L 80 14.98 8.34 25.61
CA PRO L 80 14.44 9.56 25.02
C PRO L 80 13.14 9.99 25.70
N GLY L 81 12.65 9.17 26.63
CA GLY L 81 11.40 9.46 27.30
C GLY L 81 10.34 8.42 27.00
N GLY L 82 9.08 8.80 27.15
CA GLY L 82 7.99 7.89 26.86
C GLY L 82 6.73 8.19 27.65
N VAL L 83 5.93 7.16 27.86
CA VAL L 83 4.61 7.27 28.48
C VAL L 83 4.71 7.55 29.96
N ILE L 84 4.00 8.59 30.41
CA ILE L 84 4.10 9.05 31.78
C ILE L 84 3.59 8.01 32.80
N THR L 85 2.42 7.43 32.58
CA THR L 85 1.94 6.44 33.56
C THR L 85 2.92 5.27 33.66
N ALA L 86 3.52 4.85 32.54
CA ALA L 86 4.52 3.76 32.65
C ALA L 86 5.71 4.19 33.49
N GLY L 87 6.17 5.42 33.29
CA GLY L 87 7.27 5.94 34.07
C GLY L 87 6.91 6.03 35.54
N MET L 88 5.68 6.41 35.81
CA MET L 88 5.26 6.54 37.20
C MET L 88 5.18 5.18 37.91
N SER L 89 4.97 4.11 37.14
CA SER L 89 4.98 2.78 37.75
C SER L 89 6.39 2.49 38.27
N ILE L 90 7.39 2.93 37.52
CA ILE L 90 8.79 2.81 37.93
C ILE L 90 9.11 3.75 39.09
N TYR L 91 8.67 4.99 38.95
CA TYR L 91 8.89 6.02 39.98
C TYR L 91 8.44 5.56 41.36
N ASP L 92 7.19 5.14 41.47
CA ASP L 92 6.61 4.75 42.76
C ASP L 92 7.24 3.50 43.32
N THR L 93 7.70 2.62 42.43
CA THR L 93 8.41 1.43 42.88
C THR L 93 9.75 1.83 43.49
N MET L 94 10.46 2.75 42.83
CA MET L 94 11.74 3.24 43.33
C MET L 94 11.61 3.81 44.75
N GLN L 95 10.52 4.52 45.01
CA GLN L 95 10.33 5.18 46.29
C GLN L 95 9.90 4.17 47.38
N PHE L 96 9.10 3.19 46.97
CA PHE L 96 8.47 2.23 47.88
C PHE L 96 9.47 1.21 48.46
N ILE L 97 10.27 0.59 47.60
CA ILE L 97 11.18 -0.47 48.03
C ILE L 97 12.19 0.07 49.02
N LYS L 98 12.71 -0.79 49.87
CA LYS L 98 13.64 -0.34 50.91
C LYS L 98 15.04 0.05 50.36
N PRO L 99 15.59 -0.68 49.39
CA PRO L 99 16.92 -0.26 48.94
C PRO L 99 16.92 1.13 48.28
N ASP L 100 18.03 1.85 48.43
CA ASP L 100 18.28 3.04 47.62
C ASP L 100 18.46 2.65 46.17
N VAL L 101 17.85 3.41 45.27
CA VAL L 101 18.09 3.22 43.85
C VAL L 101 19.02 4.34 43.37
N SER L 102 20.27 3.98 43.09
CA SER L 102 21.24 4.90 42.53
C SER L 102 20.98 4.96 41.02
N THR L 103 20.95 6.18 40.47
CA THR L 103 20.68 6.34 39.04
C THR L 103 21.88 6.93 38.32
N ILE L 104 22.13 6.42 37.13
CA ILE L 104 23.28 6.82 36.34
C ILE L 104 22.85 7.06 34.89
N CYS L 105 22.99 8.30 34.42
CA CYS L 105 22.61 8.62 33.05
C CYS L 105 23.77 8.39 32.09
N MET L 106 23.54 7.56 31.07
CA MET L 106 24.49 7.37 29.98
C MET L 106 23.79 7.65 28.67
N GLY L 107 24.45 8.40 27.78
CA GLY L 107 23.83 8.81 26.54
C GLY L 107 22.91 10.00 26.73
N GLN L 108 21.66 9.73 27.11
CA GLN L 108 20.71 10.78 27.37
C GLN L 108 19.63 10.35 28.34
N ALA L 109 19.04 11.32 29.03
CA ALA L 109 17.84 11.07 29.79
C ALA L 109 16.91 12.21 29.48
N ALA L 110 15.92 11.94 28.64
CA ALA L 110 14.99 13.01 28.23
C ALA L 110 13.60 12.72 28.74
N SER L 111 12.86 13.79 29.03
CA SER L 111 11.48 13.74 29.49
C SER L 111 11.36 12.77 30.68
N MET L 112 10.52 11.75 30.55
CA MET L 112 10.37 10.77 31.64
C MET L 112 11.70 10.13 32.03
N GLY L 113 12.63 9.99 31.10
CA GLY L 113 13.94 9.50 31.47
C GLY L 113 14.65 10.44 32.44
N ALA L 114 14.55 11.74 32.20
CA ALA L 114 15.17 12.73 33.08
C ALA L 114 14.47 12.72 34.44
N PHE L 115 13.16 12.51 34.40
CA PHE L 115 12.37 12.46 35.62
C PHE L 115 12.84 11.30 36.49
N LEU L 116 12.96 10.12 35.88
CA LEU L 116 13.37 8.94 36.63
C LEU L 116 14.81 9.06 37.09
N LEU L 117 15.64 9.75 36.29
CA LEU L 117 17.01 10.03 36.71
C LEU L 117 17.05 10.85 38.00
N THR L 118 16.29 11.95 38.04
CA THR L 118 16.39 12.84 39.20
C THR L 118 15.68 12.25 40.42
N ALA L 119 14.87 11.21 40.19
CA ALA L 119 14.11 10.55 41.25
C ALA L 119 14.91 9.54 42.08
N GLY L 120 16.16 9.30 41.71
CA GLY L 120 17.01 8.35 42.41
C GLY L 120 17.32 8.83 43.83
N ALA L 121 17.93 7.97 44.65
CA ALA L 121 18.27 8.35 46.02
C ALA L 121 19.14 9.60 46.06
N LYS L 122 18.75 10.55 46.90
CA LYS L 122 19.52 11.79 47.05
C LYS L 122 21.00 11.44 47.33
N GLY L 123 21.90 12.06 46.59
CA GLY L 123 23.33 11.82 46.74
C GLY L 123 23.88 10.72 45.86
N LYS L 124 23.00 9.95 45.25
CA LYS L 124 23.41 8.80 44.44
C LYS L 124 22.89 8.89 43.00
N ARG L 125 22.70 10.10 42.51
CA ARG L 125 22.26 10.33 41.14
C ARG L 125 23.40 10.91 40.35
N PHE L 126 23.72 10.28 39.22
CA PHE L 126 24.89 10.62 38.44
C PHE L 126 24.65 10.84 36.95
N CYS L 127 25.47 11.69 36.36
CA CYS L 127 25.61 11.80 34.91
C CYS L 127 27.02 11.34 34.52
N LEU L 128 27.13 10.59 33.43
CA LEU L 128 28.43 10.36 32.81
C LEU L 128 28.79 11.68 32.10
N PRO L 129 30.09 11.93 31.89
CA PRO L 129 30.53 13.29 31.48
C PRO L 129 29.88 13.84 30.20
N ASN L 130 29.58 12.96 29.26
CA ASN L 130 29.05 13.41 27.97
C ASN L 130 27.62 13.02 27.70
N SER L 131 26.91 12.66 28.76
CA SER L 131 25.49 12.41 28.66
C SER L 131 24.79 13.75 28.66
N ARG L 132 23.55 13.78 28.18
CA ARG L 132 22.77 14.99 28.23
C ARG L 132 21.38 14.71 28.79
N VAL L 133 20.77 15.74 29.34
CA VAL L 133 19.46 15.66 29.95
C VAL L 133 18.53 16.65 29.24
N MET L 134 17.26 16.30 29.09
CA MET L 134 16.29 17.23 28.52
C MET L 134 15.01 17.13 29.34
N ILE L 135 14.43 18.26 29.72
CA ILE L 135 13.18 18.25 30.47
C ILE L 135 12.17 19.08 29.72
N HIS L 136 10.91 18.70 29.76
CA HIS L 136 9.87 19.46 29.12
C HIS L 136 8.48 19.11 29.67
N GLN L 137 7.45 19.75 29.20
CA GLN L 137 6.13 19.41 29.72
C GLN L 137 5.48 18.21 29.01
N PRO L 138 4.38 17.66 29.57
CA PRO L 138 3.72 16.53 28.91
C PRO L 138 3.18 16.86 27.52
N LEU L 139 3.14 15.83 26.67
CA LEU L 139 2.46 15.89 25.39
C LEU L 139 1.29 14.92 25.45
N GLY L 140 0.23 15.20 24.71
CA GLY L 140 -0.90 14.29 24.70
C GLY L 140 -1.75 14.59 23.51
N GLY L 141 -2.93 14.01 23.49
CA GLY L 141 -3.85 14.24 22.41
C GLY L 141 -5.15 13.51 22.66
N TYR L 142 -6.25 14.17 22.32
CA TYR L 142 -7.55 13.53 22.41
C TYR L 142 -8.37 13.91 21.20
N GLN L 143 -9.43 13.16 20.95
CA GLN L 143 -10.31 13.47 19.87
C GLN L 143 -11.71 13.06 20.31
N GLY L 144 -12.71 13.90 20.11
CA GLY L 144 -14.06 13.51 20.50
C GLY L 144 -14.94 14.71 20.78
N GLN L 145 -16.01 14.48 21.54
CA GLN L 145 -16.91 15.57 21.91
C GLN L 145 -16.21 16.62 22.78
N ALA L 146 -16.63 17.86 22.63
CA ALA L 146 -16.13 18.96 23.47
C ALA L 146 -16.19 18.65 24.95
N THR L 147 -17.29 18.04 25.42
CA THR L 147 -17.38 17.69 26.84
C THR L 147 -16.21 16.78 27.24
N ASP L 148 -15.92 15.80 26.38
CA ASP L 148 -14.84 14.84 26.62
C ASP L 148 -13.44 15.46 26.46
N ILE L 149 -13.30 16.38 25.50
CA ILE L 149 -12.06 17.14 25.33
C ILE L 149 -11.71 17.89 26.63
N GLU L 150 -12.71 18.52 27.24
CA GLU L 150 -12.47 19.26 28.49
C GLU L 150 -12.00 18.33 29.58
N ILE L 151 -12.65 17.17 29.66
CA ILE L 151 -12.28 16.17 30.65
C ILE L 151 -10.82 15.73 30.47
N HIS L 152 -10.43 15.42 29.24
CA HIS L 152 -9.05 14.96 29.02
C HIS L 152 -8.05 16.12 29.09
N ALA L 153 -8.46 17.32 28.68
CA ALA L 153 -7.56 18.47 28.84
C ALA L 153 -7.31 18.75 30.33
N ARG L 154 -8.37 18.68 31.12
CA ARG L 154 -8.27 18.91 32.56
C ARG L 154 -7.32 17.91 33.19
N GLU L 155 -7.41 16.66 32.75
CA GLU L 155 -6.57 15.60 33.28
C GLU L 155 -5.09 15.79 32.94
N ILE L 156 -4.75 16.10 31.68
CA ILE L 156 -3.34 16.23 31.38
C ILE L 156 -2.75 17.48 32.07
N LEU L 157 -3.56 18.51 32.32
CA LEU L 157 -3.05 19.67 33.08
C LEU L 157 -2.76 19.26 34.53
N LYS L 158 -3.58 18.39 35.10
CA LYS L 158 -3.30 17.87 36.43
C LYS L 158 -2.01 17.04 36.45
N VAL L 159 -1.82 16.20 35.44
CA VAL L 159 -0.60 15.42 35.35
C VAL L 159 0.60 16.38 35.23
N LYS L 160 0.48 17.39 34.39
CA LYS L 160 1.56 18.38 34.25
C LYS L 160 1.93 19.03 35.59
N GLY L 161 0.92 19.46 36.33
CA GLY L 161 1.15 20.05 37.63
C GLY L 161 1.84 19.08 38.55
N ARG L 162 1.37 17.84 38.56
CA ARG L 162 1.94 16.84 39.42
C ARG L 162 3.40 16.56 39.04
N MET L 163 3.71 16.45 37.76
CA MET L 163 5.08 16.20 37.32
C MET L 163 5.97 17.39 37.73
N ASN L 164 5.44 18.60 37.62
CA ASN L 164 6.24 19.77 38.02
C ASN L 164 6.52 19.76 39.54
N GLU L 165 5.54 19.38 40.36
CA GLU L 165 5.80 19.31 41.80
C GLU L 165 6.89 18.32 42.15
N LEU L 166 6.81 17.13 41.57
CA LEU L 166 7.78 16.09 41.87
C LEU L 166 9.16 16.48 41.36
N MET L 167 9.22 17.11 40.20
CA MET L 167 10.50 17.57 39.66
C MET L 167 11.11 18.64 40.58
N ALA L 168 10.28 19.56 41.04
CA ALA L 168 10.74 20.56 42.01
C ALA L 168 11.29 19.86 43.26
N LEU L 169 10.53 18.89 43.76
CA LEU L 169 10.92 18.12 44.95
C LEU L 169 12.30 17.50 44.84
N HIS L 170 12.57 16.79 43.76
CA HIS L 170 13.84 16.09 43.63
C HIS L 170 15.02 17.00 43.20
N THR L 171 14.73 18.08 42.49
CA THR L 171 15.83 18.94 42.03
C THR L 171 16.22 20.02 43.05
N GLY L 172 15.27 20.45 43.88
CA GLY L 172 15.50 21.56 44.79
C GLY L 172 15.11 22.89 44.15
N GLN L 173 14.71 22.85 42.88
CA GLN L 173 14.22 24.05 42.23
C GLN L 173 12.81 24.37 42.76
N SER L 174 12.42 25.62 42.66
CA SER L 174 11.07 25.99 43.03
C SER L 174 10.11 25.47 41.98
N LEU L 175 8.87 25.26 42.39
CA LEU L 175 7.84 24.83 41.48
C LEU L 175 7.73 25.81 40.32
N GLU L 176 7.80 27.10 40.63
CA GLU L 176 7.69 28.15 39.62
C GLU L 176 8.86 28.10 38.60
N GLN L 177 10.06 27.79 39.08
CA GLN L 177 11.21 27.68 38.18
C GLN L 177 11.08 26.47 37.25
N ILE L 178 10.67 25.32 37.80
CA ILE L 178 10.45 24.12 36.98
C ILE L 178 9.41 24.42 35.90
N GLU L 179 8.32 25.06 36.30
CA GLU L 179 7.24 25.40 35.36
C GLU L 179 7.74 26.22 34.19
N ARG L 180 8.49 27.26 34.50
CA ARG L 180 9.02 28.12 33.46
C ARG L 180 9.99 27.38 32.55
N ASP L 181 10.87 26.57 33.13
CA ASP L 181 11.95 25.92 32.39
C ASP L 181 11.47 24.72 31.57
N THR L 182 10.25 24.25 31.82
CA THR L 182 9.77 23.07 31.10
C THR L 182 8.65 23.36 30.09
N GLU L 183 8.30 24.64 29.90
CA GLU L 183 7.28 25.00 28.91
C GLU L 183 7.71 24.57 27.49
N ARG L 184 9.02 24.61 27.24
CA ARG L 184 9.58 24.11 25.99
C ARG L 184 10.80 23.24 26.29
N ASP L 185 11.23 22.42 25.33
CA ASP L 185 12.40 21.56 25.55
C ASP L 185 13.58 22.33 26.11
N ARG L 186 14.14 21.83 27.19
CA ARG L 186 15.34 22.41 27.78
C ARG L 186 16.45 21.38 27.92
N PHE L 187 17.54 21.60 27.18
CA PHE L 187 18.66 20.67 27.19
C PHE L 187 19.70 21.07 28.24
N LEU L 188 20.25 20.08 28.93
CA LEU L 188 21.29 20.33 29.91
C LEU L 188 22.47 19.40 29.72
N SER L 189 23.67 19.99 29.74
CA SER L 189 24.88 19.18 29.76
C SER L 189 24.98 18.52 31.12
N ALA L 190 25.93 17.60 31.29
CA ALA L 190 26.07 16.95 32.59
C ALA L 190 26.43 17.95 33.71
N PRO L 191 27.41 18.86 33.50
CA PRO L 191 27.65 19.85 34.56
C PRO L 191 26.43 20.72 34.84
N GLU L 192 25.69 21.11 33.81
CA GLU L 192 24.49 21.91 34.00
C GLU L 192 23.43 21.15 34.78
N ALA L 193 23.35 19.84 34.54
CA ALA L 193 22.38 19.01 35.26
C ALA L 193 22.77 18.91 36.72
N VAL L 194 24.07 18.86 36.99
CA VAL L 194 24.55 18.88 38.37
C VAL L 194 24.14 20.22 39.02
N GLU L 195 24.42 21.30 38.31
CA GLU L 195 24.12 22.64 38.82
C GLU L 195 22.61 22.83 39.00
N TYR L 196 21.83 22.21 38.14
CA TYR L 196 20.36 22.34 38.19
C TYR L 196 19.79 21.56 39.35
N GLY L 197 20.54 20.56 39.84
CA GLY L 197 20.05 19.72 40.91
C GLY L 197 19.37 18.46 40.40
N LEU L 198 19.43 18.23 39.09
CA LEU L 198 18.85 17.02 38.50
C LEU L 198 19.62 15.80 38.94
N VAL L 199 20.95 15.91 38.95
CA VAL L 199 21.80 14.86 39.50
C VAL L 199 22.75 15.47 40.54
N ASP L 200 23.42 14.62 41.31
CA ASP L 200 24.31 15.05 42.39
C ASP L 200 25.74 15.27 41.94
N SER L 201 26.21 14.46 41.00
CA SER L 201 27.57 14.64 40.49
C SER L 201 27.80 13.92 39.17
N ILE L 202 29.02 14.07 38.65
CA ILE L 202 29.43 13.39 37.44
C ILE L 202 30.35 12.24 37.80
N LEU L 203 30.09 11.04 37.24
CA LEU L 203 31.03 9.93 37.36
C LEU L 203 31.96 9.96 36.16
N THR L 204 33.27 9.99 36.40
CA THR L 204 34.22 10.09 35.28
C THR L 204 35.12 8.87 35.14
N HIS L 205 35.75 8.48 36.23
CA HIS L 205 36.61 7.31 36.25
C HIS L 205 36.27 6.47 37.46
N ARG L 206 36.31 5.15 37.32
CA ARG L 206 36.06 4.30 38.48
C ARG L 206 37.12 4.57 39.53
N ASN L 207 36.69 4.73 40.77
CA ASN L 207 37.60 4.96 41.87
C ASN L 207 38.57 3.81 42.05
N VAL M 17 23.70 -18.72 14.43
CA VAL M 17 24.82 -18.27 15.23
C VAL M 17 25.54 -19.43 15.96
N PRO M 18 26.80 -19.70 15.58
CA PRO M 18 27.57 -20.89 15.95
C PRO M 18 27.70 -21.16 17.45
N MET M 19 27.54 -22.42 17.84
CA MET M 19 27.64 -22.82 19.25
C MET M 19 28.90 -23.65 19.51
N PHE M 31 28.31 -21.83 25.23
CA PHE M 31 28.76 -20.57 24.62
C PHE M 31 28.59 -20.44 23.11
N ASP M 32 27.89 -19.40 22.68
CA ASP M 32 27.81 -19.03 21.28
C ASP M 32 29.17 -18.41 20.93
N ILE M 33 29.46 -18.26 19.64
CA ILE M 33 30.78 -17.82 19.22
C ILE M 33 31.16 -16.44 19.81
N TYR M 34 30.19 -15.56 20.00
CA TYR M 34 30.49 -14.25 20.57
C TYR M 34 30.79 -14.37 22.04
N SER M 35 30.04 -15.24 22.71
CA SER M 35 30.23 -15.51 24.13
C SER M 35 31.62 -16.08 24.39
N ARG M 36 32.06 -16.95 23.49
CA ARG M 36 33.38 -17.54 23.57
C ARG M 36 34.44 -16.47 23.44
N LEU M 37 34.25 -15.60 22.46
CA LEU M 37 35.20 -14.54 22.19
C LEU M 37 35.16 -13.51 23.31
N LEU M 38 33.99 -13.36 23.93
CA LEU M 38 33.82 -12.45 25.06
C LEU M 38 34.67 -12.90 26.25
N LYS M 39 34.81 -14.22 26.37
CA LYS M 39 35.54 -14.83 27.47
C LYS M 39 37.02 -14.48 27.33
N GLU M 40 37.34 -13.98 26.15
CA GLU M 40 38.65 -13.50 25.81
C GLU M 40 38.77 -11.98 25.70
N ARG M 41 37.83 -11.29 26.31
CA ARG M 41 37.84 -9.82 26.42
C ARG M 41 37.78 -9.14 25.04
N VAL M 42 37.11 -9.81 24.09
CA VAL M 42 36.85 -9.24 22.77
C VAL M 42 35.36 -8.91 22.63
N ILE M 43 35.08 -7.67 22.24
CA ILE M 43 33.71 -7.22 22.03
C ILE M 43 33.58 -6.72 20.61
N PHE M 44 32.45 -6.99 19.96
CA PHE M 44 32.23 -6.50 18.61
C PHE M 44 31.22 -5.36 18.54
N LEU M 45 31.63 -4.27 17.89
CA LEU M 45 30.70 -3.20 17.54
C LEU M 45 30.46 -3.27 16.03
N THR M 46 29.26 -3.69 15.66
CA THR M 46 28.94 -3.93 14.25
C THR M 46 27.63 -3.29 13.81
N GLY M 47 27.67 -2.60 12.68
CA GLY M 47 26.48 -2.02 12.07
C GLY M 47 26.13 -0.69 12.71
N GLN M 48 24.92 -0.18 12.44
CA GLN M 48 24.57 1.16 12.91
C GLN M 48 24.51 1.23 14.43
N VAL M 49 25.02 2.32 14.98
CA VAL M 49 24.98 2.54 16.42
C VAL M 49 23.60 3.06 16.86
N GLU M 50 22.97 2.34 17.78
CA GLU M 50 21.69 2.73 18.36
C GLU M 50 21.63 2.25 19.81
N ASP M 51 20.63 2.72 20.56
CA ASP M 51 20.58 2.51 22.01
C ASP M 51 20.76 1.06 22.47
N HIS M 52 20.09 0.12 21.81
CA HIS M 52 20.09 -1.24 22.33
C HIS M 52 21.39 -2.00 22.02
N MET M 53 21.93 -1.89 20.81
CA MET M 53 23.21 -2.51 20.54
C MET M 53 24.30 -1.81 21.38
N ALA M 54 24.13 -0.52 21.65
CA ALA M 54 25.09 0.22 22.47
C ALA M 54 25.00 -0.23 23.93
N ASN M 55 23.78 -0.45 24.42
CA ASN M 55 23.63 -0.95 25.78
C ASN M 55 24.30 -2.33 25.91
N LEU M 56 24.18 -3.15 24.87
CA LEU M 56 24.80 -4.47 24.88
C LEU M 56 26.32 -4.37 25.02
N ILE M 57 26.92 -3.43 24.31
CA ILE M 57 28.36 -3.20 24.40
C ILE M 57 28.76 -2.70 25.78
N VAL M 58 28.00 -1.75 26.31
CA VAL M 58 28.24 -1.24 27.66
C VAL M 58 28.22 -2.39 28.68
N ALA M 59 27.22 -3.27 28.58
CA ALA M 59 27.08 -4.39 29.51
C ALA M 59 28.29 -5.31 29.42
N GLN M 60 28.75 -5.56 28.21
CA GLN M 60 29.95 -6.37 28.00
C GLN M 60 31.19 -5.71 28.59
N MET M 61 31.33 -4.40 28.43
CA MET M 61 32.49 -3.72 29.03
C MET M 61 32.47 -3.80 30.56
N LEU M 62 31.29 -3.62 31.16
CA LEU M 62 31.11 -3.68 32.61
C LEU M 62 31.42 -5.07 33.15
N PHE M 63 30.89 -6.08 32.45
CA PHE M 63 31.18 -7.47 32.80
C PHE M 63 32.67 -7.74 32.78
N LEU M 64 33.34 -7.33 31.71
CA LEU M 64 34.78 -7.58 31.55
C LEU M 64 35.62 -6.84 32.60
N GLU M 65 35.24 -5.60 32.92
CA GLU M 65 35.94 -4.83 33.96
C GLU M 65 35.90 -5.58 35.28
N ALA M 66 34.72 -6.09 35.62
CA ALA M 66 34.53 -6.86 36.83
C ALA M 66 35.35 -8.13 36.87
N GLU M 67 35.36 -8.88 35.77
CA GLU M 67 36.10 -10.13 35.73
C GLU M 67 37.58 -9.88 35.95
N ASN M 68 38.07 -8.75 35.45
CA ASN M 68 39.48 -8.41 35.62
C ASN M 68 39.71 -6.97 35.18
N PRO M 69 39.80 -6.05 36.16
CA PRO M 69 39.95 -4.60 35.94
C PRO M 69 41.33 -4.20 35.42
N GLU M 70 42.27 -5.14 35.35
CA GLU M 70 43.64 -4.82 34.91
C GLU M 70 43.91 -5.23 33.46
N LYS M 71 43.18 -6.22 32.94
CA LYS M 71 43.45 -6.67 31.57
C LYS M 71 42.74 -5.84 30.49
N ASP M 72 43.43 -5.61 29.37
CA ASP M 72 42.87 -4.84 28.27
C ASP M 72 41.57 -5.46 27.74
N ILE M 73 40.73 -4.60 27.17
CA ILE M 73 39.53 -5.03 26.47
C ILE M 73 39.75 -4.65 25.02
N TYR M 74 39.32 -5.53 24.12
CA TYR M 74 39.45 -5.33 22.70
C TYR M 74 38.11 -5.11 22.04
N LEU M 75 37.94 -3.93 21.45
CA LEU M 75 36.70 -3.60 20.76
C LEU M 75 36.90 -3.52 19.25
N TYR M 76 36.41 -4.53 18.53
CA TYR M 76 36.41 -4.47 17.07
C TYR M 76 35.28 -3.57 16.60
N ILE M 77 35.59 -2.67 15.67
CA ILE M 77 34.62 -1.71 15.15
C ILE M 77 34.49 -1.84 13.64
N ASN M 78 33.26 -2.12 13.19
CA ASN M 78 32.87 -2.09 11.79
C ASN M 78 31.50 -1.44 11.70
N SER M 79 31.44 -0.15 11.44
CA SER M 79 30.19 0.57 11.59
C SER M 79 30.12 1.78 10.69
N PRO M 80 28.94 2.05 10.12
CA PRO M 80 28.77 3.26 9.31
C PRO M 80 28.46 4.46 10.19
N GLY M 81 28.33 4.25 11.49
CA GLY M 81 27.99 5.35 12.37
C GLY M 81 26.63 5.14 13.01
N GLY M 82 26.01 6.24 13.42
CA GLY M 82 24.69 6.14 14.03
C GLY M 82 24.36 7.27 14.98
N VAL M 83 23.51 6.97 15.94
CA VAL M 83 22.97 7.96 16.87
C VAL M 83 24.02 8.40 17.88
N ILE M 84 24.18 9.72 18.03
CA ILE M 84 25.26 10.24 18.85
C ILE M 84 25.10 9.89 20.34
N THR M 85 23.94 10.12 20.93
CA THR M 85 23.79 9.82 22.35
C THR M 85 24.04 8.33 22.63
N ALA M 86 23.59 7.46 21.72
CA ALA M 86 23.88 6.03 21.91
C ALA M 86 25.41 5.80 21.89
N GLY M 87 26.08 6.45 20.94
CA GLY M 87 27.54 6.35 20.85
C GLY M 87 28.21 6.91 22.11
N MET M 88 27.66 7.99 22.65
CA MET M 88 28.26 8.58 23.85
C MET M 88 28.08 7.67 25.07
N SER M 89 27.07 6.79 25.08
CA SER M 89 26.94 5.85 26.19
C SER M 89 28.13 4.90 26.17
N ILE M 90 28.57 4.52 24.98
CA ILE M 90 29.76 3.67 24.83
C ILE M 90 31.05 4.45 25.15
N TYR M 91 31.17 5.65 24.59
CA TYR M 91 32.35 6.49 24.84
C TYR M 91 32.64 6.67 26.33
N ASP M 92 31.63 7.13 27.06
CA ASP M 92 31.81 7.42 28.49
C ASP M 92 32.05 6.15 29.29
N THR M 93 31.46 5.04 28.85
CA THR M 93 31.74 3.78 29.51
C THR M 93 33.20 3.38 29.27
N MET M 94 33.68 3.58 28.04
CA MET M 94 35.09 3.31 27.72
C MET M 94 36.06 4.07 28.62
N GLN M 95 35.75 5.34 28.87
CA GLN M 95 36.62 6.20 29.67
C GLN M 95 36.49 5.87 31.16
N PHE M 96 35.28 5.49 31.58
CA PHE M 96 35.00 5.23 33.00
C PHE M 96 35.70 4.00 33.56
N ILE M 97 35.58 2.87 32.88
CA ILE M 97 36.10 1.60 33.38
C ILE M 97 37.61 1.61 33.54
N LYS M 98 38.11 0.75 34.41
CA LYS M 98 39.54 0.69 34.68
C LYS M 98 40.36 0.11 33.51
N PRO M 99 39.89 -0.98 32.89
CA PRO M 99 40.75 -1.51 31.81
C PRO M 99 40.91 -0.56 30.63
N ASP M 100 42.06 -0.62 29.97
CA ASP M 100 42.23 0.03 28.69
C ASP M 100 41.31 -0.64 27.66
N VAL M 101 40.67 0.16 26.83
CA VAL M 101 39.92 -0.40 25.72
C VAL M 101 40.70 -0.16 24.44
N SER M 102 41.28 -1.24 23.91
CA SER M 102 41.96 -1.20 22.64
C SER M 102 40.90 -1.31 21.55
N THR M 103 41.00 -0.44 20.55
CA THR M 103 40.03 -0.41 19.45
C THR M 103 40.67 -0.87 18.17
N ILE M 104 39.91 -1.65 17.40
CA ILE M 104 40.40 -2.17 16.14
C ILE M 104 39.38 -2.01 15.02
N CYS M 105 39.74 -1.23 14.02
CA CYS M 105 38.85 -0.98 12.90
C CYS M 105 39.03 -2.03 11.81
N MET M 106 37.92 -2.71 11.47
CA MET M 106 37.88 -3.61 10.33
C MET M 106 36.71 -3.24 9.40
N GLY M 107 36.96 -3.24 8.10
CA GLY M 107 35.93 -2.81 7.16
C GLY M 107 35.87 -1.30 7.11
N GLN M 108 35.10 -0.69 8.01
CA GLN M 108 35.04 0.76 8.08
C GLN M 108 34.69 1.21 9.48
N ALA M 109 35.06 2.45 9.78
CA ALA M 109 34.59 3.12 10.99
C ALA M 109 34.21 4.51 10.54
N ALA M 110 32.91 4.77 10.42
CA ALA M 110 32.46 6.07 9.92
C ALA M 110 31.64 6.83 10.95
N SER M 111 31.72 8.16 10.92
CA SER M 111 30.98 9.01 11.85
C SER M 111 31.21 8.55 13.29
N MET M 112 30.14 8.24 14.03
CA MET M 112 30.31 7.76 15.40
C MET M 112 31.23 6.54 15.49
N GLY M 113 31.27 5.70 14.45
CA GLY M 113 32.17 4.56 14.46
C GLY M 113 33.63 5.01 14.53
N ALA M 114 33.94 6.06 13.76
CA ALA M 114 35.28 6.63 13.77
C ALA M 114 35.58 7.32 15.10
N PHE M 115 34.56 7.96 15.65
CA PHE M 115 34.69 8.62 16.96
C PHE M 115 35.06 7.60 18.04
N LEU M 116 34.35 6.46 18.04
CA LEU M 116 34.62 5.44 19.03
C LEU M 116 35.98 4.77 18.79
N LEU M 117 36.36 4.66 17.52
CA LEU M 117 37.69 4.14 17.20
C LEU M 117 38.80 5.00 17.82
N THR M 118 38.73 6.31 17.59
CA THR M 118 39.81 7.18 18.05
C THR M 118 39.77 7.38 19.56
N ALA M 119 38.66 7.02 20.19
CA ALA M 119 38.49 7.14 21.64
C ALA M 119 39.19 6.02 22.39
N GLY M 120 39.78 5.08 21.65
CA GLY M 120 40.46 3.95 22.28
C GLY M 120 41.66 4.41 23.07
N ALA M 121 42.20 3.51 23.90
CA ALA M 121 43.36 3.82 24.75
C ALA M 121 44.53 4.27 23.89
N LYS M 122 45.16 5.36 24.30
CA LYS M 122 46.32 5.91 23.60
C LYS M 122 47.33 4.78 23.37
N GLY M 123 47.79 4.64 22.13
CA GLY M 123 48.73 3.59 21.79
C GLY M 123 48.08 2.27 21.41
N LYS M 124 46.79 2.12 21.69
CA LYS M 124 46.14 0.82 21.45
C LYS M 124 44.95 0.93 20.49
N ARG M 125 45.02 1.89 19.57
CA ARG M 125 44.01 2.09 18.54
C ARG M 125 44.56 1.67 17.18
N PHE M 126 43.86 0.75 16.52
CA PHE M 126 44.41 0.20 15.29
C PHE M 126 43.43 0.21 14.11
N CYS M 127 43.99 0.31 12.91
CA CYS M 127 43.26 0.03 11.68
C CYS M 127 43.84 -1.23 11.08
N LEU M 128 42.98 -2.10 10.54
CA LEU M 128 43.44 -3.17 9.65
C LEU M 128 43.78 -2.52 8.32
N PRO M 129 44.69 -3.14 7.53
CA PRO M 129 45.30 -2.45 6.38
C PRO M 129 44.31 -1.91 5.34
N ASN M 130 43.19 -2.59 5.14
CA ASN M 130 42.26 -2.13 4.11
C ASN M 130 40.96 -1.62 4.67
N SER M 131 40.96 -1.28 5.94
CA SER M 131 39.79 -0.65 6.52
C SER M 131 39.80 0.82 6.10
N ARG M 132 38.67 1.50 6.20
CA ARG M 132 38.68 2.95 5.94
C ARG M 132 37.95 3.68 7.05
N VAL M 133 38.29 4.96 7.19
CA VAL M 133 37.70 5.78 8.24
C VAL M 133 37.00 6.94 7.56
N MET M 134 35.86 7.37 8.11
CA MET M 134 35.20 8.57 7.59
C MET M 134 34.73 9.41 8.77
N ILE M 135 35.02 10.71 8.72
CA ILE M 135 34.57 11.60 9.78
C ILE M 135 33.75 12.73 9.19
N HIS M 136 32.76 13.21 9.93
CA HIS M 136 31.94 14.30 9.48
C HIS M 136 31.20 14.97 10.63
N GLN M 137 30.45 15.99 10.38
CA GLN M 137 29.66 16.66 11.42
C GLN M 137 28.30 15.96 11.65
N PRO M 138 27.61 16.30 12.75
CA PRO M 138 26.30 15.71 13.05
C PRO M 138 25.24 16.01 12.01
N LEU M 139 24.31 15.08 11.88
CA LEU M 139 23.13 15.25 11.06
C LEU M 139 21.94 15.25 11.98
N GLY M 140 20.90 15.97 11.61
CA GLY M 140 19.73 16.00 12.46
C GLY M 140 18.53 16.53 11.73
N GLY M 141 17.48 16.81 12.47
CA GLY M 141 16.29 17.33 11.86
C GLY M 141 15.21 17.59 12.88
N TYR M 142 14.49 18.69 12.69
CA TYR M 142 13.36 18.99 13.55
C TYR M 142 12.22 19.54 12.70
N GLN M 143 11.03 19.54 13.29
CA GLN M 143 9.83 20.06 12.67
C GLN M 143 9.01 20.70 13.78
N GLY M 144 8.51 21.92 13.56
CA GLY M 144 7.70 22.55 14.58
C GLY M 144 7.77 24.06 14.54
N GLN M 145 7.40 24.69 15.66
CA GLN M 145 7.41 26.13 15.74
C GLN M 145 8.82 26.71 15.62
N ALA M 146 8.94 27.92 15.07
CA ALA M 146 10.25 28.58 14.97
C ALA M 146 10.98 28.63 16.31
N THR M 147 10.28 28.96 17.40
CA THR M 147 10.93 28.98 18.72
C THR M 147 11.59 27.63 19.07
N ASP M 148 10.88 26.55 18.78
CA ASP M 148 11.41 25.22 19.04
C ASP M 148 12.53 24.81 18.08
N ILE M 149 12.38 25.24 16.83
CA ILE M 149 13.43 25.01 15.84
C ILE M 149 14.73 25.61 16.33
N GLU M 150 14.65 26.83 16.87
CA GLU M 150 15.84 27.48 17.41
C GLU M 150 16.44 26.71 18.57
N ILE M 151 15.61 26.21 19.48
CA ILE M 151 16.10 25.42 20.61
C ILE M 151 16.88 24.18 20.13
N HIS M 152 16.31 23.48 19.16
CA HIS M 152 16.93 22.25 18.71
C HIS M 152 18.15 22.54 17.82
N ALA M 153 18.09 23.64 17.08
CA ALA M 153 19.25 24.03 16.26
C ALA M 153 20.44 24.37 17.19
N ARG M 154 20.18 25.14 18.25
CA ARG M 154 21.23 25.46 19.21
C ARG M 154 21.79 24.20 19.84
N GLU M 155 20.92 23.24 20.16
CA GLU M 155 21.38 22.00 20.77
C GLU M 155 22.29 21.18 19.86
N ILE M 156 21.91 20.99 18.59
CA ILE M 156 22.77 20.17 17.71
C ILE M 156 24.09 20.91 17.44
N LEU M 157 24.06 22.24 17.46
CA LEU M 157 25.32 22.97 17.33
C LEU M 157 26.23 22.76 18.53
N LYS M 158 25.67 22.71 19.74
CA LYS M 158 26.48 22.40 20.92
C LYS M 158 27.08 21.00 20.86
N VAL M 159 26.27 20.04 20.42
CA VAL M 159 26.75 18.66 20.29
C VAL M 159 27.90 18.63 19.28
N LYS M 160 27.71 19.31 18.17
CA LYS M 160 28.74 19.41 17.14
C LYS M 160 30.04 19.95 17.74
N GLY M 161 29.92 21.01 18.52
CA GLY M 161 31.08 21.61 19.16
C GLY M 161 31.77 20.64 20.09
N ARG M 162 30.98 19.95 20.90
CA ARG M 162 31.55 18.97 21.83
C ARG M 162 32.26 17.84 21.12
N MET M 163 31.66 17.32 20.05
CA MET M 163 32.25 16.22 19.31
C MET M 163 33.56 16.65 18.67
N ASN M 164 33.61 17.87 18.20
CA ASN M 164 34.84 18.39 17.63
C ASN M 164 35.94 18.54 18.68
N GLU M 165 35.58 19.01 19.88
CA GLU M 165 36.54 19.15 20.97
C GLU M 165 37.11 17.77 21.33
N LEU M 166 36.23 16.78 21.45
CA LEU M 166 36.66 15.45 21.84
C LEU M 166 37.53 14.79 20.76
N MET M 167 37.17 14.97 19.49
CA MET M 167 37.97 14.46 18.39
C MET M 167 39.36 15.10 18.38
N ALA M 168 39.41 16.41 18.60
CA ALA M 168 40.69 17.11 18.68
C ALA M 168 41.54 16.50 19.79
N LEU M 169 40.93 16.32 20.96
CA LEU M 169 41.61 15.72 22.11
C LEU M 169 42.23 14.37 21.76
N HIS M 170 41.45 13.49 21.15
CA HIS M 170 41.96 12.13 20.91
C HIS M 170 42.91 12.02 19.72
N THR M 171 42.78 12.90 18.74
CA THR M 171 43.65 12.82 17.57
C THR M 171 44.92 13.65 17.79
N GLY M 172 44.84 14.68 18.63
CA GLY M 172 45.97 15.57 18.77
C GLY M 172 45.92 16.72 17.77
N GLN M 173 44.90 16.73 16.91
CA GLN M 173 44.72 17.85 15.99
C GLN M 173 44.15 19.03 16.75
N SER M 174 44.32 20.22 16.20
CA SER M 174 43.72 21.40 16.82
C SER M 174 42.22 21.37 16.59
N LEU M 175 41.48 22.05 17.46
CA LEU M 175 40.03 22.17 17.32
C LEU M 175 39.65 22.75 15.97
N GLU M 176 40.37 23.77 15.54
CA GLU M 176 40.04 24.43 14.29
C GLU M 176 40.24 23.48 13.11
N GLN M 177 41.24 22.61 13.23
CA GLN M 177 41.51 21.59 12.22
C GLN M 177 40.35 20.58 12.07
N ILE M 178 39.89 20.07 13.20
CA ILE M 178 38.78 19.13 13.21
C ILE M 178 37.55 19.80 12.60
N GLU M 179 37.29 21.04 13.00
CA GLU M 179 36.13 21.80 12.51
C GLU M 179 36.14 21.92 10.99
N ARG M 180 37.28 22.30 10.42
CA ARG M 180 37.40 22.44 8.98
C ARG M 180 37.23 21.09 8.27
N ASP M 181 37.85 20.06 8.82
CA ASP M 181 37.91 18.79 8.10
C ASP M 181 36.62 18.01 8.19
N THR M 182 35.73 18.41 9.08
CA THR M 182 34.50 17.60 9.23
C THR M 182 33.26 18.31 8.73
N GLU M 183 33.41 19.47 8.08
CA GLU M 183 32.24 20.16 7.52
C GLU M 183 31.55 19.31 6.47
N ARG M 184 32.34 18.54 5.71
CA ARG M 184 31.78 17.56 4.78
C ARG M 184 32.46 16.20 4.98
N ASP M 185 31.82 15.13 4.53
CA ASP M 185 32.39 13.76 4.69
C ASP M 185 33.86 13.72 4.31
N ARG M 186 34.70 13.17 5.18
CA ARG M 186 36.12 13.04 4.86
C ARG M 186 36.55 11.59 5.02
N PHE M 187 36.96 10.98 3.91
CA PHE M 187 37.40 9.58 3.92
C PHE M 187 38.92 9.47 4.12
N LEU M 188 39.35 8.52 4.93
CA LEU M 188 40.77 8.24 5.16
C LEU M 188 41.05 6.74 5.05
N SER M 189 42.11 6.42 4.32
CA SER M 189 42.65 5.08 4.30
C SER M 189 43.30 4.79 5.65
N ALA M 190 43.72 3.55 5.87
CA ALA M 190 44.37 3.23 7.13
C ALA M 190 45.66 4.05 7.34
N PRO M 191 46.56 4.14 6.32
CA PRO M 191 47.73 5.00 6.55
C PRO M 191 47.39 6.45 6.82
N GLU M 192 46.39 6.98 6.12
CA GLU M 192 45.99 8.36 6.35
C GLU M 192 45.43 8.56 7.76
N ALA M 193 44.76 7.53 8.28
CA ALA M 193 44.18 7.59 9.62
C ALA M 193 45.27 7.59 10.70
N VAL M 194 46.36 6.87 10.46
CA VAL M 194 47.53 6.91 11.34
C VAL M 194 48.16 8.33 11.31
N GLU M 195 48.38 8.89 10.12
CA GLU M 195 48.98 10.23 10.02
C GLU M 195 48.08 11.31 10.65
N TYR M 196 46.77 11.10 10.59
CA TYR M 196 45.80 12.07 11.14
C TYR M 196 45.74 11.98 12.67
N GLY M 197 46.16 10.85 13.23
CA GLY M 197 46.08 10.65 14.68
C GLY M 197 44.80 9.97 15.14
N LEU M 198 43.99 9.53 14.19
CA LEU M 198 42.74 8.80 14.50
C LEU M 198 43.06 7.44 15.09
N VAL M 199 44.06 6.78 14.54
CA VAL M 199 44.57 5.57 15.16
C VAL M 199 46.09 5.70 15.35
N ASP M 200 46.67 4.76 16.11
CA ASP M 200 48.10 4.77 16.43
C ASP M 200 48.95 4.00 15.43
N SER M 201 48.42 2.89 14.92
CA SER M 201 49.14 2.12 13.90
C SER M 201 48.23 1.13 13.18
N ILE M 202 48.80 0.44 12.20
CA ILE M 202 48.10 -0.56 11.43
C ILE M 202 48.52 -1.97 11.84
N LEU M 203 47.54 -2.84 12.08
CA LEU M 203 47.80 -4.25 12.33
C LEU M 203 47.74 -5.04 11.04
N THR M 204 48.81 -5.75 10.69
CA THR M 204 48.83 -6.50 9.43
C THR M 204 48.91 -8.01 9.60
N HIS M 205 49.87 -8.45 10.40
CA HIS M 205 50.03 -9.88 10.68
C HIS M 205 50.19 -10.06 12.16
N ARG M 206 49.58 -11.12 12.68
CA ARG M 206 49.78 -11.42 14.10
C ARG M 206 51.23 -11.80 14.35
N ASN M 207 51.85 -11.14 15.32
CA ASN M 207 53.25 -11.42 15.61
C ASN M 207 53.39 -12.76 16.32
N VAL N 17 18.21 -26.12 10.59
CA VAL N 17 19.01 -26.05 11.81
C VAL N 17 19.14 -27.40 12.54
N PRO N 18 19.68 -28.43 11.87
CA PRO N 18 19.65 -29.79 12.45
C PRO N 18 20.60 -29.97 13.64
N MET N 19 20.05 -30.14 14.84
CA MET N 19 20.87 -30.23 16.04
C MET N 19 20.80 -31.61 16.67
N PHE N 31 23.27 -27.65 19.65
CA PHE N 31 24.45 -27.74 18.81
C PHE N 31 24.02 -28.09 17.40
N ASP N 32 24.14 -27.11 16.51
CA ASP N 32 23.82 -27.30 15.09
C ASP N 32 24.91 -27.91 14.22
N ILE N 33 24.53 -28.17 12.96
CA ILE N 33 25.41 -28.78 11.98
C ILE N 33 26.59 -27.88 11.67
N TYR N 34 26.38 -26.57 11.73
CA TYR N 34 27.46 -25.64 11.42
C TYR N 34 28.48 -25.64 12.54
N SER N 35 28.00 -25.72 13.77
CA SER N 35 28.91 -25.76 14.92
C SER N 35 29.74 -27.03 14.82
N ARG N 36 29.12 -28.10 14.35
CA ARG N 36 29.84 -29.36 14.16
C ARG N 36 30.95 -29.23 13.12
N LEU N 37 30.62 -28.61 11.99
CA LEU N 37 31.61 -28.42 10.93
C LEU N 37 32.68 -27.45 11.35
N LEU N 38 32.32 -26.54 12.25
CA LEU N 38 33.26 -25.56 12.77
C LEU N 38 34.37 -26.29 13.52
N LYS N 39 34.00 -27.41 14.14
CA LYS N 39 34.95 -28.23 14.90
C LYS N 39 35.98 -28.83 13.96
N GLU N 40 35.64 -28.75 12.68
CA GLU N 40 36.54 -29.17 11.63
C GLU N 40 37.18 -28.04 10.86
N ARG N 41 37.16 -26.85 11.45
CA ARG N 41 37.82 -25.67 10.87
C ARG N 41 37.20 -25.36 9.51
N VAL N 42 35.90 -25.64 9.38
CA VAL N 42 35.13 -25.30 8.20
C VAL N 42 34.17 -24.15 8.50
N ILE N 43 34.30 -23.09 7.72
CA ILE N 43 33.45 -21.90 7.82
C ILE N 43 32.75 -21.71 6.49
N PHE N 44 31.47 -21.35 6.52
CA PHE N 44 30.73 -21.07 5.29
C PHE N 44 30.48 -19.58 5.11
N LEU N 45 30.81 -19.09 3.93
CA LEU N 45 30.42 -17.77 3.48
C LEU N 45 29.37 -17.97 2.41
N THR N 46 28.13 -17.69 2.77
CA THR N 46 26.99 -17.95 1.90
C THR N 46 26.08 -16.74 1.76
N GLY N 47 25.73 -16.40 0.52
CA GLY N 47 24.80 -15.32 0.25
C GLY N 47 25.47 -13.96 0.19
N GLN N 48 24.67 -12.91 0.27
CA GLN N 48 25.14 -11.53 0.13
C GLN N 48 26.13 -11.17 1.22
N VAL N 49 27.22 -10.52 0.86
CA VAL N 49 28.19 -10.09 1.88
C VAL N 49 27.71 -8.77 2.52
N GLU N 50 27.54 -8.77 3.84
CA GLU N 50 27.16 -7.56 4.59
C GLU N 50 27.73 -7.65 6.00
N ASP N 51 27.65 -6.56 6.75
CA ASP N 51 28.36 -6.42 8.02
C ASP N 51 28.16 -7.57 9.00
N HIS N 52 26.93 -7.99 9.20
CA HIS N 52 26.66 -8.96 10.27
C HIS N 52 27.06 -10.38 9.93
N MET N 53 26.77 -10.86 8.73
CA MET N 53 27.25 -12.18 8.35
C MET N 53 28.78 -12.19 8.26
N ALA N 54 29.36 -11.03 7.90
CA ALA N 54 30.80 -10.89 7.78
C ALA N 54 31.45 -10.94 9.15
N ASN N 55 30.82 -10.28 10.11
CA ASN N 55 31.27 -10.34 11.49
C ASN N 55 31.17 -11.79 12.03
N LEU N 56 30.14 -12.53 11.65
CA LEU N 56 30.09 -13.94 12.06
C LEU N 56 31.28 -14.75 11.56
N ILE N 57 31.66 -14.50 10.32
CA ILE N 57 32.81 -15.14 9.70
C ILE N 57 34.10 -14.75 10.39
N VAL N 58 34.28 -13.45 10.65
CA VAL N 58 35.48 -12.97 11.34
C VAL N 58 35.60 -13.63 12.72
N ALA N 59 34.48 -13.68 13.45
CA ALA N 59 34.46 -14.29 14.78
C ALA N 59 34.81 -15.79 14.71
N GLN N 60 34.29 -16.47 13.69
CA GLN N 60 34.62 -17.88 13.52
C GLN N 60 36.11 -18.05 13.22
N MET N 61 36.67 -17.17 12.39
CA MET N 61 38.10 -17.25 12.09
C MET N 61 38.97 -17.00 13.32
N LEU N 62 38.58 -16.01 14.13
CA LEU N 62 39.34 -15.71 15.34
C LEU N 62 39.29 -16.91 16.28
N PHE N 63 38.10 -17.49 16.43
CA PHE N 63 37.93 -18.67 17.27
C PHE N 63 38.81 -19.83 16.79
N LEU N 64 38.82 -20.09 15.49
CA LEU N 64 39.60 -21.20 14.96
C LEU N 64 41.11 -20.98 15.10
N GLU N 65 41.58 -19.76 14.89
CA GLU N 65 43.00 -19.44 15.07
C GLU N 65 43.44 -19.84 16.47
N ALA N 66 42.59 -19.51 17.41
CA ALA N 66 42.78 -19.82 18.81
C ALA N 66 42.89 -21.28 19.19
N GLU N 67 41.97 -22.05 18.64
CA GLU N 67 41.85 -23.46 18.94
C GLU N 67 43.10 -24.16 18.47
N ASN N 68 43.69 -23.61 17.42
CA ASN N 68 44.89 -24.16 16.82
C ASN N 68 45.44 -23.17 15.79
N PRO N 69 46.48 -22.41 16.15
CA PRO N 69 47.03 -21.38 15.28
C PRO N 69 47.78 -21.88 14.04
N GLU N 70 48.06 -23.17 13.94
CA GLU N 70 48.85 -23.65 12.81
C GLU N 70 48.05 -24.38 11.75
N LYS N 71 46.91 -24.94 12.11
CA LYS N 71 46.14 -25.73 11.14
C LYS N 71 45.27 -24.89 10.21
N ASP N 72 45.17 -25.35 8.96
CA ASP N 72 44.41 -24.65 7.94
C ASP N 72 42.97 -24.45 8.36
N ILE N 73 42.40 -23.37 7.83
CA ILE N 73 40.99 -23.08 7.97
C ILE N 73 40.41 -23.20 6.58
N TYR N 74 39.24 -23.79 6.48
CA TYR N 74 38.58 -23.94 5.19
C TYR N 74 37.36 -23.06 5.10
N LEU N 75 37.39 -22.16 4.12
CA LEU N 75 36.30 -21.21 3.87
C LEU N 75 35.60 -21.55 2.56
N TYR N 76 34.42 -22.14 2.66
CA TYR N 76 33.57 -22.38 1.52
C TYR N 76 32.83 -21.11 1.14
N ILE N 77 32.84 -20.79 -0.14
CA ILE N 77 32.23 -19.57 -0.62
C ILE N 77 31.18 -19.85 -1.67
N ASN N 78 29.96 -19.41 -1.40
CA ASN N 78 28.87 -19.39 -2.37
C ASN N 78 28.13 -18.05 -2.23
N SER N 79 28.52 -17.09 -3.05
CA SER N 79 28.05 -15.72 -2.84
C SER N 79 28.01 -14.95 -4.16
N PRO N 80 27.00 -14.06 -4.32
CA PRO N 80 26.86 -13.14 -5.47
C PRO N 80 27.63 -11.85 -5.28
N GLY N 81 28.27 -11.67 -4.13
CA GLY N 81 28.99 -10.43 -3.85
C GLY N 81 28.33 -9.72 -2.69
N GLY N 82 28.55 -8.42 -2.59
CA GLY N 82 27.95 -7.63 -1.54
C GLY N 82 28.76 -6.40 -1.19
N VAL N 83 28.63 -5.96 0.05
CA VAL N 83 29.23 -4.70 0.46
C VAL N 83 30.74 -4.84 0.61
N ILE N 84 31.47 -3.91 -0.01
CA ILE N 84 32.92 -3.99 -0.07
C ILE N 84 33.59 -3.86 1.29
N THR N 85 33.21 -2.85 2.08
CA THR N 85 33.85 -2.70 3.41
C THR N 85 33.60 -3.95 4.23
N ALA N 86 32.41 -4.53 4.11
CA ALA N 86 32.08 -5.76 4.81
C ALA N 86 33.01 -6.90 4.38
N GLY N 87 33.21 -7.02 3.07
CA GLY N 87 34.13 -7.98 2.53
C GLY N 87 35.57 -7.74 2.99
N MET N 88 35.98 -6.47 3.12
CA MET N 88 37.35 -6.16 3.54
C MET N 88 37.60 -6.50 5.01
N SER N 89 36.56 -6.50 5.84
CA SER N 89 36.73 -6.94 7.22
C SER N 89 37.12 -8.42 7.24
N ILE N 90 36.53 -9.19 6.33
CA ILE N 90 36.88 -10.61 6.21
C ILE N 90 38.28 -10.76 5.61
N TYR N 91 38.53 -10.03 4.52
CA TYR N 91 39.83 -10.06 3.83
C TYR N 91 40.99 -9.80 4.79
N ASP N 92 40.95 -8.69 5.52
CA ASP N 92 42.07 -8.37 6.41
C ASP N 92 42.20 -9.38 7.56
N THR N 93 41.09 -9.94 8.00
CA THR N 93 41.12 -10.95 9.04
C THR N 93 41.82 -12.20 8.48
N MET N 94 41.48 -12.59 7.26
CA MET N 94 42.12 -13.73 6.63
C MET N 94 43.64 -13.60 6.60
N GLN N 95 44.10 -12.40 6.28
CA GLN N 95 45.53 -12.14 6.16
C GLN N 95 46.19 -12.02 7.53
N PHE N 96 45.46 -11.46 8.51
CA PHE N 96 46.04 -11.19 9.83
C PHE N 96 46.30 -12.44 10.65
N ILE N 97 45.31 -13.33 10.74
CA ILE N 97 45.42 -14.50 11.61
C ILE N 97 46.56 -15.43 11.17
N LYS N 98 47.03 -16.24 12.10
CA LYS N 98 48.15 -17.14 11.81
C LYS N 98 47.80 -18.28 10.87
N PRO N 99 46.64 -18.95 11.05
CA PRO N 99 46.40 -20.08 10.13
C PRO N 99 46.21 -19.66 8.69
N ASP N 100 46.62 -20.50 7.74
CA ASP N 100 46.25 -20.30 6.34
C ASP N 100 44.74 -20.46 6.20
N VAL N 101 44.12 -19.60 5.39
CA VAL N 101 42.72 -19.78 5.05
C VAL N 101 42.59 -20.30 3.63
N SER N 102 42.21 -21.56 3.54
CA SER N 102 41.93 -22.19 2.27
C SER N 102 40.53 -21.82 1.82
N THR N 103 40.38 -21.44 0.56
CA THR N 103 39.07 -21.05 0.05
C THR N 103 38.58 -22.06 -0.99
N ILE N 104 37.29 -22.36 -0.92
CA ILE N 104 36.66 -23.31 -1.82
C ILE N 104 35.37 -22.72 -2.37
N CYS N 105 35.33 -22.52 -3.68
CA CYS N 105 34.16 -21.97 -4.33
C CYS N 105 33.19 -23.09 -4.69
N MET N 106 31.97 -23.00 -4.17
CA MET N 106 30.92 -23.93 -4.57
C MET N 106 29.72 -23.11 -5.04
N GLY N 107 29.13 -23.49 -6.16
CA GLY N 107 28.05 -22.71 -6.73
C GLY N 107 28.60 -21.52 -7.49
N GLN N 108 28.85 -20.41 -6.80
CA GLN N 108 29.45 -19.23 -7.43
C GLN N 108 30.24 -18.38 -6.43
N ALA N 109 31.18 -17.62 -6.97
CA ALA N 109 31.84 -16.55 -6.23
C ALA N 109 31.87 -15.36 -7.16
N ALA N 110 31.00 -14.39 -6.89
CA ALA N 110 30.88 -13.23 -7.74
C ALA N 110 31.24 -11.98 -6.96
N SER N 111 31.80 -10.99 -7.65
CA SER N 111 32.17 -9.70 -7.05
C SER N 111 33.03 -9.93 -5.81
N MET N 112 32.61 -9.38 -4.67
CA MET N 112 33.35 -9.57 -3.42
C MET N 112 33.58 -11.06 -3.08
N GLY N 113 32.64 -11.93 -3.50
CA GLY N 113 32.82 -13.35 -3.29
C GLY N 113 34.06 -13.89 -4.03
N ALA N 114 34.21 -13.44 -5.27
CA ALA N 114 35.37 -13.82 -6.07
C ALA N 114 36.64 -13.21 -5.48
N PHE N 115 36.51 -11.98 -4.96
CA PHE N 115 37.65 -11.32 -4.34
C PHE N 115 38.16 -12.10 -3.15
N LEU N 116 37.26 -12.54 -2.28
CA LEU N 116 37.65 -13.27 -1.09
C LEU N 116 38.18 -14.69 -1.44
N LEU N 117 37.64 -15.30 -2.49
CA LEU N 117 38.13 -16.60 -3.00
C LEU N 117 39.61 -16.51 -3.40
N THR N 118 39.91 -15.48 -4.19
CA THR N 118 41.26 -15.31 -4.72
C THR N 118 42.20 -14.83 -3.63
N ALA N 119 41.62 -14.33 -2.55
CA ALA N 119 42.40 -13.83 -1.43
C ALA N 119 42.88 -14.93 -0.49
N GLY N 120 42.45 -16.18 -0.73
CA GLY N 120 42.85 -17.29 0.12
C GLY N 120 44.35 -17.57 0.02
N ALA N 121 44.86 -18.43 0.90
CA ALA N 121 46.29 -18.77 0.91
C ALA N 121 46.79 -19.32 -0.43
N LYS N 122 47.94 -18.81 -0.87
CA LYS N 122 48.59 -19.22 -2.10
C LYS N 122 48.68 -20.76 -2.19
N GLY N 123 48.20 -21.35 -3.28
CA GLY N 123 48.24 -22.79 -3.45
C GLY N 123 47.05 -23.52 -2.87
N LYS N 124 46.25 -22.83 -2.08
CA LYS N 124 45.14 -23.48 -1.38
C LYS N 124 43.78 -22.88 -1.75
N ARG N 125 43.69 -22.30 -2.94
CA ARG N 125 42.43 -21.72 -3.42
C ARG N 125 41.83 -22.63 -4.47
N PHE N 126 40.57 -23.03 -4.27
CA PHE N 126 39.94 -24.03 -5.12
C PHE N 126 38.58 -23.65 -5.68
N CYS N 127 38.29 -24.18 -6.86
CA CYS N 127 36.95 -24.20 -7.41
C CYS N 127 36.49 -25.63 -7.47
N LEU N 128 35.23 -25.87 -7.14
CA LEU N 128 34.61 -27.15 -7.46
C LEU N 128 34.34 -27.09 -8.97
N PRO N 129 34.23 -28.24 -9.65
CA PRO N 129 34.27 -28.30 -11.11
C PRO N 129 33.20 -27.46 -11.82
N ASN N 130 32.02 -27.38 -11.24
CA ASN N 130 30.92 -26.68 -11.90
C ASN N 130 30.54 -25.38 -11.20
N SER N 131 31.47 -24.85 -10.40
CA SER N 131 31.27 -23.54 -9.82
C SER N 131 31.67 -22.53 -10.87
N ARG N 132 31.23 -21.30 -10.71
CA ARG N 132 31.64 -20.25 -11.64
C ARG N 132 32.07 -19.01 -10.87
N VAL N 133 32.91 -18.21 -11.49
CA VAL N 133 33.43 -17.02 -10.86
C VAL N 133 33.06 -15.82 -11.72
N MET N 134 32.76 -14.69 -11.07
CA MET N 134 32.53 -13.47 -11.84
C MET N 134 33.22 -12.27 -11.16
N ILE N 135 33.93 -11.47 -11.96
CA ILE N 135 34.63 -10.30 -11.47
C ILE N 135 34.15 -9.06 -12.22
N HIS N 136 34.17 -7.93 -11.55
CA HIS N 136 33.75 -6.67 -12.13
C HIS N 136 34.18 -5.51 -11.26
N GLN N 137 33.92 -4.28 -11.67
CA GLN N 137 34.29 -3.16 -10.85
C GLN N 137 33.21 -2.83 -9.79
N PRO N 138 33.56 -2.01 -8.78
CA PRO N 138 32.56 -1.63 -7.75
C PRO N 138 31.36 -0.88 -8.30
N LEU N 139 30.22 -1.05 -7.64
CA LEU N 139 29.01 -0.28 -7.90
C LEU N 139 28.68 0.56 -6.68
N GLY N 140 28.03 1.69 -6.89
CA GLY N 140 27.66 2.52 -5.77
C GLY N 140 26.60 3.50 -6.21
N GLY N 141 26.33 4.47 -5.35
CA GLY N 141 25.34 5.47 -5.66
C GLY N 141 25.33 6.51 -4.57
N TYR N 142 25.15 7.76 -4.97
CA TYR N 142 25.00 8.83 -3.99
C TYR N 142 24.00 9.83 -4.50
N GLN N 143 23.46 10.64 -3.60
CA GLN N 143 22.58 11.71 -3.99
C GLN N 143 22.82 12.86 -3.02
N GLY N 144 22.91 14.06 -3.56
CA GLY N 144 23.13 15.24 -2.75
C GLY N 144 23.72 16.38 -3.55
N GLN N 145 24.34 17.31 -2.84
CA GLN N 145 24.98 18.44 -3.48
C GLN N 145 26.12 17.99 -4.39
N ALA N 146 26.36 18.74 -5.47
CA ALA N 146 27.46 18.44 -6.38
C ALA N 146 28.78 18.26 -5.62
N THR N 147 29.05 19.11 -4.63
CA THR N 147 30.29 18.95 -3.84
C THR N 147 30.42 17.59 -3.17
N ASP N 148 29.33 17.11 -2.58
CA ASP N 148 29.34 15.82 -1.91
C ASP N 148 29.41 14.67 -2.89
N ILE N 149 28.75 14.84 -4.03
CA ILE N 149 28.81 13.86 -5.10
C ILE N 149 30.27 13.67 -5.52
N GLU N 150 31.01 14.77 -5.64
CA GLU N 150 32.42 14.69 -6.01
C GLU N 150 33.22 13.93 -4.97
N ILE N 151 32.96 14.21 -3.69
CA ILE N 151 33.64 13.53 -2.60
C ILE N 151 33.41 12.03 -2.67
N HIS N 152 32.16 11.63 -2.87
CA HIS N 152 31.84 10.21 -2.88
C HIS N 152 32.28 9.51 -4.17
N ALA N 153 32.27 10.22 -5.29
CA ALA N 153 32.81 9.65 -6.53
C ALA N 153 34.32 9.40 -6.41
N ARG N 154 35.02 10.37 -5.83
CA ARG N 154 36.47 10.24 -5.64
C ARG N 154 36.76 9.01 -4.78
N GLU N 155 35.94 8.82 -3.75
CA GLU N 155 36.12 7.70 -2.85
C GLU N 155 35.89 6.34 -3.54
N ILE N 156 34.81 6.19 -4.31
CA ILE N 156 34.57 4.88 -4.91
C ILE N 156 35.61 4.58 -6.00
N LEU N 157 36.12 5.63 -6.65
CA LEU N 157 37.21 5.45 -7.60
C LEU N 157 38.49 4.98 -6.90
N LYS N 158 38.77 5.50 -5.71
CA LYS N 158 39.93 5.02 -4.96
C LYS N 158 39.76 3.56 -4.52
N VAL N 159 38.55 3.21 -4.11
CA VAL N 159 38.25 1.84 -3.73
C VAL N 159 38.44 0.93 -4.93
N LYS N 160 37.97 1.38 -6.09
CA LYS N 160 38.13 0.63 -7.33
C LYS N 160 39.61 0.36 -7.61
N GLY N 161 40.44 1.40 -7.54
CA GLY N 161 41.86 1.26 -7.78
C GLY N 161 42.51 0.29 -6.80
N ARG N 162 42.14 0.45 -5.54
CA ARG N 162 42.67 -0.41 -4.49
C ARG N 162 42.29 -1.89 -4.73
N MET N 163 41.03 -2.13 -5.10
CA MET N 163 40.58 -3.51 -5.37
C MET N 163 41.30 -4.10 -6.58
N ASN N 164 41.53 -3.29 -7.61
CA ASN N 164 42.25 -3.77 -8.81
C ASN N 164 43.68 -4.16 -8.50
N GLU N 165 44.35 -3.35 -7.68
CA GLU N 165 45.71 -3.65 -7.26
C GLU N 165 45.77 -4.96 -6.51
N LEU N 166 44.83 -5.16 -5.57
CA LEU N 166 44.79 -6.37 -4.79
C LEU N 166 44.45 -7.62 -5.62
N MET N 167 43.56 -7.46 -6.59
CA MET N 167 43.20 -8.54 -7.48
C MET N 167 44.44 -8.92 -8.33
N ALA N 168 45.17 -7.91 -8.80
CA ALA N 168 46.39 -8.14 -9.55
C ALA N 168 47.38 -8.93 -8.70
N LEU N 169 47.58 -8.50 -7.46
CA LEU N 169 48.50 -9.17 -6.53
C LEU N 169 48.19 -10.66 -6.37
N HIS N 170 46.93 -10.99 -6.09
CA HIS N 170 46.58 -12.39 -5.80
C HIS N 170 46.49 -13.28 -7.06
N THR N 171 46.17 -12.70 -8.22
CA THR N 171 46.04 -13.48 -9.45
C THR N 171 47.35 -13.64 -10.21
N GLY N 172 48.26 -12.68 -10.06
CA GLY N 172 49.47 -12.68 -10.85
C GLY N 172 49.27 -11.92 -12.15
N GLN N 173 48.05 -11.45 -12.39
CA GLN N 173 47.81 -10.62 -13.58
C GLN N 173 48.38 -9.24 -13.35
N SER N 174 48.68 -8.53 -14.43
CA SER N 174 49.14 -7.15 -14.32
C SER N 174 47.98 -6.25 -13.90
N LEU N 175 48.30 -5.10 -13.29
CA LEU N 175 47.26 -4.15 -12.92
C LEU N 175 46.44 -3.74 -14.13
N GLU N 176 47.11 -3.49 -15.24
CA GLU N 176 46.41 -3.06 -16.45
C GLU N 176 45.49 -4.15 -17.01
N GLN N 177 45.88 -5.42 -16.88
CA GLN N 177 45.03 -6.50 -17.34
C GLN N 177 43.76 -6.59 -16.47
N ILE N 178 43.92 -6.48 -15.15
CA ILE N 178 42.77 -6.50 -14.26
C ILE N 178 41.79 -5.36 -14.59
N GLU N 179 42.33 -4.15 -14.75
CA GLU N 179 41.52 -2.98 -15.06
C GLU N 179 40.67 -3.20 -16.31
N ARG N 180 41.30 -3.71 -17.37
CA ARG N 180 40.58 -3.97 -18.61
C ARG N 180 39.50 -5.06 -18.42
N ASP N 181 39.84 -6.11 -17.68
CA ASP N 181 38.94 -7.26 -17.58
C ASP N 181 37.78 -7.06 -16.61
N THR N 182 37.85 -6.02 -15.78
CA THR N 182 36.79 -5.82 -14.80
C THR N 182 35.93 -4.58 -15.07
N GLU N 183 36.13 -3.91 -16.21
CA GLU N 183 35.28 -2.78 -16.56
C GLU N 183 33.82 -3.23 -16.70
N ARG N 184 33.62 -4.45 -17.19
CA ARG N 184 32.30 -5.05 -17.24
C ARG N 184 32.33 -6.46 -16.67
N ASP N 185 31.16 -7.01 -16.34
CA ASP N 185 31.09 -8.36 -15.78
C ASP N 185 31.87 -9.35 -16.63
N ARG N 186 32.72 -10.10 -15.94
CA ARG N 186 33.51 -11.13 -16.57
C ARG N 186 33.25 -12.47 -15.88
N PHE N 187 32.64 -13.40 -16.59
CA PHE N 187 32.34 -14.73 -16.04
C PHE N 187 33.45 -15.71 -16.40
N LEU N 188 33.82 -16.56 -15.44
CA LEU N 188 34.83 -17.58 -15.66
C LEU N 188 34.36 -18.92 -15.15
N SER N 189 34.55 -19.95 -15.97
CA SER N 189 34.34 -21.32 -15.53
C SER N 189 35.45 -21.70 -14.57
N ALA N 190 35.32 -22.87 -13.95
CA ALA N 190 36.35 -23.31 -13.02
C ALA N 190 37.74 -23.44 -13.69
N PRO N 191 37.84 -24.09 -14.88
CA PRO N 191 39.15 -24.14 -15.55
C PRO N 191 39.69 -22.76 -15.90
N GLU N 192 38.80 -21.88 -16.33
CA GLU N 192 39.22 -20.51 -16.66
C GLU N 192 39.69 -19.74 -15.43
N ALA N 193 39.11 -20.02 -14.28
CA ALA N 193 39.51 -19.35 -13.05
C ALA N 193 40.91 -19.79 -12.61
N VAL N 194 41.22 -21.07 -12.83
CA VAL N 194 42.58 -21.58 -12.60
C VAL N 194 43.55 -20.88 -13.56
N GLU N 195 43.18 -20.83 -14.83
CA GLU N 195 44.03 -20.19 -15.84
C GLU N 195 44.20 -18.69 -15.57
N TYR N 196 43.17 -18.06 -14.99
CA TYR N 196 43.24 -16.63 -14.71
C TYR N 196 44.09 -16.36 -13.49
N GLY N 197 44.24 -17.36 -12.64
CA GLY N 197 44.99 -17.16 -11.41
C GLY N 197 44.11 -16.79 -10.24
N LEU N 198 42.80 -16.81 -10.43
CA LEU N 198 41.86 -16.55 -9.34
C LEU N 198 41.89 -17.67 -8.31
N VAL N 199 41.99 -18.90 -8.78
CA VAL N 199 42.21 -20.03 -7.87
C VAL N 199 43.40 -20.86 -8.35
N ASP N 200 43.89 -21.76 -7.51
CA ASP N 200 45.06 -22.56 -7.86
C ASP N 200 44.73 -23.87 -8.58
N SER N 201 43.62 -24.51 -8.23
CA SER N 201 43.21 -25.74 -8.89
C SER N 201 41.75 -26.08 -8.69
N ILE N 202 41.35 -27.18 -9.32
CA ILE N 202 39.99 -27.67 -9.21
C ILE N 202 39.97 -28.91 -8.32
N LEU N 203 39.05 -28.94 -7.37
CA LEU N 203 38.77 -30.12 -6.55
C LEU N 203 37.69 -30.94 -7.21
N THR N 204 37.94 -32.21 -7.47
CA THR N 204 36.91 -33.03 -8.11
C THR N 204 36.42 -34.16 -7.21
N HIS N 205 37.34 -34.96 -6.70
CA HIS N 205 37.02 -36.05 -5.80
C HIS N 205 37.97 -35.98 -4.62
N ARG N 206 37.52 -36.43 -3.45
CA ARG N 206 38.41 -36.35 -2.29
C ARG N 206 39.53 -37.38 -2.37
N ASN N 207 40.74 -36.94 -2.03
CA ASN N 207 41.91 -37.79 -2.02
C ASN N 207 41.74 -38.99 -1.11
#